data_4OPX
#
_entry.id   4OPX
#
_cell.length_a   65.150
_cell.length_b   112.910
_cell.length_c   295.290
_cell.angle_alpha   90.00
_cell.angle_beta   90.00
_cell.angle_gamma   90.00
#
_symmetry.space_group_name_H-M   'P 21 21 21'
#
loop_
_entity.id
_entity.type
_entity.pdbx_description
1 polymer 'Poly [ADP-ribose] polymerase 1'
2 polymer 'Poly [ADP-ribose] polymerase 1'
3 polymer 'DNA (26-MER)'
4 non-polymer 'ZINC ION'
5 non-polymer (2R)-5-fluoro-2-methyl-2,3-dihydro-1-benzofuran-7-carboxamide
#
loop_
_entity_poly.entity_id
_entity_poly.type
_entity_poly.pdbx_seq_one_letter_code
_entity_poly.pdbx_strand_id
1 'polypeptide(L)'
;MAESSDKLYRVEYAKSGRASCKKCSESIPKDSLRMAIMVQSPMFDGKVPHWYHFSCFWKVGHSIRHPDVEVDGFSELRWD
DQQKVKKTAEAGGVTGKDIKRKGDEVDGVDEVAKKKSKKEKDKDSKLEKALKAQNDLIWNIKDELKKVCSTNDLKELLIF
NKQQVPSGESAILDRVADGMVFGALLPCEECSGQLVFKSDAYYCTGDVTAWTKCMVKTQTPNRKEWVTPKEFREISYLKK
LKVKKQDRIFPPETSASVALEHHHHHH
;
A,D
2 'polypeptide(L)'
;KSEKRMKLTLKGGAAVDPDSGLEHSAHVLEKGGKVFSATLGLVDIVKGTNSYYKLQLLEDDKENRYWIFRSWGRVGTVIG
SNKLEQMPSKEDAIEHFMKLYEEKTGNAWHSKNFTKYPKKFYPLEIDYGQDEEAVKKLTVNPGTKSKLPKPVQDLIKMIF
DVESMKKAMVEYEIDLQKMPLGKLSKRQIQAAYSILSEVQQAVSQGSSDSQILDLSNRFYTLIPHDFGMKKPPLLNNADS
VQAKVEMLDNLLDIEVAYSLLRGGSDDSSKDPIDVNYEKLKTDIKVVDRDSEEAEIIRKYVKNTHATTHNAYDLEVIDIF
KIEREGECQRYKPFKQLHNRRLLWHGSRTTNFAGILSQGLRIAPPEAPVTGYMFGKGIYFADMVSKSANYCHTSQGDPIG
LILLGEVALGNMYELKHASHISKLPKGKHSVKGLGKTTPDPSANISLDGVDVPLGTGISSGVNDTSLLYNEYIVYDIAQV
NLKYLLKLKFNFKTSLWLEHHHHHH
;
C,F
3 'polydeoxyribonucleotide'
;(DG)(DC)(DC)(DT)(DA)(DC)(DC)(DG)(DG)(DT)(DT)(DC)(DG)(DC)(DG)(DA)(DA)(DC)(DC)(DG)
(DG)(DT)(DA)(DG)(DG)(DC)
;
M,N
#
loop_
_chem_comp.id
_chem_comp.type
_chem_comp.name
_chem_comp.formula
2UR non-polymer (2R)-5-fluoro-2-methyl-2,3-dihydro-1-benzofuran-7-carboxamide 'C10 H10 F N O2'
DA DNA linking 2'-DEOXYADENOSINE-5'-MONOPHOSPHATE 'C10 H14 N5 O6 P'
DC DNA linking 2'-DEOXYCYTIDINE-5'-MONOPHOSPHATE 'C9 H14 N3 O7 P'
DG DNA linking 2'-DEOXYGUANOSINE-5'-MONOPHOSPHATE 'C10 H14 N5 O7 P'
DT DNA linking THYMIDINE-5'-MONOPHOSPHATE 'C10 H15 N2 O8 P'
ZN non-polymer 'ZINC ION' 'Zn 2'
#
# COMPACT_ATOMS: atom_id res chain seq x y z
N ASP A 6 13.44 46.82 -21.80
CA ASP A 6 14.30 47.83 -22.50
C ASP A 6 13.50 48.63 -23.52
N LYS A 7 12.78 47.91 -24.39
CA LYS A 7 11.96 48.53 -25.43
C LYS A 7 10.61 48.97 -24.87
N LEU A 8 9.94 49.87 -25.59
CA LEU A 8 8.61 50.32 -25.20
C LEU A 8 7.55 49.28 -25.58
N TYR A 9 7.64 48.76 -26.80
CA TYR A 9 6.64 47.81 -27.32
C TYR A 9 7.17 46.39 -27.32
N ARG A 10 6.26 45.43 -27.57
CA ARG A 10 6.59 44.01 -27.53
CA ARG A 10 6.59 44.02 -27.54
C ARG A 10 5.59 43.22 -28.38
N VAL A 11 6.09 42.29 -29.19
CA VAL A 11 5.24 41.45 -30.04
C VAL A 11 5.64 39.98 -29.92
N GLU A 12 4.64 39.10 -29.86
CA GLU A 12 4.87 37.65 -29.77
C GLU A 12 3.60 36.89 -30.07
N TYR A 13 3.72 35.56 -30.15
CA TYR A 13 2.56 34.69 -30.24
C TYR A 13 2.07 34.37 -28.84
N ALA A 14 0.78 34.54 -28.61
CA ALA A 14 0.19 34.41 -27.27
C ALA A 14 0.68 33.14 -26.56
N LYS A 15 1.44 33.34 -25.47
CA LYS A 15 1.96 32.22 -24.68
C LYS A 15 0.84 31.48 -23.94
N SER A 16 -0.31 32.14 -23.77
CA SER A 16 -1.52 31.49 -23.30
C SER A 16 -2.77 32.27 -23.74
N GLY A 17 -3.87 31.55 -23.93
CA GLY A 17 -5.15 32.16 -24.31
C GLY A 17 -5.92 32.63 -23.08
N ARG A 18 -5.25 33.42 -22.24
CA ARG A 18 -5.76 33.80 -20.92
C ARG A 18 -5.85 35.32 -20.79
N ALA A 19 -4.79 36.01 -21.18
CA ALA A 19 -4.71 37.46 -21.10
C ALA A 19 -5.79 38.14 -21.94
N SER A 20 -6.36 39.22 -21.41
CA SER A 20 -7.35 40.01 -22.11
C SER A 20 -6.70 41.17 -22.87
N CYS A 21 -7.48 41.80 -23.73
CA CYS A 21 -7.01 42.88 -24.59
C CYS A 21 -7.44 44.23 -24.03
N LYS A 22 -6.50 45.17 -23.93
CA LYS A 22 -6.73 46.43 -23.20
C LYS A 22 -7.83 47.30 -23.80
N LYS A 23 -7.96 47.27 -25.13
CA LYS A 23 -8.95 48.10 -25.82
C LYS A 23 -10.36 47.50 -25.74
N CYS A 24 -10.51 46.29 -26.29
CA CYS A 24 -11.83 45.66 -26.43
C CYS A 24 -12.21 44.77 -25.24
N SER A 25 -11.22 44.32 -24.47
CA SER A 25 -11.44 43.54 -23.24
C SER A 25 -12.02 42.14 -23.49
N GLU A 26 -11.45 41.45 -24.48
CA GLU A 26 -11.77 40.04 -24.72
C GLU A 26 -10.48 39.22 -24.67
N SER A 27 -10.61 37.93 -24.43
CA SER A 27 -9.47 37.04 -24.26
C SER A 27 -8.68 36.87 -25.57
N ILE A 28 -7.41 37.26 -25.55
CA ILE A 28 -6.52 37.06 -26.69
C ILE A 28 -6.16 35.57 -26.77
N PRO A 29 -6.60 34.88 -27.84
CA PRO A 29 -6.43 33.43 -27.92
C PRO A 29 -4.98 32.98 -28.04
N LYS A 30 -4.71 31.73 -27.68
CA LYS A 30 -3.34 31.19 -27.63
C LYS A 30 -2.72 31.07 -29.02
N ASP A 31 -1.40 31.24 -29.08
CA ASP A 31 -0.62 31.16 -30.32
C ASP A 31 -1.08 32.16 -31.41
N SER A 32 -1.67 33.27 -30.99
CA SER A 32 -2.12 34.30 -31.91
C SER A 32 -1.18 35.51 -31.82
N LEU A 33 -0.96 36.16 -32.95
CA LEU A 33 -0.13 37.35 -33.01
C LEU A 33 -0.78 38.46 -32.18
N ARG A 34 -0.04 38.95 -31.19
CA ARG A 34 -0.51 40.03 -30.32
C ARG A 34 0.62 41.02 -30.07
N MET A 35 0.26 42.29 -29.83
CA MET A 35 1.24 43.33 -29.55
C MET A 35 0.97 43.96 -28.18
N ALA A 36 2.03 44.48 -27.57
CA ALA A 36 1.96 45.05 -26.22
C ALA A 36 2.63 46.42 -26.16
N ILE A 37 2.29 47.17 -25.11
CA ILE A 37 2.95 48.42 -24.77
C ILE A 37 3.31 48.35 -23.28
N MET A 38 4.60 48.51 -22.97
CA MET A 38 5.10 48.29 -21.62
C MET A 38 4.87 49.53 -20.75
N VAL A 39 4.16 49.36 -19.64
CA VAL A 39 3.85 50.44 -18.71
C VAL A 39 4.38 50.13 -17.32
N GLN A 40 4.38 51.13 -16.46
CA GLN A 40 4.81 50.95 -15.06
C GLN A 40 3.63 50.41 -14.25
N SER A 41 3.83 49.29 -13.58
CA SER A 41 2.79 48.67 -12.76
C SER A 41 2.58 49.46 -11.47
N PRO A 42 1.33 49.83 -11.15
CA PRO A 42 1.06 50.49 -9.87
C PRO A 42 1.29 49.60 -8.65
N MET A 43 1.22 48.29 -8.83
CA MET A 43 1.24 47.32 -7.73
C MET A 43 2.65 46.94 -7.27
N PHE A 44 3.64 47.05 -8.17
CA PHE A 44 5.01 46.70 -7.84
C PHE A 44 6.03 47.43 -8.72
N ASP A 45 7.28 47.43 -8.27
CA ASP A 45 8.37 48.09 -8.99
C ASP A 45 8.81 47.24 -10.19
N GLY A 46 8.13 47.43 -11.31
CA GLY A 46 8.47 46.72 -12.54
C GLY A 46 7.55 47.04 -13.69
N LYS A 47 8.08 46.92 -14.91
CA LYS A 47 7.29 47.14 -16.12
C LYS A 47 6.33 45.98 -16.36
N VAL A 48 5.18 46.29 -16.95
CA VAL A 48 4.15 45.29 -17.24
C VAL A 48 3.60 45.50 -18.66
N PRO A 49 3.41 44.40 -19.41
CA PRO A 49 2.88 44.53 -20.77
C PRO A 49 1.36 44.74 -20.81
N HIS A 50 0.92 45.76 -21.54
CA HIS A 50 -0.51 45.96 -21.83
C HIS A 50 -0.83 45.28 -23.16
N TRP A 51 -1.31 44.04 -23.09
CA TRP A 51 -1.56 43.25 -24.29
C TRP A 51 -2.76 43.73 -25.08
N TYR A 52 -2.59 43.83 -26.40
CA TYR A 52 -3.65 44.17 -27.33
C TYR A 52 -3.81 43.05 -28.35
N HIS A 53 -5.02 42.88 -28.88
CA HIS A 53 -5.21 42.10 -30.10
C HIS A 53 -4.44 42.84 -31.20
N PHE A 54 -3.76 42.08 -32.07
CA PHE A 54 -3.01 42.69 -33.17
C PHE A 54 -3.87 43.64 -34.00
N SER A 55 -5.14 43.26 -34.18
CA SER A 55 -6.11 44.11 -34.86
C SER A 55 -6.40 45.39 -34.10
N CYS A 56 -6.58 45.28 -32.79
CA CYS A 56 -6.92 46.42 -31.93
C CYS A 56 -5.76 47.37 -31.66
N PHE A 57 -4.52 46.89 -31.83
CA PHE A 57 -3.32 47.67 -31.49
C PHE A 57 -3.20 48.97 -32.27
N TRP A 58 -3.66 48.98 -33.51
CA TRP A 58 -3.45 50.13 -34.41
C TRP A 58 -4.58 51.16 -34.39
N LYS A 59 -5.56 50.98 -33.51
CA LYS A 59 -6.67 51.93 -33.34
C LYS A 59 -6.52 52.83 -32.10
N VAL A 60 -5.63 52.45 -31.18
CA VAL A 60 -5.38 53.26 -29.98
C VAL A 60 -4.64 54.57 -30.29
N GLY A 61 -3.95 54.60 -31.44
CA GLY A 61 -3.26 55.80 -31.89
C GLY A 61 -1.74 55.71 -31.91
N HIS A 62 -1.20 54.54 -31.55
CA HIS A 62 0.25 54.34 -31.56
C HIS A 62 0.75 54.11 -32.98
N SER A 63 1.85 54.77 -33.33
CA SER A 63 2.43 54.68 -34.67
C SER A 63 3.91 54.37 -34.61
N ILE A 64 4.24 53.08 -34.66
CA ILE A 64 5.64 52.63 -34.68
C ILE A 64 6.19 52.83 -36.08
N ARG A 65 7.17 53.71 -36.21
CA ARG A 65 7.77 54.06 -37.50
C ARG A 65 8.53 52.89 -38.12
N HIS A 66 9.41 52.29 -37.32
CA HIS A 66 10.20 51.13 -37.75
C HIS A 66 10.09 50.02 -36.70
N PRO A 67 9.21 49.03 -36.93
CA PRO A 67 8.97 47.92 -35.99
C PRO A 67 10.22 47.14 -35.58
N ASP A 68 11.08 46.82 -36.54
CA ASP A 68 12.26 45.99 -36.28
C ASP A 68 13.22 46.57 -35.24
N VAL A 69 13.29 47.91 -35.17
CA VAL A 69 14.17 48.58 -34.21
C VAL A 69 13.45 49.04 -32.94
N GLU A 70 12.12 49.18 -33.01
CA GLU A 70 11.33 49.69 -31.88
C GLU A 70 10.65 48.57 -31.09
N VAL A 71 10.02 47.63 -31.80
CA VAL A 71 9.27 46.55 -31.17
C VAL A 71 10.19 45.39 -30.79
N ASP A 72 10.01 44.86 -29.58
CA ASP A 72 10.79 43.72 -29.09
C ASP A 72 10.14 42.41 -29.55
N GLY A 73 10.98 41.42 -29.82
CA GLY A 73 10.51 40.11 -30.26
C GLY A 73 10.15 40.04 -31.74
N PHE A 74 10.57 41.05 -32.51
CA PHE A 74 10.26 41.13 -33.93
C PHE A 74 11.03 40.07 -34.74
N SER A 75 12.31 39.92 -34.45
CA SER A 75 13.16 38.95 -35.15
C SER A 75 12.77 37.50 -34.85
N GLU A 76 12.23 37.26 -33.65
CA GLU A 76 11.82 35.92 -33.25
C GLU A 76 10.55 35.44 -33.96
N LEU A 77 9.76 36.37 -34.50
CA LEU A 77 8.54 36.03 -35.24
C LEU A 77 8.83 35.24 -36.51
N ARG A 78 7.78 34.65 -37.09
CA ARG A 78 7.88 33.95 -38.37
C ARG A 78 8.00 34.99 -39.47
N TRP A 79 8.72 34.66 -40.54
CA TRP A 79 9.09 35.63 -41.59
C TRP A 79 7.88 36.35 -42.19
N ASP A 80 6.86 35.59 -42.56
CA ASP A 80 5.65 36.16 -43.16
C ASP A 80 4.85 37.03 -42.17
N ASP A 81 4.92 36.68 -40.89
CA ASP A 81 4.28 37.48 -39.85
C ASP A 81 5.02 38.79 -39.58
N GLN A 82 6.34 38.79 -39.77
CA GLN A 82 7.14 40.02 -39.66
C GLN A 82 6.73 41.04 -40.71
N GLN A 83 6.49 40.57 -41.93
CA GLN A 83 6.07 41.43 -43.04
C GLN A 83 4.67 42.03 -42.81
N LYS A 84 3.81 41.30 -42.12
CA LYS A 84 2.48 41.81 -41.76
C LYS A 84 2.59 42.99 -40.80
N VAL A 85 3.49 42.88 -39.82
CA VAL A 85 3.74 43.96 -38.88
C VAL A 85 4.38 45.15 -39.61
N LYS A 86 5.33 44.86 -40.49
CA LYS A 86 6.08 45.89 -41.22
C LYS A 86 5.18 46.71 -42.15
N LYS A 87 4.27 46.03 -42.85
CA LYS A 87 3.30 46.72 -43.73
C LYS A 87 2.22 47.45 -42.95
N THR A 88 1.68 46.79 -41.92
CA THR A 88 0.63 47.38 -41.09
C THR A 88 1.14 48.54 -40.23
N ALA A 89 2.45 48.58 -40.00
CA ALA A 89 3.08 49.71 -39.30
C ALA A 89 2.88 51.02 -40.07
N GLU A 90 3.01 50.95 -41.40
CA GLU A 90 2.82 52.11 -42.26
C GLU A 90 1.33 52.43 -42.47
N ALA A 91 0.48 51.41 -42.43
CA ALA A 91 -0.96 51.59 -42.59
C ALA A 91 -1.73 50.42 -41.97
N SER A 117 26.40 49.98 -56.82
CA SER A 117 24.95 49.65 -56.64
C SER A 117 24.58 48.23 -57.10
N LYS A 118 25.37 47.67 -58.02
CA LYS A 118 25.11 46.32 -58.54
C LYS A 118 25.50 45.27 -57.50
N LYS A 119 26.75 45.32 -57.05
CA LYS A 119 27.21 44.42 -55.99
C LYS A 119 26.59 44.78 -54.64
N GLU A 120 26.31 46.07 -54.43
CA GLU A 120 25.70 46.54 -53.19
C GLU A 120 24.29 45.98 -53.01
N LYS A 121 23.48 46.10 -54.06
CA LYS A 121 22.09 45.62 -54.03
C LYS A 121 21.99 44.10 -54.12
N ASP A 122 22.99 43.46 -54.73
CA ASP A 122 23.01 42.00 -54.88
C ASP A 122 23.25 41.32 -53.53
N LYS A 123 24.30 41.74 -52.83
CA LYS A 123 24.61 41.20 -51.50
C LYS A 123 23.49 41.56 -50.51
N ASP A 124 22.90 42.74 -50.69
CA ASP A 124 21.77 43.19 -49.88
C ASP A 124 20.54 42.30 -50.10
N SER A 125 20.23 42.03 -51.37
CA SER A 125 19.07 41.21 -51.72
C SER A 125 19.30 39.72 -51.43
N LYS A 126 20.52 39.24 -51.68
CA LYS A 126 20.86 37.84 -51.46
C LYS A 126 20.99 37.48 -49.98
N LEU A 127 21.26 38.48 -49.14
CA LEU A 127 21.30 38.29 -47.68
C LEU A 127 19.90 38.09 -47.12
N GLU A 128 18.96 38.93 -47.57
CA GLU A 128 17.56 38.82 -47.17
C GLU A 128 16.95 37.49 -47.61
N LYS A 129 17.49 36.91 -48.68
CA LYS A 129 17.12 35.57 -49.11
C LYS A 129 17.62 34.54 -48.09
N ALA A 130 18.86 34.71 -47.64
CA ALA A 130 19.47 33.83 -46.65
C ALA A 130 18.92 34.07 -45.23
N LEU A 131 18.37 35.26 -45.00
CA LEU A 131 17.81 35.60 -43.69
C LEU A 131 16.45 34.92 -43.52
N LYS A 132 15.65 34.91 -44.58
CA LYS A 132 14.41 34.13 -44.61
C LYS A 132 14.71 32.64 -44.53
N ALA A 133 15.73 32.21 -45.27
CA ALA A 133 16.17 30.81 -45.27
C ALA A 133 16.48 30.32 -43.86
N GLN A 134 17.08 31.18 -43.05
CA GLN A 134 17.42 30.84 -41.67
C GLN A 134 16.22 30.96 -40.73
N ASN A 135 15.37 31.96 -40.96
CA ASN A 135 14.19 32.18 -40.12
C ASN A 135 13.25 30.98 -40.11
N ASP A 136 12.78 30.59 -41.29
CA ASP A 136 11.82 29.48 -41.40
C ASP A 136 12.47 28.10 -41.39
N LEU A 137 13.80 28.03 -41.35
CA LEU A 137 14.51 26.79 -41.08
C LEU A 137 14.32 26.40 -39.63
N ILE A 138 14.59 27.35 -38.74
CA ILE A 138 14.42 27.13 -37.30
C ILE A 138 12.95 26.88 -36.96
N TRP A 139 12.05 27.63 -37.60
CA TRP A 139 10.61 27.45 -37.36
C TRP A 139 10.09 26.09 -37.82
N ASN A 140 10.59 25.60 -38.95
CA ASN A 140 10.33 24.23 -39.37
C ASN A 140 10.82 23.24 -38.31
N ILE A 141 12.03 23.48 -37.80
CA ILE A 141 12.63 22.65 -36.77
C ILE A 141 11.90 22.77 -35.42
N LYS A 142 11.43 23.98 -35.10
CA LYS A 142 10.74 24.22 -33.84
C LYS A 142 9.45 23.40 -33.71
N ASP A 143 8.51 23.62 -34.62
CA ASP A 143 7.23 22.89 -34.58
C ASP A 143 7.33 21.42 -35.03
N GLU A 144 8.49 21.02 -35.54
CA GLU A 144 8.80 19.60 -35.75
C GLU A 144 8.99 18.92 -34.39
N LEU A 145 9.75 19.55 -33.51
CA LEU A 145 9.97 19.05 -32.15
C LEU A 145 8.70 19.10 -31.31
N LYS A 146 7.86 20.12 -31.56
CA LYS A 146 6.57 20.24 -30.86
C LYS A 146 5.61 19.13 -31.27
N LYS A 147 5.75 18.64 -32.50
CA LYS A 147 4.95 17.53 -32.99
C LYS A 147 5.39 16.20 -32.39
N VAL A 148 6.70 15.98 -32.30
CA VAL A 148 7.27 14.69 -31.90
C VAL A 148 7.63 14.59 -30.41
N CYS A 149 8.26 15.62 -29.87
CA CYS A 149 8.78 15.58 -28.50
C CYS A 149 7.91 16.33 -27.50
N SER A 150 7.85 15.81 -26.28
CA SER A 150 7.22 16.50 -25.16
C SER A 150 8.23 17.47 -24.54
N THR A 151 7.78 18.25 -23.56
CA THR A 151 8.64 19.24 -22.90
C THR A 151 9.77 18.56 -22.12
N ASN A 152 9.46 17.47 -21.44
CA ASN A 152 10.45 16.73 -20.64
C ASN A 152 11.60 16.17 -21.48
N ASP A 153 11.30 15.80 -22.73
CA ASP A 153 12.33 15.35 -23.67
C ASP A 153 13.23 16.52 -24.06
N LEU A 154 12.62 17.67 -24.31
CA LEU A 154 13.35 18.89 -24.68
C LEU A 154 14.15 19.45 -23.51
N LYS A 155 13.64 19.27 -22.29
CA LYS A 155 14.36 19.65 -21.07
C LYS A 155 15.62 18.80 -20.91
N GLU A 156 15.46 17.48 -21.03
CA GLU A 156 16.57 16.54 -20.89
C GLU A 156 17.51 16.57 -22.10
N LEU A 157 17.06 17.12 -23.22
CA LEU A 157 17.93 17.38 -24.37
C LEU A 157 18.98 18.44 -24.02
N LEU A 158 18.51 19.55 -23.44
CA LEU A 158 19.39 20.65 -23.05
C LEU A 158 20.33 20.28 -21.91
N ILE A 159 19.82 19.52 -20.94
CA ILE A 159 20.62 19.08 -19.79
C ILE A 159 21.77 18.18 -20.23
N PHE A 160 21.51 17.31 -21.19
CA PHE A 160 22.54 16.44 -21.76
C PHE A 160 23.66 17.25 -22.44
N ASN A 161 23.29 18.36 -23.07
CA ASN A 161 24.26 19.23 -23.73
C ASN A 161 24.86 20.30 -22.81
N LYS A 162 24.65 20.14 -21.49
CA LYS A 162 25.16 21.07 -20.48
C LYS A 162 24.64 22.50 -20.68
N GLN A 163 23.33 22.60 -20.90
CA GLN A 163 22.66 23.89 -21.13
C GLN A 163 21.67 24.17 -20.01
N GLN A 164 21.56 25.44 -19.64
CA GLN A 164 20.58 25.88 -18.64
C GLN A 164 19.17 25.73 -19.22
N VAL A 165 18.30 25.04 -18.48
CA VAL A 165 16.92 24.83 -18.92
C VAL A 165 16.09 26.08 -18.59
N PRO A 166 15.58 26.77 -19.62
CA PRO A 166 14.83 28.00 -19.37
C PRO A 166 13.40 27.76 -18.90
N SER A 167 12.81 28.79 -18.29
CA SER A 167 11.41 28.77 -17.89
C SER A 167 10.53 29.18 -19.07
N GLY A 168 9.56 28.33 -19.41
CA GLY A 168 8.65 28.59 -20.52
C GLY A 168 8.72 27.50 -21.58
N GLU A 169 7.56 27.19 -22.18
CA GLU A 169 7.49 26.18 -23.23
C GLU A 169 8.16 26.69 -24.49
N SER A 170 7.69 27.84 -24.97
CA SER A 170 8.21 28.46 -26.21
C SER A 170 9.72 28.65 -26.18
N ALA A 171 10.23 29.11 -25.04
CA ALA A 171 11.66 29.39 -24.87
C ALA A 171 12.52 28.12 -24.86
N ILE A 172 11.96 27.01 -24.41
CA ILE A 172 12.70 25.74 -24.36
C ILE A 172 13.06 25.25 -25.76
N LEU A 173 12.05 25.10 -26.63
CA LEU A 173 12.30 24.65 -28.00
C LEU A 173 13.01 25.71 -28.86
N ASP A 174 12.97 26.96 -28.42
CA ASP A 174 13.71 28.04 -29.08
C ASP A 174 15.21 27.84 -28.90
N ARG A 175 15.60 27.40 -27.70
CA ARG A 175 17.02 27.14 -27.39
C ARG A 175 17.49 25.77 -27.89
N VAL A 176 16.57 24.80 -27.95
CA VAL A 176 16.88 23.48 -28.52
C VAL A 176 17.11 23.62 -30.02
N ALA A 177 16.23 24.37 -30.69
CA ALA A 177 16.39 24.63 -32.13
C ALA A 177 17.66 25.43 -32.42
N ASP A 178 17.94 26.41 -31.57
CA ASP A 178 19.20 27.16 -31.63
C ASP A 178 20.39 26.23 -31.40
N GLY A 179 20.25 25.32 -30.42
CA GLY A 179 21.29 24.36 -30.10
C GLY A 179 21.63 23.43 -31.25
N MET A 180 20.61 22.84 -31.85
CA MET A 180 20.79 21.86 -32.92
C MET A 180 21.38 22.49 -34.19
N VAL A 181 20.85 23.64 -34.59
CA VAL A 181 21.24 24.28 -35.86
C VAL A 181 22.67 24.82 -35.81
N PHE A 182 23.01 25.52 -34.72
CA PHE A 182 24.29 26.22 -34.62
C PHE A 182 25.28 25.52 -33.71
N GLY A 183 24.84 25.13 -32.51
CA GLY A 183 25.70 24.38 -31.59
C GLY A 183 25.36 24.56 -30.12
N ALA A 184 25.86 23.63 -29.30
CA ALA A 184 25.71 23.72 -27.85
C ALA A 184 26.62 24.82 -27.32
N LEU A 185 26.01 25.84 -26.73
CA LEU A 185 26.74 27.03 -26.28
C LEU A 185 27.64 26.72 -25.08
N LEU A 186 28.93 27.04 -25.22
CA LEU A 186 29.88 26.87 -24.12
C LEU A 186 29.64 27.93 -23.05
N PRO A 187 30.07 27.65 -21.80
CA PRO A 187 29.93 28.64 -20.73
C PRO A 187 30.64 29.97 -21.02
N CYS A 188 30.27 31.00 -20.27
CA CYS A 188 30.81 32.34 -20.45
C CYS A 188 32.27 32.41 -20.03
N GLU A 189 33.01 33.36 -20.61
CA GLU A 189 34.44 33.51 -20.34
C GLU A 189 34.76 33.85 -18.88
N GLU A 190 34.07 34.86 -18.34
CA GLU A 190 34.35 35.35 -16.99
C GLU A 190 33.41 34.75 -15.95
N CYS A 191 32.11 34.98 -16.12
CA CYS A 191 31.11 34.62 -15.10
C CYS A 191 30.67 33.15 -15.15
N SER A 192 31.06 32.44 -16.22
CA SER A 192 30.73 31.02 -16.40
C SER A 192 29.22 30.75 -16.41
N GLY A 193 28.45 31.67 -17.00
CA GLY A 193 27.01 31.55 -17.10
C GLY A 193 26.58 31.03 -18.46
N GLN A 194 25.30 31.21 -18.78
CA GLN A 194 24.73 30.71 -20.03
C GLN A 194 24.39 31.88 -20.97
N LEU A 195 25.01 31.90 -22.15
CA LEU A 195 24.68 32.88 -23.17
C LEU A 195 23.36 32.51 -23.83
N VAL A 196 22.57 33.52 -24.19
CA VAL A 196 21.26 33.30 -24.80
C VAL A 196 21.05 34.25 -25.98
N PHE A 197 20.54 33.72 -27.08
CA PHE A 197 20.21 34.54 -28.25
C PHE A 197 19.03 35.46 -27.93
N LYS A 198 19.22 36.76 -28.14
CA LYS A 198 18.18 37.75 -27.90
C LYS A 198 18.18 38.78 -29.03
N SER A 199 17.28 38.59 -29.98
CA SER A 199 17.05 39.52 -31.09
C SER A 199 18.23 39.66 -32.06
N ASP A 200 19.29 40.35 -31.63
CA ASP A 200 20.41 40.68 -32.53
C ASP A 200 21.78 40.19 -32.06
N ALA A 201 21.84 39.50 -30.92
CA ALA A 201 23.12 39.00 -30.39
C ALA A 201 22.92 37.97 -29.28
N TYR A 202 24.02 37.33 -28.88
CA TYR A 202 24.01 36.38 -27.77
C TYR A 202 24.43 37.10 -26.49
N TYR A 203 23.46 37.32 -25.60
CA TYR A 203 23.70 38.03 -24.34
C TYR A 203 23.94 37.03 -23.21
N CYS A 204 24.93 37.31 -22.37
CA CYS A 204 25.21 36.48 -21.19
C CYS A 204 24.16 36.75 -20.11
N THR A 205 23.59 35.68 -19.57
CA THR A 205 22.54 35.79 -18.55
C THR A 205 23.05 35.38 -17.16
N GLY A 206 24.35 35.18 -17.04
CA GLY A 206 24.95 34.74 -15.78
C GLY A 206 25.12 35.86 -14.77
N ASP A 207 25.91 35.61 -13.74
CA ASP A 207 26.14 36.56 -12.65
C ASP A 207 27.63 36.76 -12.39
N VAL A 208 28.15 37.90 -12.83
CA VAL A 208 29.52 38.31 -12.51
C VAL A 208 29.69 38.50 -10.99
N THR A 209 28.61 38.87 -10.31
CA THR A 209 28.57 38.94 -8.86
C THR A 209 27.12 38.80 -8.36
N ALA A 210 26.95 38.66 -7.05
CA ALA A 210 25.62 38.51 -6.45
C ALA A 210 24.77 39.76 -6.61
N TRP A 211 25.41 40.93 -6.59
CA TRP A 211 24.72 42.21 -6.66
C TRP A 211 24.33 42.60 -8.09
N THR A 212 25.17 42.24 -9.06
CA THR A 212 25.00 42.68 -10.46
C THR A 212 24.96 41.52 -11.43
N LYS A 213 24.29 41.73 -12.55
CA LYS A 213 24.21 40.74 -13.62
C LYS A 213 25.36 40.98 -14.61
N CYS A 214 25.78 39.92 -15.29
CA CYS A 214 26.83 40.01 -16.29
C CYS A 214 26.30 40.70 -17.56
N MET A 215 27.18 41.44 -18.23
CA MET A 215 26.81 42.24 -19.41
C MET A 215 27.62 41.87 -20.65
N VAL A 216 28.02 40.60 -20.77
CA VAL A 216 28.72 40.14 -21.96
C VAL A 216 27.74 40.01 -23.13
N LYS A 217 28.19 40.42 -24.30
CA LYS A 217 27.37 40.42 -25.51
C LYS A 217 28.25 40.12 -26.73
N THR A 218 27.74 39.29 -27.63
CA THR A 218 28.50 38.90 -28.82
C THR A 218 27.61 38.31 -29.92
N GLN A 219 28.09 38.42 -31.16
CA GLN A 219 27.44 37.79 -32.32
C GLN A 219 28.12 36.47 -32.70
N THR A 220 29.35 36.28 -32.24
CA THR A 220 30.10 35.06 -32.51
C THR A 220 30.56 34.41 -31.19
N PRO A 221 29.64 33.73 -30.49
CA PRO A 221 29.99 33.08 -29.22
C PRO A 221 30.75 31.77 -29.41
N ASN A 222 31.35 31.27 -28.33
CA ASN A 222 32.07 30.00 -28.34
C ASN A 222 31.09 28.85 -28.11
N ARG A 223 31.29 27.75 -28.84
CA ARG A 223 30.36 26.62 -28.77
C ARG A 223 30.90 25.36 -29.42
N LYS A 224 30.74 24.22 -28.74
CA LYS A 224 31.05 22.92 -29.31
C LYS A 224 29.82 22.41 -30.07
N GLU A 225 29.97 21.28 -30.77
CA GLU A 225 28.88 20.74 -31.59
C GLU A 225 27.78 20.13 -30.72
N TRP A 226 26.54 20.26 -31.18
CA TRP A 226 25.38 19.73 -30.47
C TRP A 226 25.33 18.21 -30.57
N VAL A 227 25.29 17.55 -29.41
CA VAL A 227 25.28 16.09 -29.35
C VAL A 227 23.91 15.59 -28.91
N THR A 228 23.13 15.08 -29.87
CA THR A 228 21.86 14.44 -29.58
C THR A 228 22.14 13.08 -28.96
N PRO A 229 21.40 12.70 -27.89
CA PRO A 229 21.56 11.35 -27.35
C PRO A 229 21.11 10.26 -28.34
N LYS A 230 21.53 9.03 -28.09
CA LYS A 230 21.13 7.88 -28.92
C LYS A 230 19.61 7.76 -29.08
N GLU A 231 18.86 8.18 -28.07
CA GLU A 231 17.41 8.06 -28.05
C GLU A 231 16.76 9.06 -28.99
N PHE A 232 16.68 8.70 -30.27
CA PHE A 232 16.08 9.57 -31.29
C PHE A 232 15.75 8.78 -32.57
N ARG A 233 14.53 8.26 -32.63
CA ARG A 233 14.06 7.50 -33.80
C ARG A 233 13.57 8.41 -34.92
N GLU A 234 13.36 9.70 -34.61
CA GLU A 234 12.95 10.69 -35.60
C GLU A 234 14.00 11.79 -35.79
N ILE A 235 15.23 11.52 -35.33
CA ILE A 235 16.35 12.45 -35.53
C ILE A 235 16.84 12.42 -36.98
N SER A 236 16.72 11.25 -37.61
CA SER A 236 17.06 11.10 -39.02
C SER A 236 16.08 11.83 -39.94
N TYR A 237 14.85 12.02 -39.46
CA TYR A 237 13.82 12.76 -40.20
C TYR A 237 14.02 14.28 -40.06
N LEU A 238 14.31 14.73 -38.84
CA LEU A 238 14.53 16.15 -38.57
C LEU A 238 15.83 16.66 -39.18
N LYS A 239 16.90 15.88 -39.03
CA LYS A 239 18.21 16.23 -39.60
C LYS A 239 18.25 16.08 -41.13
N LYS A 240 17.29 15.36 -41.69
CA LYS A 240 17.19 15.18 -43.15
C LYS A 240 16.61 16.39 -43.87
N LEU A 241 16.24 17.43 -43.13
CA LEU A 241 15.66 18.64 -43.73
C LEU A 241 16.72 19.60 -44.28
N LYS A 242 17.68 19.06 -45.03
CA LYS A 242 18.72 19.84 -45.71
C LYS A 242 19.43 20.83 -44.79
N VAL A 243 19.96 20.32 -43.67
CA VAL A 243 20.64 21.16 -42.68
C VAL A 243 22.15 20.94 -42.71
N LYS A 244 22.88 21.95 -43.20
CA LYS A 244 24.34 21.90 -43.25
C LYS A 244 24.94 22.84 -42.20
N LYS A 245 26.27 22.89 -42.13
CA LYS A 245 26.96 23.75 -41.16
C LYS A 245 26.85 25.22 -41.57
N GLN A 246 26.45 26.06 -40.61
CA GLN A 246 26.27 27.49 -40.85
C GLN A 246 26.20 28.26 -39.54
N ASP A 247 26.59 29.54 -39.59
CA ASP A 247 26.58 30.40 -38.41
C ASP A 247 25.33 31.28 -38.41
N ARG A 248 24.99 31.80 -37.23
CA ARG A 248 23.85 32.71 -37.06
C ARG A 248 24.02 33.97 -37.91
N ILE A 249 23.01 34.26 -38.73
CA ILE A 249 22.96 35.50 -39.50
C ILE A 249 22.11 36.49 -38.73
N PHE A 250 22.51 37.76 -38.75
CA PHE A 250 21.84 38.80 -37.96
C PHE A 250 21.24 39.87 -38.87
N PRO A 251 20.34 40.72 -38.32
CA PRO A 251 19.79 41.81 -39.13
C PRO A 251 20.83 42.87 -39.50
N PRO A 252 20.52 43.73 -40.49
CA PRO A 252 21.46 44.76 -40.91
C PRO A 252 21.72 45.81 -39.82
N ALA B 14 12.14 48.25 15.85
CA ALA B 14 11.18 49.22 15.24
C ALA B 14 9.74 48.99 15.70
N ALA B 15 8.86 49.92 15.35
CA ALA B 15 7.44 49.84 15.71
C ALA B 15 6.62 49.30 14.54
N VAL B 16 5.30 49.30 14.71
CA VAL B 16 4.39 48.77 13.67
C VAL B 16 4.25 49.77 12.52
N ASP B 17 4.20 49.26 11.30
CA ASP B 17 3.98 50.06 10.11
C ASP B 17 2.51 50.46 10.03
N PRO B 18 2.22 51.78 9.98
CA PRO B 18 0.81 52.23 9.91
C PRO B 18 0.05 51.83 8.63
N ASP B 19 0.74 51.30 7.63
CA ASP B 19 0.09 50.80 6.41
C ASP B 19 -0.80 49.59 6.69
N SER B 20 -0.51 48.87 7.77
CA SER B 20 -1.34 47.76 8.22
C SER B 20 -2.72 48.25 8.70
N GLY B 21 -2.72 49.39 9.39
CA GLY B 21 -3.94 49.95 9.98
C GLY B 21 -4.19 49.44 11.39
N LEU B 22 -3.29 48.59 11.90
CA LEU B 22 -3.41 48.01 13.23
C LEU B 22 -2.22 48.44 14.09
N GLU B 23 -1.75 49.67 13.90
CA GLU B 23 -0.51 50.14 14.56
C GLU B 23 -0.67 50.32 16.08
N HIS B 24 -1.74 50.97 16.50
CA HIS B 24 -2.03 51.17 17.92
C HIS B 24 -3.14 50.20 18.33
N SER B 25 -2.83 48.91 18.25
CA SER B 25 -3.77 47.85 18.59
C SER B 25 -3.03 46.62 19.10
N ALA B 26 -2.16 46.06 18.25
CA ALA B 26 -1.34 44.91 18.61
C ALA B 26 0.14 45.21 18.38
N HIS B 27 0.98 44.80 19.33
CA HIS B 27 2.41 45.07 19.30
C HIS B 27 3.14 44.17 18.30
N VAL B 28 4.26 44.67 17.77
CA VAL B 28 5.15 43.86 16.92
C VAL B 28 5.89 42.85 17.79
N LEU B 29 5.96 41.60 17.32
CA LEU B 29 6.44 40.48 18.15
C LEU B 29 7.94 40.22 17.98
N GLU B 30 8.54 39.68 19.03
CA GLU B 30 9.94 39.25 19.03
C GLU B 30 10.11 37.99 19.86
N LYS B 31 10.89 37.02 19.35
CA LYS B 31 11.19 35.79 20.08
C LYS B 31 12.49 35.95 20.86
N GLY B 32 12.37 36.47 22.08
CA GLY B 32 13.53 36.67 22.95
C GLY B 32 14.42 37.80 22.49
N GLY B 33 15.26 37.53 21.49
CA GLY B 33 16.23 38.50 20.97
C GLY B 33 15.87 39.03 19.60
N LYS B 34 15.83 38.13 18.61
CA LYS B 34 15.57 38.51 17.22
C LYS B 34 14.14 39.04 17.04
N VAL B 35 14.03 40.30 16.61
CA VAL B 35 12.74 40.95 16.40
C VAL B 35 12.18 40.53 15.04
N PHE B 36 10.98 39.97 15.03
CA PHE B 36 10.34 39.52 13.78
C PHE B 36 9.87 40.70 12.96
N SER B 37 10.82 41.37 12.31
CA SER B 37 10.57 42.54 11.48
C SER B 37 11.83 42.89 10.70
N ALA B 38 11.73 42.93 9.38
CA ALA B 38 12.87 43.22 8.51
C ALA B 38 12.46 44.08 7.32
N THR B 39 13.30 45.06 6.99
CA THR B 39 13.07 45.95 5.85
C THR B 39 14.14 45.69 4.78
N LEU B 40 13.72 45.06 3.68
CA LEU B 40 14.65 44.64 2.63
C LEU B 40 14.72 45.67 1.50
N GLY B 41 15.74 45.53 0.66
CA GLY B 41 15.94 46.43 -0.47
C GLY B 41 16.66 45.76 -1.63
N LEU B 42 16.38 46.21 -2.84
CA LEU B 42 16.98 45.65 -4.05
C LEU B 42 17.03 46.71 -5.15
N VAL B 43 18.23 46.93 -5.70
CA VAL B 43 18.42 47.89 -6.79
C VAL B 43 19.32 47.30 -7.88
N ASP B 44 18.91 47.50 -9.14
CA ASP B 44 19.72 47.16 -10.30
C ASP B 44 19.75 48.38 -11.20
N ILE B 45 20.91 49.03 -11.26
CA ILE B 45 21.08 50.27 -12.03
C ILE B 45 20.77 50.09 -13.52
N VAL B 46 21.09 48.92 -14.07
CA VAL B 46 20.89 48.66 -15.49
C VAL B 46 19.40 48.55 -15.82
N LYS B 47 18.69 47.72 -15.07
CA LYS B 47 17.23 47.59 -15.22
C LYS B 47 16.50 48.87 -14.79
N GLY B 48 17.03 49.54 -13.77
CA GLY B 48 16.41 50.73 -13.21
C GLY B 48 15.62 50.45 -11.95
N THR B 49 15.32 49.18 -11.70
CA THR B 49 14.60 48.77 -10.48
C THR B 49 15.31 49.26 -9.21
N ASN B 50 14.52 49.73 -8.26
CA ASN B 50 15.01 50.30 -7.01
C ASN B 50 13.87 50.18 -6.00
N SER B 51 13.79 49.02 -5.35
CA SER B 51 12.59 48.60 -4.63
C SER B 51 12.82 48.40 -3.14
N TYR B 52 11.72 48.36 -2.38
CA TYR B 52 11.74 48.02 -0.96
C TYR B 52 10.85 46.81 -0.71
N TYR B 53 11.01 46.21 0.46
CA TYR B 53 10.16 45.10 0.89
C TYR B 53 10.19 44.95 2.40
N LYS B 54 9.22 45.56 3.09
CA LYS B 54 9.13 45.48 4.54
C LYS B 54 8.25 44.31 4.97
N LEU B 55 8.80 43.44 5.80
CA LEU B 55 8.09 42.28 6.34
C LEU B 55 7.99 42.43 7.86
N GLN B 56 6.84 42.08 8.42
CA GLN B 56 6.61 42.18 9.86
C GLN B 56 5.74 41.04 10.38
N LEU B 57 5.80 40.83 11.69
CA LEU B 57 4.94 39.86 12.37
C LEU B 57 4.26 40.53 13.57
N LEU B 58 3.02 40.96 13.37
CA LEU B 58 2.27 41.66 14.40
C LEU B 58 1.64 40.67 15.40
N TRP B 67 -0.94 37.64 12.96
CA TRP B 67 -0.97 38.54 11.80
C TRP B 67 0.42 38.68 11.20
N ILE B 68 0.49 38.57 9.86
CA ILE B 68 1.72 38.85 9.13
C ILE B 68 1.45 39.99 8.14
N PHE B 69 2.41 40.90 8.04
CA PHE B 69 2.26 42.07 7.17
C PHE B 69 3.39 42.16 6.15
N ARG B 70 3.04 42.26 4.88
CA ARG B 70 4.00 42.43 3.80
C ARG B 70 3.74 43.77 3.10
N SER B 71 4.79 44.57 2.97
CA SER B 71 4.74 45.81 2.21
C SER B 71 5.80 45.76 1.11
N TRP B 72 5.47 46.29 -0.06
CA TRP B 72 6.39 46.28 -1.20
C TRP B 72 6.10 47.40 -2.19
N GLY B 73 7.12 47.77 -2.97
CA GLY B 73 6.97 48.81 -3.99
C GLY B 73 8.29 49.46 -4.37
N ARG B 74 8.21 50.55 -5.13
CA ARG B 74 9.40 51.32 -5.51
C ARG B 74 9.61 52.43 -4.48
N VAL B 75 10.78 52.40 -3.83
CA VAL B 75 11.10 53.37 -2.77
C VAL B 75 10.92 54.83 -3.21
N GLY B 76 10.15 55.57 -2.41
CA GLY B 76 9.95 57.01 -2.62
C GLY B 76 8.84 57.38 -3.59
N THR B 77 7.90 56.46 -3.82
CA THR B 77 6.81 56.70 -4.76
C THR B 77 5.54 55.92 -4.37
N VAL B 78 4.43 56.28 -5.01
CA VAL B 78 3.14 55.62 -4.79
C VAL B 78 3.09 54.22 -5.41
N ILE B 79 4.07 53.90 -6.27
CA ILE B 79 4.16 52.57 -6.88
C ILE B 79 4.40 51.51 -5.80
N GLY B 80 3.51 50.53 -5.74
CA GLY B 80 3.59 49.45 -4.76
C GLY B 80 2.25 49.07 -4.18
N SER B 81 2.27 48.09 -3.27
CA SER B 81 1.06 47.63 -2.59
C SER B 81 1.44 46.88 -1.32
N ASN B 82 0.42 46.40 -0.59
CA ASN B 82 0.64 45.67 0.66
C ASN B 82 -0.40 44.59 0.89
N LYS B 83 -0.10 43.67 1.81
CA LYS B 83 -1.04 42.61 2.19
C LYS B 83 -0.97 42.29 3.68
N LEU B 84 -1.94 42.80 4.42
CA LEU B 84 -2.17 42.38 5.80
C LEU B 84 -2.95 41.08 5.78
N GLU B 85 -2.56 40.13 6.61
CA GLU B 85 -3.17 38.79 6.60
C GLU B 85 -3.09 38.14 7.98
N GLN B 86 -4.25 37.82 8.55
CA GLN B 86 -4.32 37.13 9.84
C GLN B 86 -3.94 35.66 9.67
N MET B 87 -3.24 35.12 10.66
CA MET B 87 -2.77 33.74 10.63
C MET B 87 -3.77 32.80 11.31
N PRO B 88 -3.72 31.49 10.98
CA PRO B 88 -4.50 30.50 11.72
C PRO B 88 -4.04 30.36 13.18
N SER B 89 -2.73 30.44 13.40
CA SER B 89 -2.15 30.35 14.75
C SER B 89 -0.80 31.07 14.83
N LYS B 90 -0.22 31.09 16.02
CA LYS B 90 1.06 31.78 16.27
C LYS B 90 2.29 30.99 15.81
N GLU B 91 2.21 29.66 15.84
CA GLU B 91 3.30 28.83 15.33
C GLU B 91 3.29 28.77 13.80
N ASP B 92 2.12 28.97 13.19
CA ASP B 92 2.01 29.09 11.74
C ASP B 92 2.58 30.41 11.24
N ALA B 93 2.62 31.41 12.13
CA ALA B 93 3.22 32.71 11.83
C ALA B 93 4.71 32.58 11.56
N ILE B 94 5.42 31.89 12.44
CA ILE B 94 6.85 31.62 12.28
C ILE B 94 7.11 30.87 10.97
N GLU B 95 6.24 29.92 10.65
CA GLU B 95 6.35 29.13 9.42
C GLU B 95 6.18 30.03 8.18
N HIS B 96 5.17 30.91 8.23
CA HIS B 96 4.88 31.80 7.11
C HIS B 96 5.92 32.93 6.99
N PHE B 97 6.40 33.41 8.14
CA PHE B 97 7.38 34.50 8.19
C PHE B 97 8.76 34.06 7.68
N MET B 98 9.30 33.00 8.25
CA MET B 98 10.63 32.52 7.90
C MET B 98 10.69 31.96 6.47
N LYS B 99 9.55 31.49 5.96
CA LYS B 99 9.45 31.02 4.58
C LYS B 99 9.44 32.18 3.59
N LEU B 100 8.58 33.17 3.85
CA LEU B 100 8.54 34.40 3.05
C LEU B 100 9.88 35.12 3.06
N TYR B 101 10.49 35.20 4.23
CA TYR B 101 11.81 35.80 4.39
C TYR B 101 12.81 35.17 3.43
N GLU B 102 13.07 33.87 3.62
CA GLU B 102 14.06 33.14 2.81
C GLU B 102 13.72 33.16 1.31
N GLU B 103 12.43 33.10 0.98
CA GLU B 103 11.99 33.18 -0.41
C GLU B 103 12.40 34.51 -1.06
N LYS B 104 12.40 35.57 -0.27
CA LYS B 104 12.68 36.92 -0.77
C LYS B 104 14.16 37.30 -0.61
N THR B 105 14.73 37.01 0.55
CA THR B 105 16.10 37.42 0.86
C THR B 105 17.15 36.37 0.46
N GLY B 106 16.77 35.10 0.49
CA GLY B 106 17.67 34.01 0.11
C GLY B 106 18.24 33.24 1.29
N ASN B 107 18.53 33.95 2.38
CA ASN B 107 19.11 33.36 3.58
C ASN B 107 18.06 32.89 4.58
N ALA B 108 18.52 32.20 5.62
CA ALA B 108 17.67 31.82 6.74
C ALA B 108 17.56 32.99 7.71
N TRP B 109 16.61 32.88 8.65
CA TRP B 109 16.33 33.96 9.59
C TRP B 109 17.51 34.20 10.54
N HIS B 110 18.14 33.11 11.00
CA HIS B 110 19.39 33.21 11.77
C HIS B 110 20.61 32.99 10.87
N SER B 111 21.65 33.82 11.04
CA SER B 111 22.91 33.65 10.31
C SER B 111 24.11 34.36 10.98
N LYS B 112 25.29 33.80 10.78
CA LYS B 112 26.52 34.33 11.40
C LYS B 112 27.01 35.55 10.65
N ASN B 113 26.99 35.47 9.31
CA ASN B 113 27.24 36.61 8.44
C ASN B 113 26.32 36.48 7.24
N PHE B 114 25.78 37.61 6.79
CA PHE B 114 24.83 37.59 5.69
C PHE B 114 25.54 37.50 4.34
N THR B 115 24.85 36.92 3.36
CA THR B 115 25.35 36.80 1.99
C THR B 115 24.24 37.12 0.99
N LYS B 116 24.48 38.11 0.13
CA LYS B 116 23.55 38.49 -0.94
C LYS B 116 23.45 37.37 -1.98
N TYR B 117 22.25 37.20 -2.56
CA TYR B 117 22.03 36.21 -3.62
C TYR B 117 21.44 36.87 -4.86
N PRO B 118 21.79 36.35 -6.07
CA PRO B 118 21.30 36.84 -7.36
C PRO B 118 19.79 37.11 -7.41
N LYS B 119 19.43 38.35 -7.69
CA LYS B 119 18.03 38.80 -7.79
C LYS B 119 17.17 38.63 -6.52
N LYS B 120 17.78 38.19 -5.43
CA LYS B 120 17.12 38.17 -4.13
C LYS B 120 17.38 39.50 -3.42
N PHE B 121 16.59 39.79 -2.39
CA PHE B 121 16.71 41.05 -1.66
C PHE B 121 17.86 41.02 -0.66
N TYR B 122 18.17 42.21 -0.10
CA TYR B 122 19.15 42.35 0.97
C TYR B 122 18.52 43.14 2.12
N PRO B 123 18.63 42.62 3.36
CA PRO B 123 18.01 43.26 4.52
C PRO B 123 18.80 44.47 5.03
N LEU B 124 18.11 45.59 5.26
CA LEU B 124 18.74 46.79 5.81
C LEU B 124 18.66 46.78 7.34
N GLU B 125 19.76 47.17 7.97
CA GLU B 125 19.89 47.08 9.43
C GLU B 125 19.26 48.30 10.12
N ILE B 126 18.05 48.12 10.64
CA ILE B 126 17.35 49.15 11.40
C ILE B 126 17.65 48.98 12.90
N ASP B 127 17.68 50.09 13.62
CA ASP B 127 17.93 50.09 15.06
C ASP B 127 16.73 49.50 15.81
N LYS B 145 8.50 81.22 29.87
CA LYS B 145 9.04 81.03 31.22
C LYS B 145 10.51 80.59 31.22
N SER B 146 11.10 80.44 30.03
CA SER B 146 12.52 80.11 29.91
C SER B 146 13.38 81.34 30.22
N LYS B 147 14.39 81.15 31.07
CA LYS B 147 15.26 82.24 31.50
C LYS B 147 16.56 82.28 30.70
N LEU B 148 16.47 82.77 29.46
CA LEU B 148 17.65 82.94 28.59
C LEU B 148 17.48 84.16 27.70
N PRO B 149 18.59 84.66 27.10
CA PRO B 149 18.49 85.78 26.16
C PRO B 149 17.75 85.41 24.88
N LYS B 150 17.21 86.42 24.20
CA LYS B 150 16.43 86.22 22.98
C LYS B 150 17.26 85.67 21.81
N PRO B 151 18.50 86.17 21.63
CA PRO B 151 19.36 85.61 20.58
C PRO B 151 19.79 84.17 20.84
N VAL B 152 19.96 83.80 22.11
CA VAL B 152 20.34 82.43 22.49
C VAL B 152 19.18 81.47 22.24
N GLN B 153 17.95 81.93 22.50
CA GLN B 153 16.75 81.15 22.19
C GLN B 153 16.62 80.94 20.68
N ASP B 154 16.94 81.98 19.90
CA ASP B 154 16.93 81.90 18.44
C ASP B 154 18.02 80.96 17.91
N LEU B 155 19.13 80.86 18.63
CA LEU B 155 20.21 79.95 18.25
C LEU B 155 19.76 78.50 18.35
N ILE B 156 19.11 78.15 19.46
CA ILE B 156 18.51 76.82 19.63
C ILE B 156 17.40 76.61 18.60
N LYS B 157 16.55 77.62 18.43
CA LYS B 157 15.49 77.61 17.42
C LYS B 157 16.04 77.27 16.03
N MET B 158 17.21 77.81 15.73
CA MET B 158 17.85 77.64 14.43
C MET B 158 18.51 76.26 14.27
N ILE B 159 19.21 75.80 15.30
CA ILE B 159 19.98 74.56 15.22
C ILE B 159 19.23 73.30 15.70
N PHE B 160 18.01 73.45 16.18
CA PHE B 160 17.19 72.30 16.58
C PHE B 160 15.87 72.18 15.82
N ASP B 161 15.69 72.98 14.78
CA ASP B 161 14.57 72.80 13.85
C ASP B 161 14.94 71.68 12.89
N VAL B 162 14.40 70.49 13.13
CA VAL B 162 14.81 69.29 12.40
C VAL B 162 14.08 69.17 11.06
N GLU B 163 12.93 69.83 10.92
CA GLU B 163 12.21 69.88 9.64
C GLU B 163 13.01 70.67 8.61
N SER B 164 13.77 71.66 9.07
CA SER B 164 14.71 72.39 8.22
C SER B 164 15.85 71.47 7.78
N MET B 165 16.27 70.58 8.68
CA MET B 165 17.29 69.58 8.37
C MET B 165 16.76 68.51 7.42
N LYS B 166 15.47 68.21 7.50
CA LYS B 166 14.82 67.27 6.58
C LYS B 166 14.87 67.82 5.16
N LYS B 167 14.40 69.06 4.99
CA LYS B 167 14.48 69.76 3.71
C LYS B 167 15.90 69.73 3.13
N ALA B 168 16.88 69.92 4.00
CA ALA B 168 18.29 69.91 3.61
C ALA B 168 18.70 68.60 2.91
N MET B 169 18.07 67.50 3.31
CA MET B 169 18.35 66.18 2.71
C MET B 169 17.60 65.92 1.42
N VAL B 170 16.53 66.68 1.16
CA VAL B 170 15.69 66.48 -0.04
C VAL B 170 16.51 66.63 -1.33
N GLU B 171 17.43 67.58 -1.34
CA GLU B 171 18.32 67.81 -2.49
C GLU B 171 19.30 66.66 -2.72
N TYR B 172 19.68 65.97 -1.65
CA TYR B 172 20.58 64.80 -1.75
C TYR B 172 19.86 63.56 -2.31
N GLU B 173 18.53 63.59 -2.30
CA GLU B 173 17.69 62.46 -2.78
C GLU B 173 17.70 61.26 -1.82
N ILE B 174 17.91 61.52 -0.54
CA ILE B 174 17.71 60.51 0.50
C ILE B 174 16.21 60.32 0.69
N ASP B 175 15.80 59.09 1.01
CA ASP B 175 14.39 58.79 1.26
C ASP B 175 13.87 59.62 2.42
N LEU B 176 12.79 60.37 2.17
CA LEU B 176 12.24 61.30 3.16
C LEU B 176 11.16 60.65 4.02
N GLN B 177 10.55 59.58 3.50
CA GLN B 177 9.39 58.95 4.13
C GLN B 177 9.65 58.40 5.53
N LYS B 178 10.44 57.33 5.62
CA LYS B 178 10.60 56.59 6.88
C LYS B 178 12.01 56.63 7.49
N MET B 179 12.85 57.55 7.02
CA MET B 179 14.19 57.73 7.60
C MET B 179 14.22 58.46 8.95
N PRO B 180 13.24 59.35 9.23
CA PRO B 180 13.27 59.97 10.57
C PRO B 180 12.89 59.01 11.70
N LEU B 181 11.84 58.21 11.47
CA LEU B 181 11.43 57.19 12.45
C LEU B 181 12.31 55.95 12.38
N GLY B 182 12.75 55.59 11.18
CA GLY B 182 13.62 54.43 10.97
C GLY B 182 15.09 54.81 11.07
N LYS B 183 15.69 54.59 12.23
CA LYS B 183 17.11 54.89 12.45
C LYS B 183 17.99 53.86 11.75
N LEU B 184 18.75 54.30 10.76
CA LEU B 184 19.68 53.43 10.04
C LEU B 184 20.89 53.14 10.94
N SER B 185 21.34 51.89 10.94
CA SER B 185 22.36 51.43 11.89
C SER B 185 23.72 52.10 11.69
N LYS B 186 24.56 52.00 12.71
CA LYS B 186 25.90 52.61 12.69
C LYS B 186 26.86 51.74 11.88
N ARG B 187 26.75 50.43 12.03
CA ARG B 187 27.54 49.47 11.25
C ARG B 187 27.16 49.53 9.76
N GLN B 188 25.90 49.84 9.50
CA GLN B 188 25.39 50.01 8.13
C GLN B 188 26.04 51.21 7.44
N ILE B 189 26.01 52.36 8.11
CA ILE B 189 26.53 53.61 7.54
C ILE B 189 28.05 53.53 7.34
N GLN B 190 28.74 52.82 8.22
CA GLN B 190 30.17 52.57 8.06
C GLN B 190 30.47 51.75 6.79
N ALA B 191 29.61 50.79 6.49
CA ALA B 191 29.72 50.01 5.25
C ALA B 191 29.36 50.86 4.03
N ALA B 192 28.40 51.77 4.19
CA ALA B 192 28.05 52.72 3.14
C ALA B 192 29.22 53.66 2.84
N TYR B 193 29.91 54.09 3.90
CA TYR B 193 31.16 54.86 3.77
C TYR B 193 32.22 54.04 3.03
N SER B 194 32.35 52.78 3.42
CA SER B 194 33.34 51.88 2.83
C SER B 194 33.11 51.68 1.33
N ILE B 195 31.84 51.58 0.93
CA ILE B 195 31.49 51.44 -0.49
C ILE B 195 31.91 52.68 -1.27
N LEU B 196 31.67 53.87 -0.71
CA LEU B 196 32.08 55.12 -1.34
C LEU B 196 33.60 55.20 -1.50
N SER B 197 34.33 54.79 -0.47
CA SER B 197 35.80 54.78 -0.53
C SER B 197 36.33 53.76 -1.55
N GLU B 198 35.58 52.66 -1.74
CA GLU B 198 35.90 51.68 -2.78
C GLU B 198 35.67 52.25 -4.18
N VAL B 199 34.66 53.11 -4.33
CA VAL B 199 34.34 53.72 -5.63
C VAL B 199 35.46 54.67 -6.06
N GLN B 200 35.91 55.53 -5.15
CA GLN B 200 36.99 56.47 -5.43
C GLN B 200 38.26 55.72 -5.84
N GLN B 201 38.56 54.64 -5.13
CA GLN B 201 39.69 53.77 -5.47
C GLN B 201 39.50 53.19 -6.87
N ALA B 202 38.28 52.77 -7.18
CA ALA B 202 37.95 52.22 -8.50
C ALA B 202 38.01 53.29 -9.59
N VAL B 203 37.57 54.50 -9.27
CA VAL B 203 37.58 55.63 -10.21
C VAL B 203 39.00 56.12 -10.48
N SER B 204 39.82 56.18 -9.43
CA SER B 204 41.19 56.70 -9.52
C SER B 204 42.06 55.93 -10.51
N GLN B 205 41.99 54.60 -10.45
CA GLN B 205 42.79 53.73 -11.34
C GLN B 205 41.96 53.11 -12.46
N GLY B 206 40.94 53.83 -12.91
CA GLY B 206 40.11 53.44 -14.05
C GLY B 206 39.72 51.97 -14.09
N SER B 207 39.09 51.50 -13.01
CA SER B 207 38.67 50.10 -12.91
C SER B 207 37.48 49.78 -13.81
N SER B 208 37.13 48.51 -13.89
CA SER B 208 36.06 48.04 -14.77
C SER B 208 34.71 48.71 -14.50
N ASP B 209 33.85 48.72 -15.52
CA ASP B 209 32.50 49.24 -15.37
C ASP B 209 31.68 48.37 -14.43
N SER B 210 31.90 47.06 -14.49
CA SER B 210 31.25 46.10 -13.59
C SER B 210 31.64 46.35 -12.14
N GLN B 211 32.93 46.56 -11.89
CA GLN B 211 33.44 46.94 -10.57
C GLN B 211 32.71 48.16 -10.04
N ILE B 212 32.58 49.19 -10.88
CA ILE B 212 31.85 50.40 -10.52
C ILE B 212 30.35 50.14 -10.39
N LEU B 213 29.79 49.36 -11.31
CA LEU B 213 28.36 49.02 -11.29
C LEU B 213 27.99 48.38 -9.95
N ASP B 214 28.83 47.46 -9.47
CA ASP B 214 28.61 46.76 -8.21
C ASP B 214 28.52 47.72 -7.03
N LEU B 215 29.49 48.61 -6.92
CA LEU B 215 29.55 49.54 -5.80
C LEU B 215 28.40 50.53 -5.83
N SER B 216 28.00 50.95 -7.03
CA SER B 216 26.85 51.83 -7.21
C SER B 216 25.57 51.10 -6.79
N ASN B 217 25.41 49.85 -7.22
CA ASN B 217 24.30 49.01 -6.77
C ASN B 217 24.34 48.85 -5.25
N ARG B 218 25.48 48.39 -4.74
CA ARG B 218 25.67 48.16 -3.31
C ARG B 218 25.28 49.36 -2.45
N PHE B 219 25.69 50.55 -2.87
CA PHE B 219 25.44 51.77 -2.10
C PHE B 219 23.95 52.11 -2.02
N TYR B 220 23.27 52.14 -3.17
CA TYR B 220 21.85 52.51 -3.23
C TYR B 220 20.95 51.45 -2.60
N THR B 221 21.40 50.19 -2.56
CA THR B 221 20.69 49.15 -1.81
C THR B 221 20.80 49.46 -0.33
N LEU B 222 22.02 49.74 0.12
CA LEU B 222 22.33 49.94 1.53
C LEU B 222 21.70 51.22 2.09
N ILE B 223 21.70 52.27 1.27
CA ILE B 223 21.05 53.55 1.63
C ILE B 223 19.95 53.84 0.61
N PRO B 224 18.68 53.74 1.04
CA PRO B 224 17.56 53.93 0.11
C PRO B 224 17.41 55.37 -0.37
N HIS B 225 17.50 55.56 -1.69
CA HIS B 225 17.37 56.88 -2.30
C HIS B 225 16.00 57.01 -2.98
N ASP B 226 15.60 58.24 -3.28
CA ASP B 226 14.36 58.53 -3.99
C ASP B 226 14.67 59.24 -5.30
N PHE B 227 14.67 58.48 -6.40
CA PHE B 227 14.86 59.04 -7.73
C PHE B 227 13.56 59.12 -8.51
N GLY B 228 12.46 58.73 -7.87
CA GLY B 228 11.15 58.72 -8.53
C GLY B 228 11.04 57.59 -9.54
N MET B 229 10.76 57.95 -10.79
CA MET B 229 10.56 56.96 -11.86
C MET B 229 11.79 56.80 -12.78
N LYS B 230 12.91 57.41 -12.43
CA LYS B 230 14.13 57.32 -13.25
C LYS B 230 15.23 56.51 -12.56
N LYS B 231 16.22 56.10 -13.37
CA LYS B 231 17.25 55.16 -12.93
C LYS B 231 18.23 55.80 -11.95
N PRO B 232 18.68 55.04 -10.93
CA PRO B 232 19.78 55.48 -10.08
C PRO B 232 21.06 55.74 -10.87
N PRO B 233 21.66 56.94 -10.71
CA PRO B 233 22.84 57.29 -11.49
C PRO B 233 24.12 56.63 -10.98
N LEU B 234 24.98 56.20 -11.90
CA LEU B 234 26.22 55.49 -11.55
C LEU B 234 27.22 56.42 -10.86
N LEU B 235 27.85 55.91 -9.80
CA LEU B 235 28.89 56.65 -9.11
C LEU B 235 30.22 56.47 -9.86
N ASN B 236 30.39 57.26 -10.91
CA ASN B 236 31.58 57.17 -11.78
C ASN B 236 32.53 58.37 -11.67
N ASN B 237 32.03 59.50 -11.16
CA ASN B 237 32.83 60.71 -11.05
C ASN B 237 33.64 60.75 -9.75
N ALA B 238 34.53 61.72 -9.66
CA ALA B 238 35.32 61.95 -8.45
C ALA B 238 34.55 62.78 -7.42
N ASP B 239 33.66 63.65 -7.90
CA ASP B 239 32.86 64.51 -7.02
C ASP B 239 31.48 63.93 -6.70
N SER B 240 31.08 62.87 -7.40
CA SER B 240 29.82 62.17 -7.11
C SER B 240 29.94 61.42 -5.79
N VAL B 241 31.06 60.73 -5.60
CA VAL B 241 31.37 60.09 -4.31
C VAL B 241 31.51 61.14 -3.20
N GLN B 242 32.14 62.27 -3.50
CA GLN B 242 32.26 63.36 -2.54
C GLN B 242 30.89 63.91 -2.13
N ALA B 243 29.99 64.01 -3.11
CA ALA B 243 28.62 64.46 -2.84
C ALA B 243 27.88 63.48 -1.93
N LYS B 244 28.03 62.19 -2.20
CA LYS B 244 27.42 61.15 -1.37
C LYS B 244 28.15 60.98 -0.03
N VAL B 245 29.43 61.35 0.00
CA VAL B 245 30.17 61.36 1.26
C VAL B 245 29.67 62.49 2.16
N GLU B 246 29.44 63.65 1.57
CA GLU B 246 28.89 64.80 2.28
C GLU B 246 27.48 64.52 2.80
N MET B 247 26.68 63.80 2.00
CA MET B 247 25.35 63.37 2.39
C MET B 247 25.38 62.58 3.70
N LEU B 248 26.22 61.56 3.75
CA LEU B 248 26.35 60.71 4.94
C LEU B 248 26.79 61.51 6.16
N ASP B 249 27.71 62.46 5.96
CA ASP B 249 28.17 63.35 7.04
C ASP B 249 27.01 64.18 7.60
N ASN B 250 26.20 64.76 6.72
CA ASN B 250 25.04 65.54 7.12
C ASN B 250 23.93 64.67 7.73
N LEU B 251 23.61 63.57 7.04
CA LEU B 251 22.62 62.61 7.52
C LEU B 251 22.94 62.13 8.94
N LEU B 252 24.21 61.86 9.19
CA LEU B 252 24.66 61.41 10.52
C LEU B 252 24.32 62.46 11.58
N ASP B 253 24.64 63.72 11.29
CA ASP B 253 24.42 64.82 12.24
C ASP B 253 22.95 65.10 12.55
N ILE B 254 22.05 64.75 11.63
CA ILE B 254 20.62 64.88 11.85
C ILE B 254 20.13 63.83 12.84
N GLU B 255 20.61 62.60 12.68
CA GLU B 255 20.31 61.51 13.61
C GLU B 255 20.94 61.78 14.98
N VAL B 256 22.07 62.48 14.99
CA VAL B 256 22.69 62.95 16.23
C VAL B 256 21.83 64.03 16.87
N ALA B 257 21.34 64.97 16.05
CA ALA B 257 20.46 66.04 16.54
C ALA B 257 19.15 65.47 17.12
N TYR B 258 18.66 64.38 16.55
CA TYR B 258 17.53 63.64 17.11
C TYR B 258 17.90 63.01 18.45
N SER B 259 19.07 62.39 18.51
CA SER B 259 19.55 61.71 19.73
C SER B 259 19.64 62.65 20.92
N LEU B 260 20.04 63.90 20.67
CA LEU B 260 20.04 64.93 21.70
C LEU B 260 18.60 65.30 22.08
N LEU B 261 17.81 65.67 21.07
CA LEU B 261 16.43 66.12 21.28
C LEU B 261 15.57 65.09 21.99
N ARG B 262 15.68 63.82 21.57
CA ARG B 262 14.95 62.73 22.20
C ARG B 262 15.71 62.21 23.43
N GLY B 263 15.25 62.59 24.62
CA GLY B 263 15.86 62.10 25.86
C GLY B 263 15.79 63.09 27.01
N GLY B 264 16.62 62.87 28.02
CA GLY B 264 16.65 63.72 29.21
C GLY B 264 15.70 63.24 30.29
N SER B 265 15.29 64.17 31.16
CA SER B 265 14.35 63.87 32.24
C SER B 265 13.14 64.80 32.15
N ASP B 266 12.04 64.29 31.59
CA ASP B 266 10.83 65.08 31.40
C ASP B 266 10.08 65.30 32.70
N ASP B 267 10.55 66.28 33.48
CA ASP B 267 9.91 66.66 34.74
C ASP B 267 9.43 68.11 34.65
N SER B 268 8.26 68.37 35.25
CA SER B 268 7.65 69.70 35.21
C SER B 268 8.43 70.68 36.09
N SER B 269 9.45 71.31 35.51
CA SER B 269 10.27 72.29 36.22
C SER B 269 10.92 73.27 35.25
N LYS B 270 11.80 72.76 34.39
CA LYS B 270 12.51 73.58 33.41
C LYS B 270 11.64 73.83 32.17
N ASP B 271 12.06 74.78 31.34
CA ASP B 271 11.33 75.14 30.12
C ASP B 271 11.86 74.35 28.92
N PRO B 272 11.04 74.24 27.84
CA PRO B 272 11.43 73.43 26.67
C PRO B 272 12.73 73.86 26.00
N ILE B 273 12.96 75.16 25.89
CA ILE B 273 14.18 75.69 25.27
C ILE B 273 15.39 75.43 26.18
N ASP B 274 15.19 75.54 27.49
CA ASP B 274 16.24 75.27 28.48
C ASP B 274 16.66 73.79 28.49
N VAL B 275 15.71 72.89 28.24
CA VAL B 275 16.00 71.47 28.17
C VAL B 275 16.98 71.18 27.01
N ASN B 276 16.71 71.79 25.86
CA ASN B 276 17.58 71.65 24.69
C ASN B 276 18.91 72.39 24.82
N TYR B 277 18.93 73.46 25.63
CA TYR B 277 20.17 74.21 25.90
C TYR B 277 21.15 73.37 26.73
N GLU B 278 20.63 72.74 27.77
CA GLU B 278 21.44 71.89 28.65
C GLU B 278 21.95 70.65 27.92
N LYS B 279 21.22 70.20 26.91
CA LYS B 279 21.62 69.06 26.09
C LYS B 279 22.81 69.37 25.18
N LEU B 280 22.96 70.64 24.78
CA LEU B 280 24.10 71.07 23.98
C LEU B 280 25.43 70.95 24.74
N LYS B 281 25.36 71.00 26.07
CA LYS B 281 26.53 70.81 26.94
C LYS B 281 27.58 71.90 26.69
N THR B 282 27.13 73.14 26.61
CA THR B 282 28.02 74.29 26.36
C THR B 282 27.51 75.53 27.07
N ASP B 283 28.42 76.44 27.40
CA ASP B 283 28.08 77.73 28.01
C ASP B 283 28.17 78.84 26.96
N ILE B 284 27.03 79.21 26.41
CA ILE B 284 26.95 80.24 25.37
C ILE B 284 26.59 81.59 26.00
N LYS B 285 27.29 82.64 25.57
CA LYS B 285 27.04 84.00 26.02
C LYS B 285 26.94 84.95 24.84
N VAL B 286 26.19 86.04 25.00
CA VAL B 286 26.02 87.03 23.95
C VAL B 286 27.02 88.17 24.14
N VAL B 287 27.95 88.30 23.20
CA VAL B 287 28.89 89.43 23.20
C VAL B 287 28.12 90.66 22.71
N ASP B 288 28.12 91.72 23.51
CA ASP B 288 27.39 92.94 23.17
C ASP B 288 28.08 93.66 22.01
N ARG B 289 27.29 94.38 21.21
CA ARG B 289 27.81 95.12 20.06
C ARG B 289 28.68 96.30 20.51
N ASP B 290 28.40 96.84 21.69
CA ASP B 290 29.19 97.93 22.27
C ASP B 290 30.57 97.47 22.76
N SER B 291 30.75 96.16 22.94
CA SER B 291 32.01 95.60 23.42
C SER B 291 33.16 95.90 22.46
N GLU B 292 34.37 96.05 23.02
CA GLU B 292 35.56 96.36 22.24
C GLU B 292 36.06 95.15 21.47
N GLU B 293 35.90 93.96 22.05
CA GLU B 293 36.25 92.71 21.37
C GLU B 293 35.30 92.38 20.21
N ALA B 294 34.06 92.87 20.30
CA ALA B 294 33.07 92.69 19.24
C ALA B 294 33.44 93.46 17.98
N GLU B 295 34.10 94.61 18.17
CA GLU B 295 34.58 95.43 17.05
C GLU B 295 35.70 94.72 16.28
N ILE B 296 36.47 93.87 16.97
CA ILE B 296 37.57 93.12 16.35
C ILE B 296 37.01 92.06 15.41
N ILE B 297 35.98 91.35 15.85
CA ILE B 297 35.34 90.31 15.03
C ILE B 297 34.68 90.91 13.79
N ARG B 298 33.90 91.97 13.98
CA ARG B 298 33.27 92.67 12.85
C ARG B 298 34.31 93.21 11.87
N LYS B 299 35.48 93.59 12.39
CA LYS B 299 36.61 93.98 11.56
C LYS B 299 37.15 92.76 10.82
N TYR B 300 37.31 91.66 11.55
CA TYR B 300 37.80 90.39 11.00
C TYR B 300 36.86 89.85 9.89
N VAL B 301 35.57 90.11 10.04
CA VAL B 301 34.57 89.75 9.03
C VAL B 301 34.69 90.69 7.81
N LYS B 302 34.61 91.99 8.07
CA LYS B 302 34.65 93.01 7.02
C LYS B 302 35.96 93.00 6.23
N ASN B 303 37.08 92.79 6.93
CA ASN B 303 38.41 92.88 6.32
C ASN B 303 38.73 91.68 5.44
N THR B 304 38.51 90.48 5.98
CA THR B 304 38.95 89.24 5.32
C THR B 304 37.86 88.62 4.45
N HIS B 305 37.23 89.45 3.61
CA HIS B 305 36.31 88.95 2.58
C HIS B 305 37.11 88.77 1.29
N ALA B 306 36.85 87.66 0.59
CA ALA B 306 37.63 87.30 -0.58
C ALA B 306 37.23 88.14 -1.80
N THR B 307 38.23 88.58 -2.55
CA THR B 307 38.00 89.34 -3.79
C THR B 307 37.30 88.51 -4.86
N THR B 308 37.58 87.20 -4.87
CA THR B 308 36.99 86.29 -5.85
C THR B 308 35.58 85.85 -5.46
N HIS B 309 35.30 85.76 -4.16
CA HIS B 309 33.97 85.37 -3.67
C HIS B 309 33.07 86.60 -3.56
N ASN B 310 32.76 87.21 -4.70
CA ASN B 310 31.93 88.41 -4.75
C ASN B 310 30.45 88.11 -5.03
N ALA B 311 30.06 86.84 -4.91
CA ALA B 311 28.69 86.42 -5.14
C ALA B 311 27.73 86.90 -4.05
N TYR B 312 28.25 87.08 -2.83
CA TYR B 312 27.44 87.52 -1.70
C TYR B 312 28.17 88.55 -0.83
N ASP B 313 27.43 89.14 0.10
CA ASP B 313 27.95 90.15 1.02
C ASP B 313 27.49 89.83 2.44
N LEU B 314 28.45 89.75 3.36
CA LEU B 314 28.15 89.37 4.75
C LEU B 314 27.54 90.52 5.55
N GLU B 315 26.93 90.16 6.68
CA GLU B 315 26.31 91.12 7.58
C GLU B 315 26.11 90.45 8.94
N VAL B 316 26.97 90.78 9.90
CA VAL B 316 26.98 90.11 11.20
C VAL B 316 25.75 90.49 12.02
N ILE B 317 24.86 89.53 12.22
CA ILE B 317 23.66 89.73 13.02
C ILE B 317 24.03 89.65 14.50
N ASP B 318 24.75 88.60 14.88
CA ASP B 318 25.11 88.36 16.29
C ASP B 318 26.54 87.83 16.47
N ILE B 319 27.06 88.02 17.68
CA ILE B 319 28.33 87.44 18.11
C ILE B 319 28.06 86.66 19.40
N PHE B 320 28.39 85.36 19.39
CA PHE B 320 28.24 84.52 20.58
C PHE B 320 29.61 84.02 21.04
N LYS B 321 29.93 84.25 22.32
CA LYS B 321 31.10 83.63 22.93
C LYS B 321 30.72 82.24 23.38
N ILE B 322 31.44 81.23 22.89
CA ILE B 322 31.09 79.83 23.12
C ILE B 322 32.15 79.11 23.96
N GLU B 323 31.70 78.30 24.91
CA GLU B 323 32.57 77.59 25.82
C GLU B 323 32.04 76.16 26.02
N ARG B 324 32.69 75.19 25.38
CA ARG B 324 32.26 73.80 25.44
C ARG B 324 32.59 73.15 26.79
N GLU B 325 31.90 72.05 27.09
CA GLU B 325 32.10 71.31 28.34
C GLU B 325 33.42 70.55 28.31
N GLY B 326 34.40 71.05 29.07
CA GLY B 326 35.69 70.38 29.19
C GLY B 326 36.61 70.53 27.98
N GLU B 327 36.33 71.52 27.13
CA GLU B 327 37.19 71.79 25.97
C GLU B 327 38.45 72.54 26.38
N CYS B 328 38.39 73.23 27.52
CA CYS B 328 39.56 73.89 28.09
C CYS B 328 40.43 72.89 28.84
N GLN B 329 39.81 71.83 29.36
CA GLN B 329 40.53 70.76 30.06
C GLN B 329 41.43 69.97 29.11
N ARG B 330 40.91 69.72 27.90
CA ARG B 330 41.66 68.98 26.87
C ARG B 330 42.64 69.87 26.08
N TYR B 331 42.40 71.18 26.08
CA TYR B 331 43.21 72.14 25.32
C TYR B 331 44.41 72.67 26.13
N LYS B 332 44.34 72.51 27.45
CA LYS B 332 45.45 72.90 28.35
C LYS B 332 46.83 72.48 27.83
N PRO B 333 46.99 71.23 27.38
CA PRO B 333 48.24 70.79 26.75
C PRO B 333 48.80 71.73 25.67
N PHE B 334 47.92 72.26 24.82
CA PHE B 334 48.34 73.04 23.64
C PHE B 334 48.40 74.55 23.87
N LYS B 335 48.12 74.99 25.10
CA LYS B 335 48.36 76.39 25.47
C LYS B 335 49.86 76.62 25.69
N GLN B 336 50.61 75.54 25.91
CA GLN B 336 52.07 75.58 25.95
C GLN B 336 52.63 75.76 24.54
N LEU B 337 51.91 75.21 23.55
CA LEU B 337 52.33 75.23 22.16
C LEU B 337 52.32 76.65 21.59
N HIS B 338 53.35 76.98 20.80
CA HIS B 338 53.48 78.30 20.19
C HIS B 338 52.60 78.42 18.94
N ASN B 339 52.61 79.61 18.34
CA ASN B 339 51.89 79.86 17.09
C ASN B 339 50.41 79.44 17.16
N ARG B 340 49.65 80.14 17.98
CA ARG B 340 48.22 79.90 18.12
C ARG B 340 47.43 80.97 17.37
N ARG B 341 46.50 80.54 16.53
CA ARG B 341 45.79 81.44 15.62
C ARG B 341 44.28 81.32 15.76
N LEU B 342 43.60 82.47 15.74
CA LEU B 342 42.14 82.53 15.79
C LEU B 342 41.63 82.52 14.35
N LEU B 343 41.07 81.38 13.92
CA LEU B 343 40.75 81.14 12.51
C LEU B 343 39.29 80.75 12.29
N TRP B 344 38.79 81.03 11.08
CA TRP B 344 37.40 80.74 10.72
C TRP B 344 37.19 79.27 10.40
N HIS B 345 35.96 78.80 10.64
CA HIS B 345 35.53 77.47 10.22
C HIS B 345 34.02 77.44 10.05
N GLY B 346 33.57 77.28 8.81
CA GLY B 346 32.14 77.25 8.50
C GLY B 346 31.64 75.84 8.25
N SER B 347 30.36 75.63 8.55
CA SER B 347 29.71 74.35 8.31
C SER B 347 28.20 74.55 8.28
N ARG B 348 27.47 73.56 7.76
CA ARG B 348 26.02 73.65 7.64
C ARG B 348 25.34 73.92 8.98
N THR B 349 24.26 74.69 8.95
CA THR B 349 23.45 74.96 10.14
C THR B 349 22.93 73.66 10.79
N THR B 350 22.80 72.61 9.99
CA THR B 350 22.38 71.30 10.48
C THR B 350 23.44 70.65 11.38
N ASN B 351 24.71 70.87 11.06
CA ASN B 351 25.82 70.27 11.78
C ASN B 351 26.07 70.90 13.16
N PHE B 352 25.70 72.17 13.32
CA PHE B 352 25.98 72.90 14.57
C PHE B 352 25.27 72.33 15.80
N ALA B 353 24.24 71.52 15.60
CA ALA B 353 23.62 70.78 16.69
C ALA B 353 24.62 69.77 17.28
N GLY B 354 25.37 69.12 16.41
CA GLY B 354 26.37 68.14 16.82
C GLY B 354 27.73 68.73 17.14
N ILE B 355 28.10 69.82 16.46
CA ILE B 355 29.39 70.48 16.66
C ILE B 355 29.51 71.06 18.08
N LEU B 356 28.41 71.56 18.61
CA LEU B 356 28.39 72.08 19.99
C LEU B 356 28.50 70.96 21.02
N SER B 357 27.81 69.84 20.79
CA SER B 357 27.75 68.74 21.75
C SER B 357 29.02 67.89 21.78
N GLN B 358 29.66 67.70 20.63
CA GLN B 358 30.84 66.83 20.52
C GLN B 358 32.12 67.56 20.11
N GLY B 359 32.03 68.87 19.86
CA GLY B 359 33.18 69.63 19.35
C GLY B 359 33.39 69.36 17.87
N LEU B 360 34.48 69.89 17.32
CA LEU B 360 34.82 69.61 15.92
C LEU B 360 35.51 68.25 15.81
N ARG B 361 34.99 67.41 14.92
CA ARG B 361 35.44 66.02 14.79
C ARG B 361 36.08 65.78 13.42
N ILE B 362 37.02 64.86 13.38
CA ILE B 362 37.68 64.46 12.14
C ILE B 362 36.80 63.42 11.45
N ALA B 363 36.87 63.36 10.12
CA ALA B 363 36.13 62.37 9.34
C ALA B 363 36.52 60.95 9.78
N PRO B 364 35.55 60.01 9.76
CA PRO B 364 35.85 58.64 10.18
C PRO B 364 36.82 57.93 9.25
N PRO B 365 37.46 56.84 9.72
CA PRO B 365 38.46 56.13 8.93
C PRO B 365 37.88 55.37 7.73
N GLU B 366 36.59 55.04 7.79
CA GLU B 366 35.92 54.34 6.70
C GLU B 366 35.60 55.28 5.54
N ALA B 367 35.39 56.56 5.85
CA ALA B 367 34.99 57.56 4.85
C ALA B 367 36.06 57.78 3.78
N PRO B 368 35.65 58.28 2.60
CA PRO B 368 36.61 58.55 1.53
C PRO B 368 37.42 59.82 1.79
N VAL B 369 38.61 59.88 1.20
CA VAL B 369 39.50 61.04 1.35
C VAL B 369 39.19 62.12 0.29
N THR B 370 38.26 61.83 -0.62
CA THR B 370 37.89 62.75 -1.70
C THR B 370 37.27 64.03 -1.15
N GLY B 371 37.60 65.16 -1.77
CA GLY B 371 37.12 66.46 -1.33
C GLY B 371 38.13 67.16 -0.46
N TYR B 372 38.74 66.42 0.46
CA TYR B 372 39.78 66.95 1.33
C TYR B 372 41.07 67.17 0.55
N MET B 373 41.73 68.30 0.82
CA MET B 373 42.96 68.66 0.11
C MET B 373 44.16 67.90 0.68
N PHE B 374 44.26 67.88 2.01
CA PHE B 374 45.40 67.26 2.70
C PHE B 374 44.96 66.20 3.70
N GLY B 375 44.01 65.36 3.30
CA GLY B 375 43.54 64.25 4.13
C GLY B 375 42.53 64.66 5.18
N LYS B 376 42.09 63.68 5.97
CA LYS B 376 41.03 63.88 6.96
C LYS B 376 41.55 64.62 8.19
N GLY B 377 40.83 65.68 8.58
CA GLY B 377 41.22 66.51 9.72
C GLY B 377 40.33 67.73 9.80
N ILE B 378 40.53 68.57 10.81
CA ILE B 378 39.74 69.79 10.96
C ILE B 378 40.39 70.88 10.13
N TYR B 379 39.63 71.43 9.17
CA TYR B 379 40.14 72.48 8.28
C TYR B 379 39.71 73.87 8.78
N PHE B 380 40.58 74.84 8.60
CA PHE B 380 40.33 76.23 8.99
C PHE B 380 40.81 77.20 7.93
N ALA B 381 40.25 78.40 7.93
CA ALA B 381 40.66 79.47 7.02
C ALA B 381 40.88 80.77 7.77
N ASP B 382 41.77 81.60 7.25
CA ASP B 382 42.01 82.93 7.80
C ASP B 382 41.02 83.97 7.25
N MET B 383 40.28 83.59 6.21
CA MET B 383 39.28 84.48 5.60
C MET B 383 37.87 84.01 5.94
N VAL B 384 37.02 84.94 6.33
CA VAL B 384 35.63 84.62 6.71
C VAL B 384 34.82 84.10 5.53
N SER B 385 35.10 84.63 4.34
CA SER B 385 34.35 84.29 3.14
C SER B 385 34.55 82.84 2.73
N LYS B 386 35.81 82.41 2.64
CA LYS B 386 36.15 81.03 2.26
C LYS B 386 35.45 80.02 3.17
N SER B 387 35.45 80.30 4.47
CA SER B 387 34.75 79.46 5.44
C SER B 387 33.23 79.61 5.34
N ALA B 388 32.76 80.83 5.04
CA ALA B 388 31.32 81.12 4.95
C ALA B 388 30.60 80.35 3.84
N ASN B 389 31.34 79.90 2.83
CA ASN B 389 30.76 79.08 1.76
C ASN B 389 30.26 77.72 2.25
N TYR B 390 30.83 77.22 3.34
CA TYR B 390 30.44 75.93 3.91
C TYR B 390 29.18 75.99 4.76
N CYS B 391 28.67 77.19 5.01
CA CYS B 391 27.38 77.38 5.67
C CYS B 391 26.23 76.91 4.76
N HIS B 392 26.45 76.96 3.44
CA HIS B 392 25.45 76.58 2.45
C HIS B 392 24.16 77.36 2.61
N THR B 393 24.23 78.66 2.30
CA THR B 393 23.08 79.54 2.33
C THR B 393 22.63 79.90 0.92
N SER B 394 21.39 80.34 0.79
CA SER B 394 20.80 80.72 -0.48
C SER B 394 19.98 82.00 -0.31
N GLN B 395 19.32 82.42 -1.39
CA GLN B 395 18.46 83.61 -1.37
C GLN B 395 17.18 83.38 -0.57
N GLY B 396 16.76 82.11 -0.49
CA GLY B 396 15.59 81.71 0.30
C GLY B 396 15.92 81.48 1.76
N ASP B 397 17.11 80.94 2.02
CA ASP B 397 17.59 80.72 3.38
C ASP B 397 18.82 81.60 3.65
N PRO B 398 18.59 82.82 4.16
CA PRO B 398 19.67 83.81 4.26
C PRO B 398 20.63 83.59 5.44
N ILE B 399 20.11 83.29 6.63
CA ILE B 399 20.94 83.17 7.83
C ILE B 399 21.86 81.95 7.79
N GLY B 400 23.03 82.08 8.43
CA GLY B 400 24.03 81.01 8.48
C GLY B 400 24.99 81.19 9.63
N LEU B 401 25.57 80.07 10.09
CA LEU B 401 26.47 80.08 11.24
C LEU B 401 27.91 79.75 10.84
N ILE B 402 28.86 80.50 11.41
CA ILE B 402 30.29 80.28 11.17
C ILE B 402 31.03 80.35 12.51
N LEU B 403 32.12 79.59 12.64
CA LEU B 403 32.84 79.50 13.91
C LEU B 403 34.18 80.24 13.89
N LEU B 404 34.69 80.51 15.09
CA LEU B 404 36.02 81.06 15.29
C LEU B 404 36.69 80.32 16.44
N GLY B 405 37.71 79.53 16.12
CA GLY B 405 38.36 78.68 17.11
C GLY B 405 39.84 78.97 17.29
N GLU B 406 40.27 79.02 18.55
CA GLU B 406 41.69 79.13 18.88
C GLU B 406 42.36 77.79 18.58
N VAL B 407 42.84 77.64 17.35
CA VAL B 407 43.43 76.39 16.90
C VAL B 407 44.96 76.46 17.03
N ALA B 408 45.52 75.59 17.88
CA ALA B 408 46.95 75.57 18.12
C ALA B 408 47.67 74.92 16.94
N LEU B 409 48.20 75.75 16.05
CA LEU B 409 48.89 75.27 14.85
C LEU B 409 50.28 74.76 15.21
N GLY B 410 51.05 75.59 15.91
CA GLY B 410 52.39 75.23 16.34
C GLY B 410 53.38 75.24 15.19
N ASN B 411 54.33 74.30 15.23
CA ASN B 411 55.28 74.12 14.14
C ASN B 411 54.56 73.57 12.91
N MET B 412 54.48 74.40 11.86
CA MET B 412 53.61 74.11 10.72
C MET B 412 54.34 73.38 9.60
N TYR B 413 53.62 72.48 8.92
CA TYR B 413 54.13 71.82 7.72
C TYR B 413 53.49 72.48 6.51
N GLU B 414 54.28 73.27 5.79
CA GLU B 414 53.77 74.10 4.70
C GLU B 414 53.76 73.35 3.37
N LEU B 415 52.60 73.35 2.70
CA LEU B 415 52.42 72.67 1.43
C LEU B 415 51.85 73.62 0.38
N LYS B 416 52.26 73.42 -0.88
CA LYS B 416 51.81 74.25 -1.99
C LYS B 416 50.70 73.53 -2.77
N HIS B 417 51.01 72.34 -3.25
CA HIS B 417 50.06 71.53 -4.02
C HIS B 417 49.32 70.54 -3.13
N ALA B 418 48.19 70.03 -3.61
CA ALA B 418 47.38 69.07 -2.88
C ALA B 418 48.11 67.75 -2.71
N SER B 419 48.07 67.20 -1.50
CA SER B 419 48.78 65.97 -1.17
C SER B 419 48.12 65.25 0.00
N HIS B 420 47.54 64.08 -0.26
CA HIS B 420 46.84 63.31 0.77
C HIS B 420 47.86 62.67 1.72
N ILE B 421 48.00 63.24 2.91
CA ILE B 421 48.97 62.75 3.89
C ILE B 421 48.32 61.81 4.90
N SER B 422 49.09 60.83 5.37
CA SER B 422 48.64 59.88 6.37
C SER B 422 49.26 60.22 7.73
N LYS B 423 50.59 60.30 7.74
CA LYS B 423 51.35 60.64 8.94
C LYS B 423 52.10 61.95 8.73
N LEU B 424 52.16 62.78 9.76
CA LEU B 424 52.82 64.08 9.68
C LEU B 424 54.34 63.89 9.76
N PRO B 425 55.12 64.83 9.18
CA PRO B 425 56.57 64.81 9.39
C PRO B 425 56.91 65.07 10.86
N LYS B 426 58.12 64.65 11.28
CA LYS B 426 58.53 64.78 12.68
C LYS B 426 58.54 66.23 13.14
N GLY B 427 58.04 66.46 14.36
CA GLY B 427 58.04 67.79 14.96
C GLY B 427 56.95 68.73 14.47
N LYS B 428 56.12 68.27 13.52
CA LYS B 428 55.07 69.09 12.94
C LYS B 428 53.74 68.75 13.61
N HIS B 429 53.06 69.78 14.11
CA HIS B 429 51.78 69.60 14.82
C HIS B 429 50.59 70.02 13.96
N SER B 430 50.85 70.52 12.75
CA SER B 430 49.80 70.97 11.84
C SER B 430 50.30 71.09 10.41
N VAL B 431 49.38 71.35 9.48
CA VAL B 431 49.70 71.54 8.07
C VAL B 431 49.10 72.86 7.58
N LYS B 432 49.79 73.52 6.65
CA LYS B 432 49.32 74.77 6.07
C LYS B 432 49.30 74.70 4.56
N GLY B 433 48.15 75.02 3.97
CA GLY B 433 48.02 75.15 2.52
C GLY B 433 48.32 76.60 2.14
N LEU B 434 49.46 76.81 1.48
CA LEU B 434 49.90 78.16 1.12
C LEU B 434 49.10 78.68 -0.08
N GLY B 435 48.48 79.84 0.09
CA GLY B 435 47.66 80.46 -0.96
C GLY B 435 48.32 81.67 -1.58
N LYS B 436 47.70 82.18 -2.66
CA LYS B 436 48.17 83.40 -3.33
C LYS B 436 47.97 84.61 -2.43
N THR B 437 46.72 84.80 -2.00
CA THR B 437 46.36 85.93 -1.13
C THR B 437 46.49 85.52 0.34
N THR B 438 47.01 86.44 1.15
CA THR B 438 47.14 86.23 2.59
C THR B 438 46.83 87.54 3.32
N PRO B 439 46.16 87.45 4.49
CA PRO B 439 45.92 88.67 5.28
C PRO B 439 47.23 89.28 5.75
N ASP B 440 47.32 90.61 5.68
CA ASP B 440 48.58 91.32 5.95
C ASP B 440 49.22 90.89 7.27
N PRO B 441 50.41 90.24 7.20
CA PRO B 441 51.09 89.79 8.42
C PRO B 441 51.66 90.92 9.27
N SER B 442 51.82 92.11 8.69
CA SER B 442 52.26 93.29 9.44
C SER B 442 51.09 94.04 10.11
N ALA B 443 49.89 93.47 10.02
CA ALA B 443 48.70 94.02 10.68
C ALA B 443 47.95 92.93 11.45
N ASN B 444 48.71 92.01 12.05
CA ASN B 444 48.13 90.89 12.81
C ASN B 444 47.88 91.28 14.26
N ILE B 445 46.63 91.59 14.57
CA ILE B 445 46.23 92.00 15.93
C ILE B 445 46.13 90.77 16.85
N SER B 446 46.48 90.96 18.12
CA SER B 446 46.40 89.90 19.12
C SER B 446 45.07 89.92 19.86
N LEU B 447 44.74 88.82 20.52
CA LEU B 447 43.47 88.69 21.24
C LEU B 447 43.55 87.59 22.30
N ASP B 448 43.67 87.99 23.56
CA ASP B 448 43.79 87.05 24.69
C ASP B 448 44.94 86.06 24.52
N GLY B 449 46.06 86.53 23.96
CA GLY B 449 47.19 85.68 23.66
C GLY B 449 46.97 84.78 22.46
N VAL B 450 46.20 85.28 21.49
CA VAL B 450 45.92 84.54 20.25
C VAL B 450 46.07 85.50 19.07
N ASP B 451 46.82 85.08 18.06
CA ASP B 451 47.10 85.93 16.90
C ASP B 451 45.92 85.94 15.93
N VAL B 452 45.30 87.10 15.76
CA VAL B 452 44.17 87.27 14.85
C VAL B 452 44.63 87.97 13.57
N PRO B 453 44.71 87.22 12.45
CA PRO B 453 45.17 87.82 11.20
C PRO B 453 44.02 88.49 10.44
N LEU B 454 43.61 89.68 10.90
CA LEU B 454 42.47 90.40 10.32
C LEU B 454 42.89 91.50 9.33
N GLY B 455 44.10 91.39 8.77
CA GLY B 455 44.56 92.31 7.74
C GLY B 455 43.94 91.98 6.39
N THR B 456 43.92 92.95 5.49
CA THR B 456 43.38 92.75 4.14
C THR B 456 44.38 91.99 3.27
N GLY B 457 43.90 91.49 2.14
CA GLY B 457 44.66 90.59 1.29
C GLY B 457 45.82 91.24 0.53
N ILE B 458 47.00 90.63 0.64
CA ILE B 458 48.15 91.00 -0.18
C ILE B 458 48.81 89.72 -0.73
N SER B 459 49.76 89.89 -1.65
CA SER B 459 50.43 88.75 -2.29
C SER B 459 51.31 87.99 -1.30
N SER B 460 51.36 86.66 -1.49
CA SER B 460 52.14 85.78 -0.60
C SER B 460 53.61 85.74 -1.02
N GLY B 461 54.42 85.05 -0.23
CA GLY B 461 55.85 84.92 -0.50
C GLY B 461 56.19 84.07 -1.71
N VAL B 462 55.38 83.04 -1.96
CA VAL B 462 55.60 82.11 -3.07
C VAL B 462 54.32 81.94 -3.90
N ASN B 463 54.47 81.89 -5.22
CA ASN B 463 53.34 81.83 -6.14
C ASN B 463 53.31 80.57 -7.01
N ASP B 464 54.02 79.52 -6.58
CA ASP B 464 54.05 78.24 -7.29
C ASP B 464 53.09 77.24 -6.63
N THR B 465 51.91 77.72 -6.24
CA THR B 465 50.93 76.91 -5.51
C THR B 465 49.64 76.74 -6.32
N SER B 466 48.87 75.71 -5.96
CA SER B 466 47.56 75.46 -6.57
C SER B 466 46.42 75.84 -5.62
N LEU B 467 46.69 76.79 -4.71
CA LEU B 467 45.69 77.32 -3.79
C LEU B 467 45.63 78.84 -3.94
N LEU B 468 44.43 79.40 -3.90
CA LEU B 468 44.24 80.84 -3.97
C LEU B 468 44.25 81.48 -2.59
N TYR B 469 43.78 80.74 -1.58
CA TYR B 469 43.75 81.23 -0.21
C TYR B 469 44.22 80.16 0.77
N ASN B 470 44.56 80.57 1.98
CA ASN B 470 45.19 79.68 2.97
C ASN B 470 44.23 78.66 3.58
N GLU B 471 44.78 77.50 3.92
CA GLU B 471 44.06 76.46 4.65
C GLU B 471 44.90 76.03 5.85
N TYR B 472 44.26 75.89 7.01
CA TYR B 472 44.94 75.47 8.23
C TYR B 472 44.32 74.16 8.73
N ILE B 473 45.15 73.13 8.84
CA ILE B 473 44.68 71.77 9.09
C ILE B 473 45.30 71.20 10.36
N VAL B 474 44.45 70.68 11.24
CA VAL B 474 44.89 69.98 12.45
C VAL B 474 44.38 68.56 12.43
N TYR B 475 45.23 67.62 12.82
CA TYR B 475 44.90 66.19 12.77
C TYR B 475 44.73 65.62 14.18
N ASP B 476 44.04 66.39 15.01
CA ASP B 476 43.76 66.03 16.39
C ASP B 476 42.68 66.96 16.91
N ILE B 477 41.58 66.39 17.40
CA ILE B 477 40.44 67.17 17.90
C ILE B 477 40.77 68.00 19.14
N ALA B 478 41.87 67.68 19.81
CA ALA B 478 42.29 68.40 21.00
C ALA B 478 42.95 69.74 20.69
N GLN B 479 43.54 69.88 19.50
CA GLN B 479 44.23 71.12 19.11
C GLN B 479 43.30 72.31 18.90
N VAL B 480 42.02 72.04 18.63
CA VAL B 480 41.03 73.11 18.45
C VAL B 480 40.37 73.49 19.79
N ASN B 481 40.07 74.78 19.92
CA ASN B 481 39.31 75.30 21.05
C ASN B 481 38.39 76.42 20.57
N LEU B 482 37.10 76.12 20.44
CA LEU B 482 36.13 77.05 19.88
C LEU B 482 35.91 78.25 20.79
N LYS B 483 36.07 79.45 20.23
CA LYS B 483 35.98 80.70 20.99
C LYS B 483 34.66 81.43 20.72
N TYR B 484 34.41 81.75 19.45
CA TYR B 484 33.23 82.52 19.06
C TYR B 484 32.38 81.83 18.00
N LEU B 485 31.06 81.94 18.15
CA LEU B 485 30.09 81.49 17.15
C LEU B 485 29.37 82.73 16.61
N LEU B 486 29.39 82.91 15.30
CA LEU B 486 28.76 84.06 14.66
C LEU B 486 27.49 83.66 13.92
N LYS B 487 26.60 84.63 13.72
CA LYS B 487 25.38 84.45 12.92
C LYS B 487 25.36 85.50 11.83
N LEU B 488 25.39 85.05 10.57
CA LEU B 488 25.63 85.93 9.43
C LEU B 488 24.48 85.91 8.42
N LYS B 489 24.03 87.10 8.02
CA LYS B 489 23.08 87.24 6.93
C LYS B 489 23.86 87.45 5.63
N PHE B 490 23.44 86.75 4.57
CA PHE B 490 24.08 86.84 3.27
C PHE B 490 23.22 87.70 2.34
N ASN B 491 23.86 88.65 1.65
CA ASN B 491 23.19 89.51 0.68
C ASN B 491 23.70 89.27 -0.73
N PHE B 492 22.86 88.62 -1.55
CA PHE B 492 23.21 88.26 -2.92
C PHE B 492 22.69 89.33 -3.88
N LYS B 493 22.89 89.12 -5.18
CA LYS B 493 22.33 89.99 -6.21
C LYS B 493 21.65 89.15 -7.30
N THR B 494 20.32 89.02 -7.19
CA THR B 494 19.52 88.28 -8.16
C THR B 494 18.17 88.96 -8.37
N ASP C 6 -37.71 -40.32 8.11
CA ASP C 6 -38.29 -41.39 8.97
C ASP C 6 -39.79 -41.54 8.70
N LYS C 7 -40.51 -40.43 8.75
CA LYS C 7 -41.95 -40.42 8.53
C LYS C 7 -42.27 -40.41 7.04
N LEU C 8 -43.51 -40.79 6.69
CA LEU C 8 -43.96 -40.75 5.30
C LEU C 8 -44.30 -39.33 4.87
N TYR C 9 -45.04 -38.61 5.72
CA TYR C 9 -45.51 -37.27 5.41
C TYR C 9 -44.71 -36.19 6.13
N ARG C 10 -44.93 -34.94 5.74
CA ARG C 10 -44.17 -33.80 6.28
CA ARG C 10 -44.18 -33.80 6.27
C ARG C 10 -44.98 -32.52 6.09
N VAL C 11 -45.05 -31.70 7.15
CA VAL C 11 -45.76 -30.42 7.09
C VAL C 11 -44.89 -29.30 7.66
N GLU C 12 -44.93 -28.14 7.02
CA GLU C 12 -44.18 -26.95 7.46
C GLU C 12 -44.67 -25.70 6.75
N TYR C 13 -44.15 -24.56 7.17
CA TYR C 13 -44.38 -23.29 6.47
C TYR C 13 -43.33 -23.16 5.38
N ALA C 14 -43.78 -22.86 4.16
CA ALA C 14 -42.90 -22.82 3.00
C ALA C 14 -41.62 -22.06 3.27
N LYS C 15 -40.49 -22.77 3.26
CA LYS C 15 -39.18 -22.17 3.48
C LYS C 15 -38.78 -21.24 2.33
N SER C 16 -39.40 -21.43 1.16
CA SER C 16 -39.29 -20.48 0.05
C SER C 16 -40.49 -20.58 -0.88
N GLY C 17 -40.85 -19.47 -1.52
CA GLY C 17 -41.95 -19.43 -2.48
C GLY C 17 -41.48 -19.82 -3.87
N ARG C 18 -40.84 -20.98 -3.95
CA ARG C 18 -40.15 -21.43 -5.16
C ARG C 18 -40.69 -22.77 -5.64
N ALA C 19 -40.82 -23.72 -4.70
CA ALA C 19 -41.30 -25.07 -5.00
C ALA C 19 -42.72 -25.05 -5.56
N SER C 20 -42.96 -25.92 -6.54
CA SER C 20 -44.30 -26.07 -7.13
C SER C 20 -45.08 -27.18 -6.44
N CYS C 21 -46.37 -27.23 -6.73
CA CYS C 21 -47.29 -28.19 -6.11
C CYS C 21 -47.57 -29.35 -7.06
N LYS C 22 -47.46 -30.58 -6.55
CA LYS C 22 -47.47 -31.77 -7.40
C LYS C 22 -48.79 -31.98 -8.14
N LYS C 23 -49.91 -31.60 -7.52
CA LYS C 23 -51.23 -31.79 -8.12
C LYS C 23 -51.54 -30.72 -9.18
N CYS C 24 -51.56 -29.46 -8.75
CA CYS C 24 -51.99 -28.36 -9.61
C CYS C 24 -50.85 -27.69 -10.38
N SER C 25 -49.62 -27.86 -9.90
CA SER C 25 -48.41 -27.36 -10.58
C SER C 25 -48.29 -25.83 -10.62
N GLU C 26 -48.56 -25.20 -9.47
CA GLU C 26 -48.32 -23.77 -9.29
C GLU C 26 -47.41 -23.56 -8.10
N SER C 27 -46.74 -22.40 -8.06
CA SER C 27 -45.76 -22.10 -7.04
C SER C 27 -46.40 -21.94 -5.66
N ILE C 28 -45.98 -22.79 -4.72
CA ILE C 28 -46.44 -22.70 -3.33
C ILE C 28 -45.74 -21.50 -2.69
N PRO C 29 -46.51 -20.46 -2.30
CA PRO C 29 -45.92 -19.21 -1.83
C PRO C 29 -45.21 -19.35 -0.47
N LYS C 30 -44.29 -18.42 -0.20
CA LYS C 30 -43.45 -18.49 1.00
C LYS C 30 -44.25 -18.30 2.29
N ASP C 31 -43.79 -18.96 3.36
CA ASP C 31 -44.42 -18.90 4.69
C ASP C 31 -45.88 -19.36 4.70
N SER C 32 -46.25 -20.21 3.75
CA SER C 32 -47.61 -20.74 3.67
C SER C 32 -47.61 -22.20 4.13
N LEU C 33 -48.68 -22.61 4.79
CA LEU C 33 -48.84 -23.98 5.24
C LEU C 33 -48.91 -24.92 4.03
N ARG C 34 -47.99 -25.87 3.97
CA ARG C 34 -47.92 -26.85 2.88
C ARG C 34 -47.62 -28.23 3.46
N MET C 35 -48.10 -29.27 2.76
CA MET C 35 -47.86 -30.64 3.18
C MET C 35 -47.13 -31.43 2.09
N ALA C 36 -46.39 -32.45 2.51
CA ALA C 36 -45.56 -33.23 1.60
C ALA C 36 -45.78 -34.73 1.80
N ILE C 37 -45.38 -35.51 0.79
CA ILE C 37 -45.31 -36.96 0.89
C ILE C 37 -43.93 -37.39 0.38
N MET C 38 -43.19 -38.10 1.23
CA MET C 38 -41.80 -38.42 0.94
C MET C 38 -41.70 -39.64 0.01
N VAL C 39 -41.05 -39.46 -1.13
CA VAL C 39 -40.87 -40.53 -2.11
C VAL C 39 -39.39 -40.79 -2.38
N GLN C 40 -39.11 -41.89 -3.06
CA GLN C 40 -37.73 -42.24 -3.44
C GLN C 40 -37.38 -41.48 -4.72
N SER C 41 -36.29 -40.72 -4.68
CA SER C 41 -35.84 -39.97 -5.85
C SER C 41 -35.21 -40.90 -6.88
N PRO C 42 -35.65 -40.82 -8.15
CA PRO C 42 -35.01 -41.61 -9.21
C PRO C 42 -33.57 -41.19 -9.51
N MET C 43 -33.22 -39.95 -9.19
CA MET C 43 -31.93 -39.37 -9.58
C MET C 43 -30.79 -39.68 -8.60
N PHE C 44 -31.13 -39.96 -7.34
CA PHE C 44 -30.12 -40.25 -6.31
C PHE C 44 -30.67 -41.08 -5.18
N ASP C 45 -29.77 -41.68 -4.40
CA ASP C 45 -30.14 -42.51 -3.26
C ASP C 45 -30.57 -41.64 -2.08
N GLY C 46 -31.84 -41.28 -2.05
CA GLY C 46 -32.39 -40.48 -0.96
C GLY C 46 -33.85 -40.15 -1.14
N LYS C 47 -34.55 -39.94 -0.02
CA LYS C 47 -35.96 -39.55 -0.04
C LYS C 47 -36.10 -38.09 -0.45
N VAL C 48 -37.21 -37.77 -1.12
CA VAL C 48 -37.47 -36.40 -1.59
C VAL C 48 -38.94 -36.04 -1.31
N PRO C 49 -39.20 -34.82 -0.82
CA PRO C 49 -40.57 -34.42 -0.54
C PRO C 49 -41.34 -34.00 -1.79
N HIS C 50 -42.54 -34.56 -1.97
CA HIS C 50 -43.46 -34.11 -3.00
C HIS C 50 -44.41 -33.06 -2.39
N TRP C 51 -44.06 -31.80 -2.56
CA TRP C 51 -44.82 -30.71 -1.93
C TRP C 51 -46.18 -30.49 -2.58
N TYR C 52 -47.20 -30.32 -1.74
CA TYR C 52 -48.55 -30.01 -2.17
C TYR C 52 -48.98 -28.70 -1.50
N HIS C 53 -49.89 -27.96 -2.15
CA HIS C 53 -50.63 -26.91 -1.48
C HIS C 53 -51.47 -27.60 -0.41
N PHE C 54 -51.58 -26.99 0.77
CA PHE C 54 -52.37 -27.59 1.85
C PHE C 54 -53.80 -27.88 1.41
N SER C 55 -54.35 -27.02 0.56
CA SER C 55 -55.66 -27.23 -0.04
C SER C 55 -55.69 -28.45 -0.96
N CYS C 56 -54.67 -28.57 -1.80
CA CYS C 56 -54.58 -29.66 -2.78
C CYS C 56 -54.24 -31.03 -2.18
N PHE C 57 -53.65 -31.04 -0.99
CA PHE C 57 -53.16 -32.27 -0.37
C PHE C 57 -54.25 -33.31 -0.12
N TRP C 58 -55.47 -32.85 0.18
CA TRP C 58 -56.55 -33.75 0.60
C TRP C 58 -57.45 -34.22 -0.56
N LYS C 59 -57.09 -33.87 -1.80
CA LYS C 59 -57.83 -34.34 -2.98
C LYS C 59 -57.12 -35.48 -3.72
N VAL C 60 -55.85 -35.71 -3.43
CA VAL C 60 -55.09 -36.81 -4.06
C VAL C 60 -55.55 -38.19 -3.55
N GLY C 61 -56.18 -38.22 -2.38
CA GLY C 61 -56.73 -39.46 -1.82
C GLY C 61 -56.03 -39.96 -0.56
N HIS C 62 -55.05 -39.21 -0.07
CA HIS C 62 -54.33 -39.59 1.15
C HIS C 62 -55.17 -39.26 2.37
N SER C 63 -55.24 -40.19 3.32
CA SER C 63 -56.04 -40.02 4.54
C SER C 63 -55.20 -40.34 5.78
N ILE C 64 -54.59 -39.31 6.35
CA ILE C 64 -53.82 -39.44 7.58
C ILE C 64 -54.78 -39.51 8.75
N ARG C 65 -54.80 -40.66 9.44
CA ARG C 65 -55.73 -40.89 10.54
C ARG C 65 -55.42 -40.00 11.74
N HIS C 66 -54.15 -39.99 12.15
CA HIS C 66 -53.69 -39.18 13.27
C HIS C 66 -52.44 -38.39 12.86
N PRO C 67 -52.62 -37.11 12.47
CA PRO C 67 -51.52 -36.26 12.00
C PRO C 67 -50.33 -36.13 12.95
N ASP C 68 -50.60 -35.97 14.24
CA ASP C 68 -49.54 -35.74 15.24
C ASP C 68 -48.52 -36.88 15.32
N VAL C 69 -48.97 -38.11 15.06
CA VAL C 69 -48.08 -39.28 15.10
C VAL C 69 -47.56 -39.70 13.73
N GLU C 70 -48.25 -39.29 12.66
CA GLU C 70 -47.89 -39.70 11.30
C GLU C 70 -47.11 -38.62 10.53
N VAL C 71 -47.58 -37.38 10.62
CA VAL C 71 -46.95 -36.26 9.90
C VAL C 71 -45.78 -35.69 10.69
N ASP C 72 -44.68 -35.43 9.99
CA ASP C 72 -43.48 -34.83 10.59
C ASP C 72 -43.60 -33.30 10.60
N GLY C 73 -43.06 -32.68 11.64
CA GLY C 73 -43.10 -31.22 11.78
C GLY C 73 -44.42 -30.68 12.31
N PHE C 74 -45.26 -31.56 12.85
CA PHE C 74 -46.58 -31.18 13.36
C PHE C 74 -46.46 -30.35 14.65
N SER C 75 -45.60 -30.78 15.56
CA SER C 75 -45.41 -30.09 16.84
C SER C 75 -44.76 -28.72 16.66
N GLU C 76 -43.93 -28.57 15.64
CA GLU C 76 -43.25 -27.31 15.36
C GLU C 76 -44.18 -26.22 14.81
N LEU C 77 -45.34 -26.62 14.28
CA LEU C 77 -46.33 -25.67 13.77
C LEU C 77 -46.91 -24.78 14.87
N ARG C 78 -47.59 -23.71 14.45
CA ARG C 78 -48.29 -22.83 15.37
C ARG C 78 -49.56 -23.55 15.86
N TRP C 79 -49.96 -23.28 17.10
CA TRP C 79 -51.04 -24.05 17.75
C TRP C 79 -52.34 -24.07 16.95
N ASP C 80 -52.78 -22.90 16.49
CA ASP C 80 -54.02 -22.79 15.70
C ASP C 80 -53.92 -23.50 14.35
N ASP C 81 -52.72 -23.52 13.77
CA ASP C 81 -52.48 -24.22 12.50
C ASP C 81 -52.47 -25.74 12.69
N GLN C 82 -52.04 -26.21 13.86
CA GLN C 82 -52.10 -27.64 14.19
C GLN C 82 -53.53 -28.15 14.21
N GLN C 83 -54.43 -27.35 14.79
CA GLN C 83 -55.85 -27.69 14.86
C GLN C 83 -56.52 -27.74 13.48
N LYS C 84 -56.05 -26.91 12.55
CA LYS C 84 -56.55 -26.92 11.17
C LYS C 84 -56.20 -28.25 10.49
N VAL C 85 -54.97 -28.72 10.71
CA VAL C 85 -54.53 -30.01 10.18
C VAL C 85 -55.32 -31.15 10.83
N LYS C 86 -55.50 -31.06 12.15
CA LYS C 86 -56.18 -32.09 12.93
C LYS C 86 -57.65 -32.25 12.54
N LYS C 87 -58.34 -31.14 12.32
CA LYS C 87 -59.74 -31.15 11.88
C LYS C 87 -59.87 -31.57 10.43
N THR C 88 -59.02 -31.01 9.57
CA THR C 88 -59.05 -31.32 8.13
C THR C 88 -58.61 -32.76 7.83
N ALA C 89 -57.86 -33.36 8.75
CA ALA C 89 -57.48 -34.77 8.65
C ALA C 89 -58.70 -35.68 8.63
N GLU C 90 -59.69 -35.36 9.47
CA GLU C 90 -60.93 -36.12 9.53
C GLU C 90 -61.87 -35.78 8.38
N ALA C 91 -61.80 -34.54 7.89
CA ALA C 91 -62.63 -34.09 6.76
C ALA C 91 -62.01 -32.90 6.06
N SER C 117 -61.33 -40.59 36.98
CA SER C 117 -61.69 -39.76 35.79
C SER C 117 -61.68 -38.26 36.07
N LYS C 118 -61.85 -37.86 37.33
CA LYS C 118 -61.85 -36.45 37.71
C LYS C 118 -60.44 -35.89 37.69
N LYS C 119 -59.53 -36.53 38.42
CA LYS C 119 -58.12 -36.13 38.42
C LYS C 119 -57.45 -36.50 37.10
N GLU C 120 -57.91 -37.58 36.48
CA GLU C 120 -57.36 -38.03 35.19
C GLU C 120 -57.62 -37.01 34.08
N LYS C 121 -58.88 -36.57 33.98
CA LYS C 121 -59.28 -35.60 32.96
C LYS C 121 -58.79 -34.18 33.27
N ASP C 122 -58.60 -33.87 34.55
CA ASP C 122 -58.14 -32.55 34.97
C ASP C 122 -56.68 -32.33 34.57
N LYS C 123 -55.81 -33.27 34.94
CA LYS C 123 -54.39 -33.19 34.58
C LYS C 123 -54.22 -33.30 33.05
N ASP C 124 -55.10 -34.08 32.42
CA ASP C 124 -55.12 -34.20 30.96
C ASP C 124 -55.49 -32.88 30.30
N SER C 125 -56.54 -32.24 30.79
CA SER C 125 -57.02 -30.96 30.24
C SER C 125 -56.10 -29.80 30.59
N LYS C 126 -55.58 -29.80 31.82
CA LYS C 126 -54.70 -28.72 32.29
C LYS C 126 -53.31 -28.78 31.65
N LEU C 127 -52.90 -29.97 31.19
CA LEU C 127 -51.63 -30.12 30.47
C LEU C 127 -51.73 -29.52 29.08
N GLU C 128 -52.84 -29.80 28.38
CA GLU C 128 -53.08 -29.24 27.05
C GLU C 128 -53.17 -27.71 27.10
N LYS C 129 -53.58 -27.18 28.24
CA LYS C 129 -53.56 -25.74 28.49
C LYS C 129 -52.12 -25.24 28.56
N ALA C 130 -51.28 -25.98 29.28
CA ALA C 130 -49.85 -25.64 29.41
C ALA C 130 -49.05 -25.95 28.14
N LEU C 131 -49.57 -26.86 27.31
CA LEU C 131 -48.90 -27.22 26.06
C LEU C 131 -49.09 -26.11 25.02
N LYS C 132 -50.30 -25.55 24.96
CA LYS C 132 -50.56 -24.37 24.14
C LYS C 132 -49.77 -23.17 24.68
N ALA C 133 -49.76 -23.03 26.00
CA ALA C 133 -49.02 -21.95 26.67
C ALA C 133 -47.55 -21.94 26.25
N GLN C 134 -46.96 -23.13 26.10
CA GLN C 134 -45.57 -23.27 25.69
C GLN C 134 -45.39 -23.10 24.18
N ASN C 135 -46.35 -23.60 23.40
CA ASN C 135 -46.27 -23.52 21.94
C ASN C 135 -46.20 -22.09 21.44
N ASP C 136 -47.22 -21.29 21.79
CA ASP C 136 -47.30 -19.90 21.33
C ASP C 136 -46.45 -18.92 22.15
N LEU C 137 -45.81 -19.41 23.21
CA LEU C 137 -44.80 -18.62 23.92
C LEU C 137 -43.54 -18.52 23.06
N ILE C 138 -43.08 -19.67 22.56
CA ILE C 138 -41.91 -19.73 21.69
C ILE C 138 -42.18 -19.00 20.38
N TRP C 139 -43.39 -19.18 19.83
CA TRP C 139 -43.76 -18.50 18.58
C TRP C 139 -43.83 -16.98 18.72
N ASN C 140 -44.33 -16.50 19.86
CA ASN C 140 -44.24 -15.07 20.18
C ASN C 140 -42.78 -14.61 20.21
N ILE C 141 -41.93 -15.42 20.85
CA ILE C 141 -40.50 -15.13 20.96
C ILE C 141 -39.79 -15.26 19.61
N LYS C 142 -40.22 -16.21 18.78
CA LYS C 142 -39.60 -16.45 17.47
C LYS C 142 -39.73 -15.24 16.55
N ASP C 143 -40.96 -14.85 16.24
CA ASP C 143 -41.21 -13.71 15.34
C ASP C 143 -40.95 -12.35 16.00
N GLU C 144 -40.70 -12.33 17.30
CA GLU C 144 -40.17 -11.14 17.98
C GLU C 144 -38.72 -10.90 17.54
N LEU C 145 -37.93 -11.96 17.53
CA LEU C 145 -36.54 -11.89 17.07
C LEU C 145 -36.44 -11.63 15.57
N LYS C 146 -37.40 -12.14 14.80
CA LYS C 146 -37.46 -11.90 13.36
C LYS C 146 -37.78 -10.44 13.05
N LYS C 147 -38.51 -9.79 13.95
CA LYS C 147 -38.84 -8.37 13.82
C LYS C 147 -37.62 -7.49 14.14
N VAL C 148 -36.89 -7.84 15.20
CA VAL C 148 -35.81 -6.99 15.72
C VAL C 148 -34.42 -7.37 15.22
N CYS C 149 -34.10 -8.66 15.20
CA CYS C 149 -32.75 -9.13 14.88
C CYS C 149 -32.62 -9.68 13.46
N SER C 150 -31.46 -9.45 12.87
CA SER C 150 -31.10 -10.07 11.58
C SER C 150 -30.54 -11.46 11.85
N THR C 151 -30.25 -12.20 10.77
CA THR C 151 -29.73 -13.56 10.89
C THR C 151 -28.34 -13.58 11.52
N ASN C 152 -27.49 -12.63 11.14
CA ASN C 152 -26.12 -12.54 11.67
C ASN C 152 -26.08 -12.30 13.18
N ASP C 153 -27.06 -11.58 13.70
CA ASP C 153 -27.20 -11.38 15.15
C ASP C 153 -27.59 -12.69 15.84
N LEU C 154 -28.50 -13.43 15.21
CA LEU C 154 -28.96 -14.72 15.74
C LEU C 154 -27.87 -15.79 15.62
N LYS C 155 -27.04 -15.70 14.58
CA LYS C 155 -25.90 -16.60 14.41
C LYS C 155 -24.87 -16.36 15.52
N GLU C 156 -24.53 -15.09 15.75
CA GLU C 156 -23.56 -14.72 16.78
C GLU C 156 -24.12 -14.85 18.21
N LEU C 157 -25.45 -14.92 18.33
CA LEU C 157 -26.10 -15.25 19.60
C LEU C 157 -25.77 -16.68 20.02
N LEU C 158 -25.94 -17.61 19.09
CA LEU C 158 -25.68 -19.03 19.34
C LEU C 158 -24.19 -19.32 19.55
N ILE C 159 -23.34 -18.64 18.77
CA ILE C 159 -21.88 -18.83 18.87
C ILE C 159 -21.38 -18.39 20.25
N PHE C 160 -21.93 -17.29 20.77
CA PHE C 160 -21.59 -16.79 22.10
C PHE C 160 -21.96 -17.81 23.19
N ASN C 161 -23.07 -18.51 23.00
CA ASN C 161 -23.52 -19.53 23.95
C ASN C 161 -22.93 -20.92 23.68
N LYS C 162 -21.91 -21.00 22.83
CA LYS C 162 -21.22 -22.24 22.49
C LYS C 162 -22.18 -23.26 21.86
N GLN C 163 -22.97 -22.79 20.90
CA GLN C 163 -23.95 -23.62 20.20
C GLN C 163 -23.59 -23.74 18.73
N GLN C 164 -23.84 -24.91 18.15
CA GLN C 164 -23.65 -25.13 16.72
C GLN C 164 -24.66 -24.33 15.93
N VAL C 165 -24.19 -23.52 14.98
CA VAL C 165 -25.07 -22.70 14.15
C VAL C 165 -25.65 -23.56 13.03
N PRO C 166 -26.98 -23.75 13.02
CA PRO C 166 -27.60 -24.60 12.01
C PRO C 166 -27.76 -23.93 10.65
N SER C 167 -27.94 -24.76 9.62
CA SER C 167 -28.22 -24.29 8.27
C SER C 167 -29.72 -24.04 8.12
N GLY C 168 -30.08 -22.82 7.71
CA GLY C 168 -31.48 -22.43 7.52
C GLY C 168 -31.87 -21.27 8.39
N GLU C 169 -32.74 -20.40 7.86
CA GLU C 169 -33.22 -19.24 8.60
C GLU C 169 -34.16 -19.68 9.72
N SER C 170 -35.20 -20.42 9.36
CA SER C 170 -36.21 -20.90 10.31
C SER C 170 -35.60 -21.68 11.47
N ALA C 171 -34.64 -22.54 11.16
CA ALA C 171 -33.98 -23.39 12.15
C ALA C 171 -33.10 -22.59 13.13
N ILE C 172 -32.54 -21.48 12.68
CA ILE C 172 -31.67 -20.65 13.52
C ILE C 172 -32.45 -20.04 14.70
N LEU C 173 -33.53 -19.33 14.39
CA LEU C 173 -34.37 -18.72 15.44
C LEU C 173 -35.15 -19.75 16.25
N ASP C 174 -35.32 -20.96 15.70
CA ASP C 174 -35.95 -22.06 16.41
C ASP C 174 -35.05 -22.52 17.57
N ARG C 175 -33.74 -22.54 17.33
CA ARG C 175 -32.77 -22.94 18.36
C ARG C 175 -32.43 -21.79 19.31
N VAL C 176 -32.50 -20.55 18.82
CA VAL C 176 -32.30 -19.37 19.67
C VAL C 176 -33.47 -19.25 20.66
N ALA C 177 -34.68 -19.42 20.15
CA ALA C 177 -35.88 -19.41 21.00
C ALA C 177 -35.86 -20.55 22.01
N ASP C 178 -35.45 -21.73 21.56
CA ASP C 178 -35.23 -22.88 22.44
C ASP C 178 -34.15 -22.57 23.48
N GLY C 179 -33.08 -21.92 23.03
CA GLY C 179 -31.98 -21.55 23.91
C GLY C 179 -32.38 -20.60 25.02
N MET C 180 -33.09 -19.54 24.64
CA MET C 180 -33.50 -18.50 25.60
C MET C 180 -34.51 -19.01 26.63
N VAL C 181 -35.52 -19.75 26.17
CA VAL C 181 -36.62 -20.18 27.03
C VAL C 181 -36.16 -21.25 28.04
N PHE C 182 -35.41 -22.24 27.56
CA PHE C 182 -35.05 -23.40 28.39
C PHE C 182 -33.59 -23.36 28.85
N GLY C 183 -32.66 -23.10 27.92
CA GLY C 183 -31.25 -22.97 28.28
C GLY C 183 -30.29 -23.32 27.16
N ALA C 184 -29.04 -22.87 27.31
CA ALA C 184 -27.97 -23.21 26.37
C ALA C 184 -27.57 -24.66 26.57
N LEU C 185 -27.77 -25.47 25.53
CA LEU C 185 -27.54 -26.91 25.61
C LEU C 185 -26.06 -27.25 25.75
N LEU C 186 -25.73 -28.01 26.79
CA LEU C 186 -24.35 -28.48 27.01
C LEU C 186 -24.01 -29.57 25.99
N PRO C 187 -22.71 -29.77 25.71
CA PRO C 187 -22.29 -30.83 24.79
C PRO C 187 -22.73 -32.24 25.23
N CYS C 188 -22.69 -33.17 24.29
CA CYS C 188 -23.14 -34.55 24.52
C CYS C 188 -22.18 -35.27 25.46
N GLU C 189 -22.69 -36.29 26.15
CA GLU C 189 -21.91 -37.04 27.14
C GLU C 189 -20.73 -37.80 26.51
N GLU C 190 -21.00 -38.53 25.43
CA GLU C 190 -19.97 -39.38 24.80
C GLU C 190 -19.31 -38.71 23.62
N CYS C 191 -20.10 -38.35 22.61
CA CYS C 191 -19.59 -37.87 21.33
C CYS C 191 -19.25 -36.37 21.33
N SER C 192 -19.65 -35.66 22.38
CA SER C 192 -19.38 -34.21 22.53
C SER C 192 -19.95 -33.37 21.38
N GLY C 193 -21.12 -33.77 20.88
CA GLY C 193 -21.80 -33.06 19.80
C GLY C 193 -22.88 -32.13 20.31
N GLN C 194 -23.78 -31.72 19.42
CA GLN C 194 -24.84 -30.78 19.76
C GLN C 194 -26.20 -31.48 19.74
N LEU C 195 -26.88 -31.48 20.88
CA LEU C 195 -28.24 -32.01 20.95
C LEU C 195 -29.22 -31.01 20.34
N VAL C 196 -30.25 -31.52 19.67
CA VAL C 196 -31.24 -30.66 18.99
C VAL C 196 -32.65 -31.18 19.27
N PHE C 197 -33.56 -30.26 19.57
CA PHE C 197 -34.97 -30.61 19.76
C PHE C 197 -35.59 -31.03 18.43
N LYS C 198 -36.19 -32.22 18.41
CA LYS C 198 -36.84 -32.75 17.22
C LYS C 198 -38.16 -33.43 17.61
N SER C 199 -39.25 -32.68 17.45
CA SER C 199 -40.61 -33.18 17.67
C SER C 199 -40.93 -33.56 19.11
N ASP C 200 -40.39 -34.69 19.58
CA ASP C 200 -40.75 -35.23 20.90
C ASP C 200 -39.57 -35.44 21.87
N ALA C 201 -38.35 -35.08 21.44
CA ALA C 201 -37.16 -35.27 22.28
C ALA C 201 -35.95 -34.51 21.75
N TYR C 202 -34.90 -34.45 22.56
CA TYR C 202 -33.62 -33.85 22.16
C TYR C 202 -32.69 -34.94 21.63
N TYR C 203 -32.49 -34.95 20.31
CA TYR C 203 -31.64 -35.95 19.65
C TYR C 203 -30.23 -35.40 19.46
N CYS C 204 -29.23 -36.22 19.72
CA CYS C 204 -27.83 -35.86 19.49
C CYS C 204 -27.53 -35.92 17.99
N THR C 205 -26.92 -34.86 17.47
CA THR C 205 -26.60 -34.76 16.05
C THR C 205 -25.10 -34.90 15.78
N GLY C 206 -24.33 -35.27 16.82
CA GLY C 206 -22.88 -35.39 16.70
C GLY C 206 -22.44 -36.67 16.03
N ASP C 207 -21.16 -36.98 16.17
CA ASP C 207 -20.57 -38.16 15.54
C ASP C 207 -19.77 -38.99 16.55
N VAL C 208 -20.35 -40.11 16.97
CA VAL C 208 -19.65 -41.10 17.80
C VAL C 208 -18.42 -41.66 17.06
N THR C 209 -18.50 -41.71 15.74
CA THR C 209 -17.36 -42.08 14.90
C THR C 209 -17.54 -41.50 13.49
N ALA C 210 -16.50 -41.60 12.66
CA ALA C 210 -16.54 -41.06 11.30
C ALA C 210 -17.53 -41.81 10.41
N TRP C 211 -17.70 -43.10 10.66
CA TRP C 211 -18.57 -43.95 9.86
C TRP C 211 -20.05 -43.85 10.25
N THR C 212 -20.32 -43.64 11.54
CA THR C 212 -21.69 -43.65 12.06
C THR C 212 -22.04 -42.37 12.81
N LYS C 213 -23.32 -42.05 12.83
CA LYS C 213 -23.83 -40.91 13.58
C LYS C 213 -24.23 -41.35 14.99
N CYS C 214 -24.17 -40.43 15.94
CA CYS C 214 -24.56 -40.71 17.33
C CYS C 214 -26.08 -40.84 17.44
N MET C 215 -26.53 -41.70 18.35
CA MET C 215 -27.95 -42.00 18.52
C MET C 215 -28.46 -41.74 19.94
N VAL C 216 -27.88 -40.74 20.60
CA VAL C 216 -28.34 -40.33 21.93
C VAL C 216 -29.66 -39.57 21.81
N LYS C 217 -30.58 -39.87 22.72
CA LYS C 217 -31.92 -39.28 22.73
C LYS C 217 -32.39 -39.09 24.17
N THR C 218 -33.02 -37.95 24.44
CA THR C 218 -33.49 -37.64 25.79
C THR C 218 -34.53 -36.52 25.81
N GLN C 219 -35.37 -36.54 26.85
CA GLN C 219 -36.35 -35.47 27.10
C GLN C 219 -35.84 -34.47 28.15
N THR C 220 -34.84 -34.89 28.94
CA THR C 220 -34.24 -34.04 29.96
C THR C 220 -32.73 -33.93 29.76
N PRO C 221 -32.29 -33.11 28.78
CA PRO C 221 -30.87 -32.96 28.51
C PRO C 221 -30.16 -32.04 29.51
N ASN C 222 -28.84 -32.07 29.51
CA ASN C 222 -28.03 -31.22 30.38
C ASN C 222 -27.83 -29.86 29.72
N ARG C 223 -27.89 -28.79 30.52
CA ARG C 223 -27.80 -27.44 29.99
C ARG C 223 -27.58 -26.37 31.08
N LYS C 224 -26.67 -25.45 30.81
CA LYS C 224 -26.48 -24.28 31.66
C LYS C 224 -27.44 -23.18 31.21
N GLU C 225 -27.49 -22.07 31.95
CA GLU C 225 -28.42 -20.98 31.65
C GLU C 225 -27.96 -20.19 30.42
N TRP C 226 -28.93 -19.72 29.64
CA TRP C 226 -28.66 -18.94 28.43
C TRP C 226 -28.16 -17.55 28.79
N VAL C 227 -26.99 -17.19 28.27
CA VAL C 227 -26.37 -15.90 28.54
C VAL C 227 -26.43 -15.01 27.31
N THR C 228 -27.34 -14.05 27.33
CA THR C 228 -27.41 -13.03 26.28
C THR C 228 -26.26 -12.05 26.47
N PRO C 229 -25.57 -11.67 25.37
CA PRO C 229 -24.54 -10.63 25.50
C PRO C 229 -25.11 -9.27 25.93
N LYS C 230 -24.24 -8.38 26.40
CA LYS C 230 -24.64 -7.02 26.78
C LYS C 230 -25.39 -6.28 25.66
N GLU C 231 -25.07 -6.60 24.41
CA GLU C 231 -25.64 -5.91 23.26
C GLU C 231 -27.07 -6.36 23.01
N PHE C 232 -28.01 -5.72 23.72
CA PHE C 232 -29.42 -6.03 23.59
C PHE C 232 -30.29 -4.91 24.17
N ARG C 233 -30.66 -3.96 23.32
CA ARG C 233 -31.50 -2.84 23.72
C ARG C 233 -32.98 -3.20 23.76
N GLU C 234 -33.35 -4.33 23.17
CA GLU C 234 -34.72 -4.83 23.18
C GLU C 234 -34.83 -6.18 23.90
N ILE C 235 -33.82 -6.53 24.70
CA ILE C 235 -33.84 -7.74 25.51
C ILE C 235 -34.79 -7.59 26.69
N SER C 236 -34.90 -6.36 27.20
CA SER C 236 -35.82 -6.04 28.29
C SER C 236 -37.28 -6.12 27.83
N TYR C 237 -37.51 -5.92 26.53
CA TYR C 237 -38.85 -6.02 25.96
C TYR C 237 -39.25 -7.48 25.71
N LEU C 238 -38.30 -8.26 25.18
CA LEU C 238 -38.54 -9.68 24.89
C LEU C 238 -38.66 -10.51 26.16
N LYS C 239 -37.77 -10.26 27.12
CA LYS C 239 -37.78 -10.96 28.40
C LYS C 239 -38.94 -10.52 29.31
N LYS C 240 -39.53 -9.37 29.00
CA LYS C 240 -40.68 -8.85 29.75
C LYS C 240 -42.00 -9.55 29.42
N LEU C 241 -41.98 -10.50 28.48
CA LEU C 241 -43.19 -11.23 28.07
C LEU C 241 -43.54 -12.38 29.02
N LYS C 242 -43.50 -12.11 30.33
CA LYS C 242 -43.91 -13.07 31.36
C LYS C 242 -43.24 -14.43 31.21
N VAL C 243 -41.91 -14.44 31.15
CA VAL C 243 -41.13 -15.66 30.97
C VAL C 243 -40.41 -16.06 32.26
N LYS C 244 -40.88 -17.14 32.89
CA LYS C 244 -40.27 -17.67 34.11
C LYS C 244 -39.52 -18.97 33.81
N LYS C 245 -38.91 -19.55 34.83
CA LYS C 245 -38.18 -20.81 34.68
C LYS C 245 -39.12 -21.99 34.49
N GLN C 246 -38.85 -22.79 33.46
CA GLN C 246 -39.69 -23.94 33.12
C GLN C 246 -38.96 -24.90 32.18
N ASP C 247 -39.34 -26.17 32.24
CA ASP C 247 -38.73 -27.20 31.39
C ASP C 247 -39.63 -27.49 30.18
N ARG C 248 -39.03 -28.08 29.15
CA ARG C 248 -39.75 -28.47 27.94
C ARG C 248 -40.85 -29.49 28.26
N ILE C 249 -42.07 -29.17 27.84
CA ILE C 249 -43.21 -30.08 27.95
C ILE C 249 -43.34 -30.81 26.61
N PHE C 250 -43.68 -32.09 26.65
CA PHE C 250 -43.76 -32.93 25.46
C PHE C 250 -45.17 -33.44 25.23
N PRO C 251 -45.46 -33.96 24.02
CA PRO C 251 -46.79 -34.54 23.76
C PRO C 251 -47.05 -35.82 24.59
N PRO C 252 -48.32 -36.24 24.68
CA PRO C 252 -48.65 -37.45 25.44
C PRO C 252 -48.08 -38.72 24.82
N ALA D 14 -8.41 -49.82 -13.76
CA ALA D 14 -9.72 -50.19 -14.38
C ALA D 14 -9.88 -49.57 -15.77
N ALA D 15 -10.94 -49.97 -16.47
CA ALA D 15 -11.24 -49.46 -17.81
C ALA D 15 -12.34 -48.39 -17.74
N VAL D 16 -12.78 -47.93 -18.91
CA VAL D 16 -13.80 -46.88 -18.99
C VAL D 16 -15.18 -47.43 -18.69
N ASP D 17 -15.98 -46.67 -17.96
CA ASP D 17 -17.36 -47.04 -17.65
C ASP D 17 -18.22 -46.82 -18.91
N PRO D 18 -18.92 -47.87 -19.39
CA PRO D 18 -19.76 -47.73 -20.58
C PRO D 18 -20.97 -46.80 -20.44
N ASP D 19 -21.26 -46.34 -19.22
CA ASP D 19 -22.32 -45.36 -19.00
C ASP D 19 -22.02 -44.01 -19.63
N SER D 20 -20.72 -43.72 -19.83
CA SER D 20 -20.30 -42.51 -20.53
C SER D 20 -20.70 -42.55 -22.01
N GLY D 21 -20.60 -43.74 -22.62
CA GLY D 21 -20.87 -43.91 -24.05
C GLY D 21 -19.64 -43.70 -24.92
N LEU D 22 -18.51 -43.39 -24.28
CA LEU D 22 -17.25 -43.14 -24.98
C LEU D 22 -16.20 -44.17 -24.56
N GLU D 23 -16.64 -45.41 -24.31
CA GLU D 23 -15.76 -46.45 -23.77
C GLU D 23 -14.67 -46.91 -24.74
N HIS D 24 -15.06 -47.18 -25.98
CA HIS D 24 -14.12 -47.59 -27.03
C HIS D 24 -13.89 -46.40 -27.97
N SER D 25 -13.30 -45.34 -27.40
CA SER D 25 -13.02 -44.12 -28.14
C SER D 25 -11.79 -43.41 -27.56
N ALA D 26 -11.88 -43.05 -26.27
CA ALA D 26 -10.77 -42.40 -25.55
C ALA D 26 -10.43 -43.19 -24.29
N HIS D 27 -9.14 -43.36 -24.05
CA HIS D 27 -8.65 -44.13 -22.89
C HIS D 27 -8.78 -43.37 -21.57
N VAL D 28 -8.91 -44.11 -20.48
CA VAL D 28 -8.90 -43.52 -19.13
C VAL D 28 -7.47 -43.10 -18.78
N LEU D 29 -7.32 -41.90 -18.22
CA LEU D 29 -6.01 -41.27 -18.05
C LEU D 29 -5.38 -41.57 -16.69
N GLU D 30 -4.05 -41.55 -16.65
CA GLU D 30 -3.28 -41.70 -15.41
C GLU D 30 -2.02 -40.83 -15.47
N LYS D 31 -1.72 -40.16 -14.36
CA LYS D 31 -0.51 -39.33 -14.27
C LYS D 31 0.61 -40.15 -13.65
N GLY D 32 1.34 -40.87 -14.51
CA GLY D 32 2.47 -41.70 -14.08
C GLY D 32 2.03 -42.94 -13.33
N GLY D 33 1.70 -42.76 -12.05
CA GLY D 33 1.31 -43.87 -11.17
C GLY D 33 -0.16 -43.89 -10.83
N LYS D 34 -0.62 -42.83 -10.15
CA LYS D 34 -2.01 -42.74 -9.69
C LYS D 34 -2.98 -42.62 -10.86
N VAL D 35 -3.87 -43.61 -10.99
CA VAL D 35 -4.86 -43.64 -12.05
C VAL D 35 -6.03 -42.74 -11.69
N PHE D 36 -6.35 -41.78 -12.56
CA PHE D 36 -7.44 -40.84 -12.31
C PHE D 36 -8.80 -41.53 -12.50
N SER D 37 -9.16 -42.32 -11.49
CA SER D 37 -10.41 -43.08 -11.49
C SER D 37 -10.62 -43.68 -10.10
N ALA D 38 -11.75 -43.35 -9.47
CA ALA D 38 -12.05 -43.83 -8.12
C ALA D 38 -13.53 -44.16 -7.99
N THR D 39 -13.81 -45.27 -7.30
CA THR D 39 -15.17 -45.72 -7.07
C THR D 39 -15.48 -45.63 -5.58
N LEU D 40 -16.31 -44.67 -5.20
CA LEU D 40 -16.60 -44.39 -3.79
C LEU D 40 -17.88 -45.09 -3.34
N GLY D 41 -18.07 -45.16 -2.03
CA GLY D 41 -19.26 -45.78 -1.44
C GLY D 41 -19.62 -45.19 -0.09
N LEU D 42 -20.91 -45.23 0.24
CA LEU D 42 -21.43 -44.67 1.49
C LEU D 42 -22.71 -45.41 1.89
N VAL D 43 -22.73 -45.93 3.12
CA VAL D 43 -23.90 -46.62 3.65
C VAL D 43 -24.20 -46.19 5.09
N ASP D 44 -25.47 -45.96 5.37
CA ASP D 44 -25.96 -45.69 6.72
C ASP D 44 -27.14 -46.61 6.96
N ILE D 45 -26.95 -47.62 7.81
CA ILE D 45 -27.98 -48.63 8.09
C ILE D 45 -29.26 -48.03 8.65
N VAL D 46 -29.13 -46.97 9.45
CA VAL D 46 -30.29 -46.34 10.09
C VAL D 46 -31.15 -45.61 9.05
N LYS D 47 -30.52 -44.76 8.26
CA LYS D 47 -31.21 -44.07 7.16
C LYS D 47 -31.65 -45.04 6.06
N GLY D 48 -30.84 -46.07 5.83
CA GLY D 48 -31.11 -47.04 4.77
C GLY D 48 -30.30 -46.78 3.52
N THR D 49 -29.74 -45.58 3.40
CA THR D 49 -28.91 -45.20 2.26
C THR D 49 -27.74 -46.18 2.07
N ASN D 50 -27.49 -46.53 0.82
CA ASN D 50 -26.46 -47.50 0.45
C ASN D 50 -26.08 -47.18 -0.99
N SER D 51 -25.14 -46.25 -1.16
CA SER D 51 -24.92 -45.58 -2.44
C SER D 51 -23.52 -45.82 -3.00
N TYR D 52 -23.38 -45.54 -4.29
CA TYR D 52 -22.08 -45.54 -4.97
C TYR D 52 -21.80 -44.18 -5.57
N TYR D 53 -20.55 -43.96 -5.94
CA TYR D 53 -20.15 -42.74 -6.64
C TYR D 53 -18.84 -42.96 -7.40
N LYS D 54 -18.95 -43.30 -8.67
CA LYS D 54 -17.79 -43.53 -9.51
C LYS D 54 -17.37 -42.26 -10.24
N LEU D 55 -16.10 -41.89 -10.06
CA LEU D 55 -15.52 -40.71 -10.70
C LEU D 55 -14.40 -41.16 -11.62
N GLN D 56 -14.31 -40.55 -12.79
CA GLN D 56 -13.30 -40.89 -13.79
C GLN D 56 -12.80 -39.67 -14.55
N LEU D 57 -11.64 -39.81 -15.17
CA LEU D 57 -11.07 -38.79 -16.05
C LEU D 57 -10.67 -39.40 -17.38
N LEU D 58 -11.54 -39.27 -18.38
CA LEU D 58 -11.32 -39.86 -19.69
C LEU D 58 -10.39 -38.98 -20.53
N TRP D 67 -12.28 -34.72 -20.73
CA TRP D 67 -13.57 -35.24 -20.30
C TRP D 67 -13.53 -35.75 -18.87
N ILE D 68 -14.53 -35.36 -18.08
CA ILE D 68 -14.69 -35.90 -16.73
C ILE D 68 -16.06 -36.58 -16.64
N PHE D 69 -16.09 -37.74 -15.98
CA PHE D 69 -17.32 -38.52 -15.87
C PHE D 69 -17.68 -38.80 -14.42
N ARG D 70 -18.90 -38.45 -14.04
CA ARG D 70 -19.44 -38.70 -12.71
C ARG D 70 -20.63 -39.64 -12.81
N SER D 71 -20.59 -40.73 -12.05
CA SER D 71 -21.72 -41.65 -11.93
C SER D 71 -22.13 -41.74 -10.47
N TRP D 72 -23.43 -41.84 -10.22
CA TRP D 72 -23.94 -41.91 -8.85
C TRP D 72 -25.30 -42.59 -8.78
N GLY D 73 -25.64 -43.13 -7.62
CA GLY D 73 -26.93 -43.81 -7.41
C GLY D 73 -26.89 -44.81 -6.28
N ARG D 74 -27.96 -45.60 -6.16
CA ARG D 74 -28.04 -46.67 -5.16
C ARG D 74 -27.53 -47.97 -5.76
N VAL D 75 -26.48 -48.52 -5.16
CA VAL D 75 -25.82 -49.75 -5.65
C VAL D 75 -26.81 -50.90 -5.88
N GLY D 76 -26.77 -51.45 -7.09
CA GLY D 76 -27.55 -52.63 -7.45
C GLY D 76 -28.97 -52.35 -7.93
N THR D 77 -29.22 -51.12 -8.38
CA THR D 77 -30.56 -50.71 -8.84
C THR D 77 -30.50 -49.62 -9.90
N VAL D 78 -31.63 -49.38 -10.55
CA VAL D 78 -31.76 -48.35 -11.58
C VAL D 78 -31.78 -46.92 -11.00
N ILE D 79 -31.94 -46.82 -9.68
CA ILE D 79 -31.91 -45.54 -8.98
C ILE D 79 -30.53 -44.89 -9.13
N GLY D 80 -30.50 -43.67 -9.68
CA GLY D 80 -29.26 -42.93 -9.89
C GLY D 80 -29.24 -42.21 -11.22
N SER D 81 -28.12 -41.53 -11.48
CA SER D 81 -27.92 -40.82 -12.73
C SER D 81 -26.43 -40.55 -12.96
N ASN D 82 -26.10 -39.90 -14.07
CA ASN D 82 -24.71 -39.62 -14.42
C ASN D 82 -24.54 -38.30 -15.18
N LYS D 83 -23.32 -37.82 -15.25
CA LYS D 83 -23.01 -36.60 -15.99
C LYS D 83 -21.64 -36.68 -16.68
N LEU D 84 -21.67 -36.95 -17.98
CA LEU D 84 -20.48 -36.83 -18.82
C LEU D 84 -20.33 -35.35 -19.18
N GLU D 85 -19.10 -34.84 -19.12
CA GLU D 85 -18.85 -33.42 -19.35
C GLU D 85 -17.44 -33.18 -19.90
N GLN D 86 -17.36 -32.58 -21.09
CA GLN D 86 -16.08 -32.25 -21.70
C GLN D 86 -15.46 -31.04 -21.01
N MET D 87 -14.14 -31.05 -20.85
CA MET D 87 -13.42 -29.97 -20.18
C MET D 87 -12.91 -28.93 -21.18
N PRO D 88 -12.64 -27.70 -20.69
CA PRO D 88 -11.98 -26.70 -21.54
C PRO D 88 -10.56 -27.09 -21.91
N SER D 89 -9.84 -27.71 -20.98
CA SER D 89 -8.46 -28.17 -21.21
C SER D 89 -8.09 -29.33 -20.29
N LYS D 90 -6.89 -29.86 -20.46
CA LYS D 90 -6.41 -31.01 -19.69
C LYS D 90 -5.92 -30.66 -18.28
N GLU D 91 -5.42 -29.45 -18.09
CA GLU D 91 -5.02 -28.98 -16.76
C GLU D 91 -6.24 -28.57 -15.92
N ASP D 92 -7.32 -28.17 -16.60
CA ASP D 92 -8.58 -27.89 -15.92
C ASP D 92 -9.27 -29.17 -15.46
N ALA D 93 -8.93 -30.28 -16.10
CA ALA D 93 -9.43 -31.59 -15.72
C ALA D 93 -8.95 -31.99 -14.32
N ILE D 94 -7.65 -31.84 -14.08
CA ILE D 94 -7.05 -32.10 -12.76
C ILE D 94 -7.71 -31.22 -11.69
N GLU D 95 -7.96 -29.96 -12.05
CA GLU D 95 -8.61 -29.01 -11.14
C GLU D 95 -10.02 -29.44 -10.80
N HIS D 96 -10.78 -29.87 -11.81
CA HIS D 96 -12.16 -30.30 -11.62
C HIS D 96 -12.25 -31.66 -10.94
N PHE D 97 -11.31 -32.55 -11.26
CA PHE D 97 -11.27 -33.91 -10.70
C PHE D 97 -10.93 -33.91 -9.22
N MET D 98 -9.79 -33.30 -8.87
CA MET D 98 -9.33 -33.28 -7.49
C MET D 98 -10.24 -32.46 -6.56
N LYS D 99 -10.96 -31.50 -7.14
CA LYS D 99 -11.93 -30.70 -6.37
C LYS D 99 -13.20 -31.51 -6.09
N LEU D 100 -13.75 -32.14 -7.13
CA LEU D 100 -14.90 -33.03 -6.98
C LEU D 100 -14.59 -34.17 -6.03
N TYR D 101 -13.40 -34.75 -6.17
CA TYR D 101 -12.95 -35.83 -5.30
C TYR D 101 -13.05 -35.41 -3.83
N GLU D 102 -12.28 -34.38 -3.46
CA GLU D 102 -12.23 -33.90 -2.07
C GLU D 102 -13.59 -33.44 -1.55
N GLU D 103 -14.39 -32.83 -2.41
CA GLU D 103 -15.75 -32.41 -2.06
C GLU D 103 -16.61 -33.59 -1.64
N LYS D 104 -16.40 -34.75 -2.27
CA LYS D 104 -17.22 -35.93 -2.04
C LYS D 104 -16.61 -36.86 -1.00
N THR D 105 -15.30 -37.09 -1.10
CA THR D 105 -14.61 -38.04 -0.21
C THR D 105 -14.07 -37.39 1.08
N GLY D 106 -13.72 -36.11 1.01
CA GLY D 106 -13.21 -35.37 2.17
C GLY D 106 -11.71 -35.16 2.17
N ASN D 107 -10.97 -36.17 1.68
CA ASN D 107 -9.50 -36.13 1.63
C ASN D 107 -8.96 -35.58 0.31
N ALA D 108 -7.64 -35.37 0.27
CA ALA D 108 -6.95 -34.99 -0.96
C ALA D 108 -6.67 -36.23 -1.81
N TRP D 109 -6.27 -36.00 -3.07
CA TRP D 109 -6.04 -37.10 -4.02
C TRP D 109 -4.82 -37.95 -3.67
N HIS D 110 -3.72 -37.31 -3.29
CA HIS D 110 -2.48 -38.02 -2.99
C HIS D 110 -2.43 -38.24 -1.48
N SER D 111 -2.83 -39.43 -1.06
CA SER D 111 -2.81 -39.80 0.35
C SER D 111 -2.99 -41.30 0.47
N LYS D 112 -1.99 -41.99 1.03
CA LYS D 112 -2.05 -43.44 1.24
C LYS D 112 -2.90 -43.75 2.48
N ASN D 113 -2.58 -43.09 3.59
CA ASN D 113 -3.28 -43.30 4.86
C ASN D 113 -4.61 -42.54 4.93
N PHE D 114 -5.68 -43.22 4.53
CA PHE D 114 -6.98 -42.56 4.37
C PHE D 114 -7.74 -42.43 5.69
N THR D 115 -8.60 -41.42 5.77
CA THR D 115 -9.46 -41.17 6.93
C THR D 115 -10.88 -40.80 6.49
N LYS D 116 -11.86 -41.58 6.94
CA LYS D 116 -13.28 -41.32 6.67
C LYS D 116 -13.74 -40.04 7.36
N TYR D 117 -14.66 -39.32 6.72
CA TYR D 117 -15.25 -38.11 7.30
C TYR D 117 -16.77 -38.19 7.35
N PRO D 118 -17.40 -37.58 8.37
CA PRO D 118 -18.86 -37.55 8.56
C PRO D 118 -19.66 -37.23 7.30
N LYS D 119 -20.52 -38.18 6.90
CA LYS D 119 -21.40 -38.05 5.72
C LYS D 119 -20.67 -37.86 4.37
N LYS D 120 -19.33 -37.92 4.37
CA LYS D 120 -18.55 -37.95 3.14
C LYS D 120 -18.37 -39.41 2.71
N PHE D 121 -18.00 -39.60 1.45
CA PHE D 121 -17.82 -40.94 0.91
C PHE D 121 -16.50 -41.58 1.33
N TYR D 122 -16.37 -42.87 1.05
CA TYR D 122 -15.13 -43.61 1.27
C TYR D 122 -14.76 -44.34 -0.02
N PRO D 123 -13.51 -44.18 -0.50
CA PRO D 123 -13.08 -44.80 -1.75
C PRO D 123 -12.78 -46.28 -1.60
N LEU D 124 -13.31 -47.09 -2.52
CA LEU D 124 -13.05 -48.51 -2.52
C LEU D 124 -11.82 -48.80 -3.38
N GLU D 125 -10.96 -49.66 -2.88
CA GLU D 125 -9.66 -49.93 -3.50
C GLU D 125 -9.81 -50.94 -4.64
N ILE D 126 -9.84 -50.43 -5.87
CA ILE D 126 -9.88 -51.27 -7.07
C ILE D 126 -8.46 -51.53 -7.57
N ASP D 127 -8.25 -52.71 -8.15
CA ASP D 127 -6.96 -53.10 -8.69
C ASP D 127 -6.64 -52.30 -9.95
N LYS D 145 -9.97 -80.70 -30.91
CA LYS D 145 -8.56 -81.00 -31.13
C LYS D 145 -7.77 -81.16 -29.82
N SER D 146 -8.44 -81.00 -28.68
CA SER D 146 -7.82 -81.19 -27.38
C SER D 146 -7.63 -82.68 -27.10
N LYS D 147 -6.43 -83.06 -26.66
CA LYS D 147 -6.09 -84.46 -26.41
C LYS D 147 -6.20 -84.81 -24.93
N LEU D 148 -7.43 -84.97 -24.45
CA LEU D 148 -7.71 -85.38 -23.07
C LEU D 148 -8.96 -86.26 -23.01
N PRO D 149 -9.15 -86.99 -21.89
CA PRO D 149 -10.38 -87.78 -21.73
C PRO D 149 -11.63 -86.92 -21.59
N LYS D 150 -12.79 -87.51 -21.89
CA LYS D 150 -14.06 -86.78 -21.86
C LYS D 150 -14.48 -86.36 -20.44
N PRO D 151 -14.26 -87.23 -19.43
CA PRO D 151 -14.56 -86.83 -18.05
C PRO D 151 -13.64 -85.73 -17.52
N VAL D 152 -12.40 -85.72 -17.96
CA VAL D 152 -11.42 -84.69 -17.56
C VAL D 152 -11.79 -83.33 -18.17
N GLN D 153 -12.26 -83.35 -19.42
CA GLN D 153 -12.76 -82.14 -20.07
C GLN D 153 -14.00 -81.60 -19.35
N ASP D 154 -14.87 -82.50 -18.90
CA ASP D 154 -16.06 -82.13 -18.13
C ASP D 154 -15.69 -81.56 -16.76
N LEU D 155 -14.58 -82.04 -16.19
CA LEU D 155 -14.11 -81.53 -14.90
C LEU D 155 -13.69 -80.07 -15.02
N ILE D 156 -12.93 -79.74 -16.06
CA ILE D 156 -12.58 -78.34 -16.34
C ILE D 156 -13.83 -77.54 -16.68
N LYS D 157 -14.70 -78.12 -17.51
CA LYS D 157 -15.99 -77.51 -17.85
C LYS D 157 -16.78 -77.13 -16.60
N MET D 158 -16.72 -77.99 -15.59
CA MET D 158 -17.46 -77.80 -14.35
C MET D 158 -16.82 -76.77 -13.42
N ILE D 159 -15.50 -76.81 -13.28
CA ILE D 159 -14.78 -75.95 -12.33
C ILE D 159 -14.26 -74.63 -12.92
N PHE D 160 -14.45 -74.41 -14.23
CA PHE D 160 -14.05 -73.15 -14.86
C PHE D 160 -15.21 -72.39 -15.52
N ASP D 161 -16.45 -72.85 -15.29
CA ASP D 161 -17.63 -72.10 -15.70
C ASP D 161 -17.87 -71.02 -14.64
N VAL D 162 -17.48 -69.79 -14.96
CA VAL D 162 -17.48 -68.70 -13.98
C VAL D 162 -18.87 -68.05 -13.85
N GLU D 163 -19.71 -68.21 -14.86
CA GLU D 163 -21.10 -67.73 -14.79
C GLU D 163 -21.90 -68.53 -13.77
N SER D 164 -21.54 -69.80 -13.59
CA SER D 164 -22.10 -70.63 -12.53
C SER D 164 -21.64 -70.13 -11.17
N MET D 165 -20.40 -69.66 -11.10
CA MET D 165 -19.84 -69.06 -9.88
C MET D 165 -20.48 -67.69 -9.59
N LYS D 166 -20.86 -66.96 -10.64
CA LYS D 166 -21.56 -65.69 -10.47
C LYS D 166 -22.93 -65.90 -9.82
N LYS D 167 -23.71 -66.83 -10.37
CA LYS D 167 -24.99 -67.23 -9.78
C LYS D 167 -24.84 -67.60 -8.32
N ALA D 168 -23.77 -68.32 -8.00
CA ALA D 168 -23.49 -68.75 -6.63
C ALA D 168 -23.41 -67.57 -5.65
N MET D 169 -22.96 -66.41 -6.13
CA MET D 169 -22.85 -65.21 -5.31
C MET D 169 -24.16 -64.42 -5.20
N VAL D 170 -25.11 -64.66 -6.09
CA VAL D 170 -26.38 -63.93 -6.12
C VAL D 170 -27.14 -64.08 -4.80
N GLU D 171 -27.11 -65.29 -4.23
CA GLU D 171 -27.76 -65.59 -2.96
C GLU D 171 -27.12 -64.85 -1.77
N TYR D 172 -25.81 -64.59 -1.87
CA TYR D 172 -25.10 -63.83 -0.85
C TYR D 172 -25.41 -62.32 -0.87
N GLU D 173 -25.99 -61.85 -1.98
CA GLU D 173 -26.33 -60.44 -2.17
C GLU D 173 -25.11 -59.54 -2.40
N ILE D 174 -24.05 -60.13 -2.96
CA ILE D 174 -22.90 -59.36 -3.46
C ILE D 174 -23.32 -58.67 -4.75
N ASP D 175 -22.79 -57.47 -5.00
CA ASP D 175 -23.09 -56.73 -6.22
C ASP D 175 -22.65 -57.54 -7.44
N LEU D 176 -23.60 -57.77 -8.35
CA LEU D 176 -23.36 -58.61 -9.52
C LEU D 176 -22.88 -57.81 -10.73
N GLN D 177 -23.19 -56.50 -10.73
CA GLN D 177 -22.93 -55.64 -11.88
C GLN D 177 -21.46 -55.53 -12.28
N LYS D 178 -20.66 -54.88 -11.45
CA LYS D 178 -19.28 -54.53 -11.82
C LYS D 178 -18.18 -55.21 -10.98
N MET D 179 -18.54 -56.25 -10.25
CA MET D 179 -17.55 -57.03 -9.49
C MET D 179 -16.69 -57.98 -10.33
N PRO D 180 -17.21 -58.48 -11.48
CA PRO D 180 -16.31 -59.33 -12.30
C PRO D 180 -15.20 -58.55 -13.00
N LEU D 181 -15.55 -57.40 -13.57
CA LEU D 181 -14.56 -56.52 -14.22
C LEU D 181 -13.76 -55.72 -13.18
N GLY D 182 -14.44 -55.32 -12.10
CA GLY D 182 -13.80 -54.57 -11.02
C GLY D 182 -13.23 -55.46 -9.94
N LYS D 183 -11.93 -55.73 -10.02
CA LYS D 183 -11.25 -56.57 -9.03
C LYS D 183 -11.06 -55.83 -7.71
N LEU D 184 -11.71 -56.31 -6.65
CA LEU D 184 -11.58 -55.71 -5.33
C LEU D 184 -10.22 -56.09 -4.74
N SER D 185 -9.56 -55.12 -4.10
CA SER D 185 -8.16 -55.28 -3.65
C SER D 185 -7.98 -56.35 -2.57
N LYS D 186 -6.74 -56.77 -2.37
CA LYS D 186 -6.40 -57.79 -1.39
C LYS D 186 -6.36 -57.20 0.01
N ARG D 187 -5.79 -55.99 0.12
CA ARG D 187 -5.75 -55.25 1.38
C ARG D 187 -7.16 -54.87 1.83
N GLN D 188 -8.04 -54.62 0.86
CA GLN D 188 -9.45 -54.30 1.12
C GLN D 188 -10.18 -55.48 1.77
N ILE D 189 -10.05 -56.65 1.15
CA ILE D 189 -10.77 -57.84 1.62
C ILE D 189 -10.26 -58.30 2.99
N GLN D 190 -8.97 -58.08 3.25
CA GLN D 190 -8.39 -58.35 4.57
C GLN D 190 -9.01 -57.46 5.65
N ALA D 191 -9.29 -56.21 5.30
CA ALA D 191 -9.97 -55.28 6.21
C ALA D 191 -11.44 -55.66 6.37
N ALA D 192 -12.06 -56.16 5.30
CA ALA D 192 -13.42 -56.68 5.37
C ALA D 192 -13.51 -57.90 6.28
N TYR D 193 -12.49 -58.77 6.20
CA TYR D 193 -12.36 -59.89 7.14
C TYR D 193 -12.20 -59.39 8.57
N SER D 194 -11.36 -58.37 8.76
CA SER D 194 -11.11 -57.80 10.07
C SER D 194 -12.36 -57.22 10.71
N ILE D 195 -13.20 -56.58 9.89
CA ILE D 195 -14.46 -56.02 10.37
C ILE D 195 -15.40 -57.14 10.87
N LEU D 196 -15.47 -58.24 10.11
CA LEU D 196 -16.27 -59.40 10.52
C LEU D 196 -15.79 -59.99 11.84
N SER D 197 -14.47 -60.11 12.00
CA SER D 197 -13.89 -60.62 13.24
C SER D 197 -14.13 -59.69 14.42
N GLU D 198 -14.21 -58.38 14.14
CA GLU D 198 -14.57 -57.40 15.16
C GLU D 198 -16.03 -57.53 15.59
N VAL D 199 -16.90 -57.90 14.64
CA VAL D 199 -18.33 -58.06 14.93
C VAL D 199 -18.57 -59.25 15.87
N GLN D 200 -17.93 -60.38 15.58
CA GLN D 200 -18.05 -61.58 16.43
C GLN D 200 -17.57 -61.29 17.84
N GLN D 201 -16.46 -60.57 17.95
CA GLN D 201 -15.94 -60.12 19.24
C GLN D 201 -16.96 -59.24 19.95
N ALA D 202 -17.58 -58.34 19.20
CA ALA D 202 -18.62 -57.45 19.73
C ALA D 202 -19.89 -58.20 20.12
N VAL D 203 -20.26 -59.20 19.32
CA VAL D 203 -21.44 -60.02 19.58
C VAL D 203 -21.24 -60.94 20.79
N SER D 204 -20.04 -61.52 20.91
CA SER D 204 -19.73 -62.48 21.97
C SER D 204 -19.89 -61.90 23.37
N GLN D 205 -19.39 -60.68 23.56
CA GLN D 205 -19.45 -60.01 24.88
C GLN D 205 -20.51 -58.90 24.92
N GLY D 206 -21.58 -59.07 24.14
CA GLY D 206 -22.74 -58.17 24.15
C GLY D 206 -22.39 -56.70 24.16
N SER D 207 -21.60 -56.26 23.18
CA SER D 207 -21.17 -54.86 23.08
C SER D 207 -22.31 -53.95 22.65
N SER D 208 -22.06 -52.64 22.66
CA SER D 208 -23.08 -51.64 22.35
C SER D 208 -23.67 -51.81 20.96
N ASP D 209 -24.88 -51.28 20.77
CA ASP D 209 -25.53 -51.27 19.46
C ASP D 209 -24.76 -50.39 18.49
N SER D 210 -24.24 -49.26 18.99
CA SER D 210 -23.42 -48.35 18.20
C SER D 210 -22.15 -49.03 17.70
N GLN D 211 -21.47 -49.75 18.60
CA GLN D 211 -20.30 -50.56 18.25
C GLN D 211 -20.63 -51.51 17.09
N ILE D 212 -21.75 -52.21 17.20
CA ILE D 212 -22.22 -53.12 16.15
C ILE D 212 -22.64 -52.35 14.89
N LEU D 213 -23.35 -51.23 15.09
CA LEU D 213 -23.81 -50.40 13.98
C LEU D 213 -22.63 -49.96 13.10
N ASP D 214 -21.54 -49.55 13.74
CA ASP D 214 -20.33 -49.11 13.05
C ASP D 214 -19.75 -50.19 12.15
N LEU D 215 -19.58 -51.38 12.70
CA LEU D 215 -18.98 -52.48 11.96
C LEU D 215 -19.86 -52.94 10.81
N SER D 216 -21.17 -52.91 11.03
CA SER D 216 -22.14 -53.24 9.97
C SER D 216 -22.07 -52.20 8.85
N ASN D 217 -22.03 -50.92 9.23
CA ASN D 217 -21.81 -49.84 8.25
C ASN D 217 -20.50 -50.02 7.53
N ARG D 218 -19.41 -50.15 8.29
CA ARG D 218 -18.07 -50.31 7.75
C ARG D 218 -17.97 -51.44 6.72
N PHE D 219 -18.59 -52.57 7.02
CA PHE D 219 -18.51 -53.75 6.15
C PHE D 219 -19.21 -53.52 4.80
N TYR D 220 -20.46 -53.05 4.85
CA TYR D 220 -21.24 -52.85 3.63
C TYR D 220 -20.72 -51.69 2.78
N THR D 221 -20.03 -50.74 3.39
CA THR D 221 -19.34 -49.70 2.64
C THR D 221 -18.18 -50.33 1.88
N LEU D 222 -17.39 -51.13 2.59
CA LEU D 222 -16.18 -51.72 2.06
C LEU D 222 -16.47 -52.77 0.99
N ILE D 223 -17.53 -53.55 1.19
CA ILE D 223 -17.98 -54.53 0.20
C ILE D 223 -19.41 -54.18 -0.24
N PRO D 224 -19.57 -53.72 -1.50
CA PRO D 224 -20.87 -53.27 -1.97
C PRO D 224 -21.87 -54.41 -2.14
N HIS D 225 -22.99 -54.34 -1.41
CA HIS D 225 -24.05 -55.34 -1.48
C HIS D 225 -25.23 -54.81 -2.27
N ASP D 226 -26.10 -55.72 -2.71
CA ASP D 226 -27.32 -55.36 -3.42
C ASP D 226 -28.54 -55.84 -2.63
N PHE D 227 -29.16 -54.92 -1.89
CA PHE D 227 -30.38 -55.20 -1.14
C PHE D 227 -31.62 -54.62 -1.82
N GLY D 228 -31.42 -53.99 -2.99
CA GLY D 228 -32.51 -53.34 -3.71
C GLY D 228 -32.97 -52.08 -3.01
N MET D 229 -34.25 -52.03 -2.66
CA MET D 229 -34.86 -50.84 -2.06
C MET D 229 -35.02 -50.94 -0.53
N LYS D 230 -34.47 -51.99 0.08
CA LYS D 230 -34.59 -52.17 1.53
C LYS D 230 -33.26 -51.99 2.25
N LYS D 231 -33.34 -51.80 3.56
CA LYS D 231 -32.19 -51.43 4.38
C LYS D 231 -31.20 -52.59 4.55
N PRO D 232 -29.89 -52.29 4.53
CA PRO D 232 -28.87 -53.29 4.88
C PRO D 232 -29.08 -53.84 6.30
N PRO D 233 -29.14 -55.17 6.45
CA PRO D 233 -29.40 -55.77 7.75
C PRO D 233 -28.19 -55.75 8.67
N LEU D 234 -28.42 -55.48 9.96
CA LEU D 234 -27.35 -55.39 10.95
C LEU D 234 -26.69 -56.74 11.21
N LEU D 235 -25.36 -56.75 11.29
CA LEU D 235 -24.61 -57.96 11.62
C LEU D 235 -24.60 -58.13 13.14
N ASN D 236 -25.69 -58.70 13.67
CA ASN D 236 -25.87 -58.87 15.11
C ASN D 236 -25.80 -60.32 15.58
N ASN D 237 -26.01 -61.27 14.66
CA ASN D 237 -26.02 -62.70 14.99
C ASN D 237 -24.62 -63.30 14.99
N ALA D 238 -24.52 -64.53 15.47
CA ALA D 238 -23.26 -65.28 15.44
C ALA D 238 -23.04 -65.96 14.09
N ASP D 239 -24.15 -66.33 13.42
CA ASP D 239 -24.08 -67.00 12.11
C ASP D 239 -24.18 -66.03 10.92
N SER D 240 -24.54 -64.77 11.19
CA SER D 240 -24.59 -63.74 10.16
C SER D 240 -23.17 -63.37 9.72
N VAL D 241 -22.28 -63.22 10.69
CA VAL D 241 -20.85 -63.02 10.42
C VAL D 241 -20.25 -64.24 9.72
N GLN D 242 -20.65 -65.44 10.15
CA GLN D 242 -20.21 -66.68 9.52
C GLN D 242 -20.66 -66.75 8.06
N ALA D 243 -21.89 -66.30 7.79
CA ALA D 243 -22.42 -66.26 6.43
C ALA D 243 -21.62 -65.30 5.56
N LYS D 244 -21.30 -64.13 6.10
CA LYS D 244 -20.51 -63.12 5.39
C LYS D 244 -19.03 -63.52 5.33
N VAL D 245 -18.58 -64.34 6.28
CA VAL D 245 -17.23 -64.89 6.25
C VAL D 245 -17.10 -65.91 5.12
N GLU D 246 -18.13 -66.76 4.97
CA GLU D 246 -18.19 -67.74 3.91
C GLU D 246 -18.26 -67.07 2.53
N MET D 247 -19.01 -65.97 2.45
CA MET D 247 -19.10 -65.16 1.24
C MET D 247 -17.72 -64.73 0.75
N LEU D 248 -16.94 -64.12 1.63
CA LEU D 248 -15.60 -63.66 1.30
C LEU D 248 -14.69 -64.81 0.85
N ASP D 249 -14.80 -65.96 1.51
CA ASP D 249 -14.03 -67.15 1.13
C ASP D 249 -14.37 -67.59 -0.30
N ASN D 250 -15.66 -67.62 -0.62
CA ASN D 250 -16.11 -67.99 -1.97
C ASN D 250 -15.76 -66.93 -2.99
N LEU D 251 -16.06 -65.67 -2.67
CA LEU D 251 -15.75 -64.52 -3.53
C LEU D 251 -14.27 -64.51 -3.91
N LEU D 252 -13.41 -64.78 -2.93
CA LEU D 252 -11.97 -64.81 -3.16
C LEU D 252 -11.60 -65.85 -4.22
N ASP D 253 -12.16 -67.06 -4.09
CA ASP D 253 -11.86 -68.16 -5.01
C ASP D 253 -12.34 -67.93 -6.45
N ILE D 254 -13.37 -67.09 -6.61
CA ILE D 254 -13.86 -66.73 -7.95
C ILE D 254 -12.85 -65.80 -8.63
N GLU D 255 -12.34 -64.83 -7.88
CA GLU D 255 -11.32 -63.93 -8.38
C GLU D 255 -10.00 -64.67 -8.65
N VAL D 256 -9.75 -65.73 -7.87
CA VAL D 256 -8.62 -66.62 -8.10
C VAL D 256 -8.86 -67.42 -9.39
N ALA D 257 -10.08 -67.92 -9.57
CA ALA D 257 -10.45 -68.65 -10.79
C ALA D 257 -10.31 -67.79 -12.04
N TYR D 258 -10.62 -66.50 -11.91
CA TYR D 258 -10.37 -65.53 -12.98
C TYR D 258 -8.87 -65.36 -13.23
N SER D 259 -8.10 -65.23 -12.15
CA SER D 259 -6.65 -65.03 -12.25
C SER D 259 -5.96 -66.16 -13.01
N LEU D 260 -6.43 -67.39 -12.81
CA LEU D 260 -5.94 -68.54 -13.58
C LEU D 260 -6.38 -68.43 -15.05
N LEU D 261 -7.69 -68.28 -15.25
CA LEU D 261 -8.28 -68.22 -16.59
C LEU D 261 -7.69 -67.09 -17.45
N ARG D 262 -7.53 -65.91 -16.87
CA ARG D 262 -6.94 -64.78 -17.57
C ARG D 262 -5.41 -64.83 -17.46
N GLY D 263 -4.75 -65.24 -18.53
CA GLY D 263 -3.29 -65.27 -18.58
C GLY D 263 -2.72 -66.37 -19.45
N GLY D 264 -1.44 -66.67 -19.24
CA GLY D 264 -0.73 -67.69 -20.02
C GLY D 264 -0.08 -67.12 -21.26
N SER D 265 0.13 -67.99 -22.26
CA SER D 265 0.73 -67.58 -23.53
C SER D 265 -0.20 -67.97 -24.69
N ASP D 266 -0.94 -66.98 -25.19
CA ASP D 266 -1.91 -67.21 -26.26
C ASP D 266 -1.21 -67.41 -27.61
N ASP D 267 -0.74 -68.63 -27.84
CA ASP D 267 -0.10 -69.00 -29.10
C ASP D 267 -0.90 -70.11 -29.77
N SER D 268 -1.01 -70.04 -31.11
CA SER D 268 -1.77 -71.01 -31.88
C SER D 268 -1.06 -72.36 -31.91
N SER D 269 -1.33 -73.19 -30.90
CA SER D 269 -0.73 -74.53 -30.80
C SER D 269 -1.61 -75.47 -29.97
N LYS D 270 -1.77 -75.15 -28.69
CA LYS D 270 -2.58 -75.96 -27.78
C LYS D 270 -4.07 -75.63 -27.91
N ASP D 271 -4.91 -76.47 -27.33
CA ASP D 271 -6.36 -76.29 -27.38
C ASP D 271 -6.86 -75.53 -26.14
N PRO D 272 -8.05 -74.91 -26.24
CA PRO D 272 -8.58 -74.08 -25.14
C PRO D 272 -8.71 -74.81 -23.80
N ILE D 273 -9.18 -76.05 -23.83
CA ILE D 273 -9.35 -76.86 -22.61
C ILE D 273 -7.99 -77.26 -22.03
N ASP D 274 -7.02 -77.54 -22.91
CA ASP D 274 -5.66 -77.88 -22.50
C ASP D 274 -4.95 -76.70 -21.84
N VAL D 275 -5.24 -75.48 -22.30
CA VAL D 275 -4.66 -74.28 -21.70
C VAL D 275 -5.09 -74.15 -20.24
N ASN D 276 -6.39 -74.38 -19.98
CA ASN D 276 -6.93 -74.33 -18.63
C ASN D 276 -6.52 -75.52 -17.77
N TYR D 277 -6.22 -76.66 -18.40
CA TYR D 277 -5.73 -77.84 -17.68
C TYR D 277 -4.33 -77.61 -17.13
N GLU D 278 -3.45 -77.07 -17.96
CA GLU D 278 -2.07 -76.76 -17.57
C GLU D 278 -2.01 -75.68 -16.49
N LYS D 279 -3.01 -74.79 -16.48
CA LYS D 279 -3.11 -73.74 -15.47
C LYS D 279 -3.46 -74.29 -14.08
N LEU D 280 -4.18 -75.40 -14.03
CA LEU D 280 -4.50 -76.06 -12.76
C LEU D 280 -3.26 -76.58 -12.04
N LYS D 281 -2.20 -76.87 -12.79
CA LYS D 281 -0.92 -77.31 -12.24
C LYS D 281 -1.05 -78.62 -11.48
N THR D 282 -1.76 -79.58 -12.08
CA THR D 282 -2.00 -80.89 -11.47
C THR D 282 -2.08 -81.98 -12.54
N ASP D 283 -1.73 -83.20 -12.15
CA ASP D 283 -1.84 -84.37 -13.03
C ASP D 283 -3.06 -85.20 -12.64
N ILE D 284 -4.15 -85.00 -13.39
CA ILE D 284 -5.41 -85.70 -13.13
C ILE D 284 -5.53 -86.92 -14.05
N LYS D 285 -5.95 -88.05 -13.47
CA LYS D 285 -6.17 -89.29 -14.22
C LYS D 285 -7.54 -89.87 -13.88
N VAL D 286 -8.12 -90.61 -14.83
CA VAL D 286 -9.42 -91.23 -14.64
C VAL D 286 -9.24 -92.68 -14.16
N VAL D 287 -9.66 -92.95 -12.93
CA VAL D 287 -9.67 -94.31 -12.41
C VAL D 287 -10.84 -95.04 -13.05
N ASP D 288 -10.56 -96.18 -13.70
CA ASP D 288 -11.59 -96.94 -14.39
C ASP D 288 -12.52 -97.62 -13.37
N ARG D 289 -13.77 -97.82 -13.76
CA ARG D 289 -14.76 -98.45 -12.89
C ARG D 289 -14.45 -99.93 -12.66
N ASP D 290 -13.77 -100.55 -13.63
CA ASP D 290 -13.35 -101.95 -13.53
C ASP D 290 -12.19 -102.15 -12.55
N SER D 291 -11.50 -101.06 -12.21
CA SER D 291 -10.35 -101.12 -11.29
C SER D 291 -10.75 -101.61 -9.90
N GLU D 292 -9.82 -102.30 -9.25
CA GLU D 292 -10.07 -102.88 -7.92
C GLU D 292 -10.06 -101.80 -6.84
N GLU D 293 -9.22 -100.78 -7.02
CA GLU D 293 -9.18 -99.63 -6.08
C GLU D 293 -10.44 -98.75 -6.20
N ALA D 294 -11.07 -98.76 -7.37
CA ALA D 294 -12.31 -98.02 -7.60
C ALA D 294 -13.47 -98.61 -6.80
N GLU D 295 -13.45 -99.93 -6.62
CA GLU D 295 -14.45 -100.62 -5.81
C GLU D 295 -14.36 -100.23 -4.33
N ILE D 296 -13.16 -99.88 -3.87
CA ILE D 296 -12.93 -99.48 -2.48
C ILE D 296 -13.57 -98.13 -2.20
N ILE D 297 -13.40 -97.19 -3.14
CA ILE D 297 -13.97 -95.85 -3.00
C ILE D 297 -15.49 -95.90 -3.03
N ARG D 298 -16.05 -96.61 -4.01
CA ARG D 298 -17.52 -96.79 -4.09
C ARG D 298 -18.07 -97.47 -2.84
N LYS D 299 -17.28 -98.34 -2.23
CA LYS D 299 -17.62 -98.94 -0.95
C LYS D 299 -17.55 -97.89 0.16
N TYR D 300 -16.48 -97.09 0.13
CA TYR D 300 -16.29 -96.00 1.12
C TYR D 300 -17.40 -94.96 1.03
N VAL D 301 -17.93 -94.74 -0.17
CA VAL D 301 -19.08 -93.84 -0.38
C VAL D 301 -20.36 -94.49 0.14
N LYS D 302 -20.65 -95.70 -0.34
CA LYS D 302 -21.86 -96.42 0.02
C LYS D 302 -21.95 -96.74 1.52
N ASN D 303 -20.82 -97.11 2.11
CA ASN D 303 -20.79 -97.55 3.51
C ASN D 303 -20.94 -96.40 4.50
N THR D 304 -20.16 -95.35 4.29
CA THR D 304 -20.08 -94.25 5.27
C THR D 304 -21.06 -93.11 4.97
N HIS D 305 -22.31 -93.45 4.70
CA HIS D 305 -23.39 -92.46 4.59
C HIS D 305 -24.04 -92.33 5.96
N ALA D 306 -24.34 -91.09 6.35
CA ALA D 306 -24.84 -90.81 7.69
C ALA D 306 -26.32 -91.18 7.82
N THR D 307 -26.68 -91.79 8.93
CA THR D 307 -28.07 -92.16 9.22
C THR D 307 -28.96 -90.92 9.39
N THR D 308 -28.38 -89.85 9.91
CA THR D 308 -29.12 -88.60 10.13
C THR D 308 -29.25 -87.75 8.87
N HIS D 309 -28.26 -87.83 7.99
CA HIS D 309 -28.28 -87.09 6.71
C HIS D 309 -29.02 -87.90 5.64
N ASN D 310 -30.32 -88.11 5.85
CA ASN D 310 -31.15 -88.88 4.92
C ASN D 310 -31.91 -88.01 3.93
N ALA D 311 -31.51 -86.74 3.81
CA ALA D 311 -32.15 -85.80 2.90
C ALA D 311 -31.82 -86.10 1.44
N TYR D 312 -30.66 -86.70 1.19
CA TYR D 312 -30.22 -87.04 -0.16
C TYR D 312 -29.57 -88.42 -0.24
N ASP D 313 -29.32 -88.86 -1.48
CA ASP D 313 -28.70 -90.16 -1.74
C ASP D 313 -27.61 -89.99 -2.79
N LEU D 314 -26.40 -90.45 -2.47
CA LEU D 314 -25.25 -90.27 -3.35
C LEU D 314 -25.25 -91.25 -4.53
N GLU D 315 -24.45 -90.93 -5.54
CA GLU D 315 -24.32 -91.75 -6.73
C GLU D 315 -23.04 -91.34 -7.45
N VAL D 316 -22.00 -92.16 -7.32
CA VAL D 316 -20.67 -91.83 -7.84
C VAL D 316 -20.66 -91.88 -9.37
N ILE D 317 -20.54 -90.71 -10.00
CA ILE D 317 -20.45 -90.63 -11.46
C ILE D 317 -19.04 -90.98 -11.91
N ASP D 318 -18.04 -90.37 -11.28
CA ASP D 318 -16.64 -90.57 -11.67
C ASP D 318 -15.69 -90.65 -10.47
N ILE D 319 -14.53 -91.26 -10.72
CA ILE D 319 -13.41 -91.28 -9.78
C ILE D 319 -12.18 -90.73 -10.49
N PHE D 320 -11.58 -89.68 -9.94
CA PHE D 320 -10.35 -89.10 -10.50
C PHE D 320 -9.21 -89.24 -9.51
N LYS D 321 -8.10 -89.82 -9.95
CA LYS D 321 -6.86 -89.82 -9.17
C LYS D 321 -6.14 -88.50 -9.42
N ILE D 322 -5.89 -87.75 -8.35
CA ILE D 322 -5.34 -86.40 -8.45
C ILE D 322 -3.94 -86.32 -7.85
N GLU D 323 -3.05 -85.60 -8.55
CA GLU D 323 -1.66 -85.45 -8.15
C GLU D 323 -1.22 -84.01 -8.39
N ARG D 324 -1.12 -83.24 -7.30
CA ARG D 324 -0.75 -81.82 -7.38
C ARG D 324 0.74 -81.63 -7.68
N GLU D 325 1.08 -80.44 -8.16
CA GLU D 325 2.47 -80.09 -8.49
C GLU D 325 3.28 -79.88 -7.21
N GLY D 326 4.15 -80.83 -6.92
CA GLY D 326 5.05 -80.74 -5.76
C GLY D 326 4.39 -80.96 -4.41
N GLU D 327 3.21 -81.58 -4.41
CA GLU D 327 2.52 -81.92 -3.16
C GLU D 327 3.14 -83.15 -2.50
N CYS D 328 3.81 -83.98 -3.30
CA CYS D 328 4.56 -85.12 -2.77
C CYS D 328 5.92 -84.69 -2.22
N GLN D 329 6.45 -83.59 -2.77
CA GLN D 329 7.73 -83.03 -2.32
C GLN D 329 7.60 -82.45 -0.91
N ARG D 330 6.47 -81.80 -0.65
CA ARG D 330 6.20 -81.20 0.67
C ARG D 330 5.65 -82.20 1.69
N TYR D 331 5.06 -83.30 1.21
CA TYR D 331 4.46 -84.31 2.08
C TYR D 331 5.44 -85.40 2.51
N LYS D 332 6.58 -85.50 1.81
CA LYS D 332 7.66 -86.43 2.16
C LYS D 332 7.97 -86.47 3.66
N PRO D 333 8.11 -85.29 4.31
CA PRO D 333 8.29 -85.23 5.76
C PRO D 333 7.29 -86.07 6.58
N PHE D 334 6.02 -86.05 6.19
CA PHE D 334 4.96 -86.68 6.98
C PHE D 334 4.63 -88.12 6.57
N LYS D 335 5.36 -88.66 5.61
CA LYS D 335 5.27 -90.10 5.31
C LYS D 335 6.01 -90.91 6.38
N GLN D 336 6.90 -90.24 7.12
CA GLN D 336 7.56 -90.83 8.28
C GLN D 336 6.57 -90.91 9.45
N LEU D 337 5.63 -89.95 9.48
CA LEU D 337 4.65 -89.84 10.56
C LEU D 337 3.66 -91.01 10.55
N HIS D 338 3.34 -91.52 11.72
CA HIS D 338 2.41 -92.65 11.87
C HIS D 338 0.96 -92.19 11.77
N ASN D 339 0.04 -93.15 11.84
CA ASN D 339 -1.40 -92.87 11.84
C ASN D 339 -1.83 -91.96 10.68
N ARG D 340 -1.72 -92.48 9.47
CA ARG D 340 -2.13 -91.75 8.25
C ARG D 340 -3.47 -92.29 7.78
N ARG D 341 -4.43 -91.38 7.54
CA ARG D 341 -5.80 -91.76 7.24
C ARG D 341 -6.30 -91.12 5.94
N LEU D 342 -7.01 -91.91 5.14
CA LEU D 342 -7.62 -91.44 3.90
C LEU D 342 -9.04 -90.94 4.23
N LEU D 343 -9.22 -89.63 4.24
CA LEU D 343 -10.44 -89.00 4.76
C LEU D 343 -11.12 -88.06 3.76
N TRP D 344 -12.43 -87.90 3.93
CA TRP D 344 -13.23 -87.06 3.03
C TRP D 344 -13.06 -85.57 3.34
N HIS D 345 -13.22 -84.74 2.31
CA HIS D 345 -13.28 -83.29 2.47
C HIS D 345 -14.06 -82.68 1.31
N GLY D 346 -15.23 -82.12 1.62
CA GLY D 346 -16.08 -81.50 0.62
C GLY D 346 -15.99 -79.99 0.64
N SER D 347 -16.24 -79.38 -0.53
CA SER D 347 -16.25 -77.93 -0.66
C SER D 347 -17.00 -77.55 -1.93
N ARG D 348 -17.38 -76.28 -2.03
CA ARG D 348 -18.14 -75.80 -3.19
C ARG D 348 -17.42 -76.08 -4.51
N THR D 349 -18.19 -76.38 -5.55
CA THR D 349 -17.65 -76.55 -6.91
C THR D 349 -16.88 -75.32 -7.39
N THR D 350 -17.21 -74.15 -6.85
CA THR D 350 -16.52 -72.91 -7.17
C THR D 350 -15.09 -72.89 -6.63
N ASN D 351 -14.89 -73.50 -5.46
CA ASN D 351 -13.59 -73.52 -4.79
C ASN D 351 -12.56 -74.44 -5.44
N PHE D 352 -13.04 -75.49 -6.10
CA PHE D 352 -12.16 -76.52 -6.69
C PHE D 352 -11.23 -75.99 -7.79
N ALA D 353 -11.56 -74.84 -8.36
CA ALA D 353 -10.65 -74.15 -9.28
C ALA D 353 -9.37 -73.72 -8.55
N GLY D 354 -9.53 -73.23 -7.33
CA GLY D 354 -8.41 -72.79 -6.50
C GLY D 354 -7.77 -73.90 -5.67
N ILE D 355 -8.57 -74.88 -5.26
CA ILE D 355 -8.08 -75.99 -4.44
C ILE D 355 -7.06 -76.85 -5.20
N LEU D 356 -7.28 -77.00 -6.51
CA LEU D 356 -6.33 -77.74 -7.36
C LEU D 356 -5.01 -76.97 -7.55
N SER D 357 -5.12 -75.67 -7.77
CA SER D 357 -3.94 -74.83 -8.08
C SER D 357 -3.07 -74.53 -6.86
N GLN D 358 -3.68 -74.35 -5.70
CA GLN D 358 -2.96 -73.98 -4.48
C GLN D 358 -3.01 -75.04 -3.35
N GLY D 359 -3.71 -76.15 -3.58
CA GLY D 359 -3.92 -77.15 -2.55
C GLY D 359 -4.96 -76.68 -1.53
N LEU D 360 -5.13 -77.44 -0.46
CA LEU D 360 -6.04 -77.05 0.61
C LEU D 360 -5.35 -76.04 1.54
N ARG D 361 -6.01 -74.91 1.76
CA ARG D 361 -5.43 -73.80 2.50
C ARG D 361 -6.21 -73.54 3.79
N ILE D 362 -5.49 -73.04 4.80
CA ILE D 362 -6.11 -72.68 6.07
C ILE D 362 -6.68 -71.28 5.94
N ALA D 363 -7.73 -70.99 6.71
CA ALA D 363 -8.33 -69.65 6.71
C ALA D 363 -7.30 -68.60 7.11
N PRO D 364 -7.39 -67.39 6.52
CA PRO D 364 -6.42 -66.35 6.84
C PRO D 364 -6.52 -65.87 8.30
N PRO D 365 -5.45 -65.22 8.81
CA PRO D 365 -5.42 -64.79 10.21
C PRO D 365 -6.38 -63.63 10.52
N GLU D 366 -6.76 -62.87 9.49
CA GLU D 366 -7.70 -61.77 9.65
C GLU D 366 -9.14 -62.26 9.78
N ALA D 367 -9.44 -63.41 9.18
CA ALA D 367 -10.80 -63.96 9.15
C ALA D 367 -11.31 -64.33 10.55
N PRO D 368 -12.65 -64.38 10.72
CA PRO D 368 -13.21 -64.77 12.01
C PRO D 368 -13.11 -66.27 12.27
N VAL D 369 -13.11 -66.65 13.55
CA VAL D 369 -13.04 -68.05 13.95
C VAL D 369 -14.44 -68.69 14.02
N THR D 370 -15.48 -67.90 13.79
CA THR D 370 -16.86 -68.37 13.85
C THR D 370 -17.14 -69.41 12.78
N GLY D 371 -17.92 -70.43 13.13
CA GLY D 371 -18.24 -71.53 12.22
C GLY D 371 -17.33 -72.73 12.45
N TYR D 372 -16.03 -72.46 12.63
CA TYR D 372 -15.06 -73.52 12.91
C TYR D 372 -15.22 -74.03 14.33
N MET D 373 -15.12 -75.34 14.49
CA MET D 373 -15.30 -75.99 15.79
C MET D 373 -14.05 -75.87 16.65
N PHE D 374 -12.89 -76.14 16.04
CA PHE D 374 -11.61 -76.15 16.75
C PHE D 374 -10.58 -75.21 16.10
N GLY D 375 -11.03 -74.03 15.71
CA GLY D 375 -10.15 -73.02 15.13
C GLY D 375 -9.85 -73.22 13.66
N LYS D 376 -9.04 -72.34 13.10
CA LYS D 376 -8.74 -72.33 11.66
C LYS D 376 -7.77 -73.45 11.30
N GLY D 377 -8.13 -74.22 10.27
CA GLY D 377 -7.32 -75.35 9.81
C GLY D 377 -8.07 -76.14 8.76
N ILE D 378 -7.44 -77.17 8.22
CA ILE D 378 -8.10 -78.02 7.22
C ILE D 378 -8.91 -79.09 7.95
N TYR D 379 -10.22 -79.11 7.72
CA TYR D 379 -11.11 -80.07 8.36
C TYR D 379 -11.38 -81.26 7.44
N PHE D 380 -11.50 -82.44 8.05
CA PHE D 380 -11.77 -83.69 7.33
C PHE D 380 -12.80 -84.52 8.08
N ALA D 381 -13.46 -85.42 7.34
CA ALA D 381 -14.43 -86.35 7.92
C ALA D 381 -14.19 -87.77 7.42
N ASP D 382 -14.52 -88.74 8.27
CA ASP D 382 -14.45 -90.15 7.88
C ASP D 382 -15.69 -90.61 7.12
N MET D 383 -16.75 -89.79 7.14
CA MET D 383 -17.99 -90.11 6.44
C MET D 383 -18.15 -89.22 5.21
N VAL D 384 -18.54 -89.84 4.09
CA VAL D 384 -18.70 -89.12 2.83
C VAL D 384 -19.84 -88.10 2.88
N SER D 385 -20.90 -88.45 3.63
CA SER D 385 -22.09 -87.62 3.70
C SER D 385 -21.83 -86.28 4.40
N LYS D 386 -21.20 -86.35 5.58
CA LYS D 386 -20.87 -85.15 6.36
C LYS D 386 -20.06 -84.15 5.52
N SER D 387 -19.08 -84.67 4.78
CA SER D 387 -18.28 -83.85 3.88
C SER D 387 -19.08 -83.41 2.65
N ALA D 388 -19.95 -84.29 2.16
CA ALA D 388 -20.75 -84.00 0.96
C ALA D 388 -21.71 -82.81 1.11
N ASN D 389 -22.07 -82.46 2.35
CA ASN D 389 -22.91 -81.29 2.61
C ASN D 389 -22.24 -79.97 2.23
N TYR D 390 -20.90 -79.96 2.24
CA TYR D 390 -20.14 -78.75 1.91
C TYR D 390 -20.00 -78.50 0.40
N CYS D 391 -20.45 -79.47 -0.41
CA CYS D 391 -20.53 -79.30 -1.85
C CYS D 391 -21.60 -78.26 -2.22
N HIS D 392 -22.61 -78.12 -1.36
CA HIS D 392 -23.74 -77.20 -1.58
C HIS D 392 -24.44 -77.48 -2.91
N THR D 393 -25.12 -78.62 -2.97
CA THR D 393 -25.91 -79.01 -4.13
C THR D 393 -27.41 -78.89 -3.84
N SER D 394 -28.19 -78.79 -4.90
CA SER D 394 -29.65 -78.66 -4.79
C SER D 394 -30.32 -79.56 -5.83
N GLN D 395 -31.65 -79.48 -5.91
CA GLN D 395 -32.42 -80.26 -6.89
C GLN D 395 -32.22 -79.72 -8.31
N GLY D 396 -31.89 -78.43 -8.42
CA GLY D 396 -31.60 -77.81 -9.71
C GLY D 396 -30.16 -78.01 -10.15
N ASP D 397 -29.23 -78.02 -9.19
CA ASP D 397 -27.81 -78.25 -9.45
C ASP D 397 -27.39 -79.57 -8.77
N PRO D 398 -27.50 -80.70 -9.49
CA PRO D 398 -27.30 -82.01 -8.87
C PRO D 398 -25.84 -82.40 -8.65
N ILE D 399 -24.99 -82.18 -9.64
CA ILE D 399 -23.58 -82.62 -9.55
C ILE D 399 -22.77 -81.84 -8.51
N GLY D 400 -21.79 -82.52 -7.91
CA GLY D 400 -20.94 -81.93 -6.88
C GLY D 400 -19.63 -82.67 -6.72
N LEU D 401 -18.60 -81.97 -6.24
CA LEU D 401 -17.26 -82.53 -6.10
C LEU D 401 -16.86 -82.68 -4.64
N ILE D 402 -16.25 -83.82 -4.32
CA ILE D 402 -15.75 -84.11 -2.97
C ILE D 402 -14.35 -84.71 -3.07
N LEU D 403 -13.50 -84.45 -2.08
CA LEU D 403 -12.10 -84.88 -2.12
C LEU D 403 -11.81 -86.06 -1.18
N LEU D 404 -10.69 -86.72 -1.44
CA LEU D 404 -10.15 -87.76 -0.56
C LEU D 404 -8.65 -87.55 -0.46
N GLY D 405 -8.18 -87.15 0.73
CA GLY D 405 -6.78 -86.82 0.93
C GLY D 405 -6.10 -87.66 1.99
N GLU D 406 -4.88 -88.12 1.68
CA GLU D 406 -4.04 -88.81 2.65
C GLU D 406 -3.51 -87.78 3.65
N VAL D 407 -4.29 -87.57 4.72
CA VAL D 407 -3.94 -86.56 5.73
C VAL D 407 -3.21 -87.22 6.90
N ALA D 408 -1.96 -86.81 7.10
CA ALA D 408 -1.13 -87.35 8.17
C ALA D 408 -1.56 -86.80 9.52
N LEU D 409 -2.38 -87.56 10.23
CA LEU D 409 -2.89 -87.15 11.53
C LEU D 409 -1.83 -87.26 12.61
N GLY D 410 -1.21 -88.44 12.69
CA GLY D 410 -0.14 -88.69 13.66
C GLY D 410 -0.67 -88.83 15.07
N ASN D 411 0.10 -88.33 16.04
CA ASN D 411 -0.32 -88.31 17.43
C ASN D 411 -1.46 -87.30 17.60
N MET D 412 -2.65 -87.80 17.90
CA MET D 412 -3.88 -87.00 17.84
C MET D 412 -4.24 -86.38 19.19
N TYR D 413 -4.77 -85.16 19.14
CA TYR D 413 -5.32 -84.50 20.33
C TYR D 413 -6.84 -84.62 20.30
N GLU D 414 -7.37 -85.49 21.15
CA GLU D 414 -8.80 -85.84 21.12
C GLU D 414 -9.63 -84.88 21.97
N LEU D 415 -10.67 -84.32 21.36
CA LEU D 415 -11.57 -83.38 22.03
C LEU D 415 -13.03 -83.82 21.89
N LYS D 416 -13.82 -83.55 22.93
CA LYS D 416 -15.23 -83.90 22.96
C LYS D 416 -16.09 -82.68 22.61
N HIS D 417 -15.93 -81.61 23.38
CA HIS D 417 -16.69 -80.38 23.17
C HIS D 417 -15.91 -79.39 22.31
N ALA D 418 -16.63 -78.42 21.76
CA ALA D 418 -16.03 -77.39 20.91
C ALA D 418 -15.10 -76.48 21.71
N SER D 419 -13.91 -76.23 21.17
CA SER D 419 -12.90 -75.43 21.85
C SER D 419 -11.95 -74.77 20.85
N HIS D 420 -12.00 -73.45 20.76
CA HIS D 420 -11.16 -72.70 19.82
C HIS D 420 -9.72 -72.68 20.29
N ILE D 421 -8.87 -73.49 19.66
CA ILE D 421 -7.46 -73.61 20.06
C ILE D 421 -6.57 -72.71 19.20
N SER D 422 -5.50 -72.20 19.81
CA SER D 422 -4.51 -71.37 19.11
C SER D 422 -3.25 -72.19 18.86
N LYS D 423 -2.70 -72.75 19.92
CA LYS D 423 -1.50 -73.58 19.85
C LYS D 423 -1.83 -75.00 20.30
N LEU D 424 -1.23 -75.98 19.62
CA LEU D 424 -1.48 -77.39 19.93
C LEU D 424 -0.70 -77.80 21.18
N PRO D 425 -1.19 -78.81 21.92
CA PRO D 425 -0.38 -79.37 23.01
C PRO D 425 0.89 -80.04 22.47
N LYS D 426 1.90 -80.18 23.33
CA LYS D 426 3.20 -80.72 22.93
C LYS D 426 3.06 -82.15 22.38
N GLY D 427 3.78 -82.42 21.28
CA GLY D 427 3.81 -83.74 20.68
C GLY D 427 2.59 -84.09 19.82
N LYS D 428 1.62 -83.18 19.74
CA LYS D 428 0.39 -83.41 18.98
C LYS D 428 0.49 -82.75 17.61
N HIS D 429 0.26 -83.54 16.56
CA HIS D 429 0.34 -83.05 15.18
C HIS D 429 -1.03 -82.82 14.56
N SER D 430 -2.10 -83.13 15.29
CA SER D 430 -3.46 -82.97 14.80
C SER D 430 -4.48 -82.98 15.93
N VAL D 431 -5.73 -82.68 15.60
CA VAL D 431 -6.84 -82.69 16.57
C VAL D 431 -7.97 -83.57 16.03
N LYS D 432 -8.67 -84.23 16.95
CA LYS D 432 -9.81 -85.08 16.58
C LYS D 432 -11.05 -84.69 17.37
N GLY D 433 -12.15 -84.45 16.66
CA GLY D 433 -13.45 -84.24 17.28
C GLY D 433 -14.15 -85.57 17.42
N LEU D 434 -14.29 -86.05 18.66
CA LEU D 434 -14.88 -87.37 18.92
C LEU D 434 -16.40 -87.32 18.77
N GLY D 435 -16.94 -88.17 17.91
CA GLY D 435 -18.38 -88.21 17.66
C GLY D 435 -19.06 -89.43 18.25
N LYS D 436 -20.39 -89.46 18.20
CA LYS D 436 -21.18 -90.60 18.67
C LYS D 436 -20.96 -91.80 17.76
N THR D 437 -21.21 -91.61 16.47
CA THR D 437 -21.04 -92.67 15.48
C THR D 437 -19.63 -92.65 14.90
N THR D 438 -19.06 -93.83 14.71
CA THR D 438 -17.74 -93.97 14.11
C THR D 438 -17.74 -95.19 13.18
N PRO D 439 -17.01 -95.11 12.03
CA PRO D 439 -16.91 -96.28 11.17
C PRO D 439 -16.17 -97.42 11.86
N ASP D 440 -16.67 -98.64 11.69
CA ASP D 440 -16.17 -99.80 12.42
C ASP D 440 -14.63 -99.92 12.36
N PRO D 441 -13.95 -99.76 13.52
CA PRO D 441 -12.49 -99.83 13.55
C PRO D 441 -11.93 -101.26 13.32
N SER D 442 -12.77 -102.27 13.49
CA SER D 442 -12.39 -103.65 13.21
C SER D 442 -12.61 -104.04 11.73
N ALA D 443 -13.00 -103.06 10.91
CA ALA D 443 -13.15 -103.26 9.46
C ALA D 443 -12.44 -102.15 8.69
N ASN D 444 -11.29 -101.71 9.20
CA ASN D 444 -10.52 -100.63 8.57
C ASN D 444 -9.56 -101.19 7.51
N ILE D 445 -9.95 -101.07 6.25
CA ILE D 445 -9.15 -101.56 5.13
C ILE D 445 -7.99 -100.60 4.84
N SER D 446 -6.85 -101.15 4.42
CA SER D 446 -5.67 -100.37 4.06
C SER D 446 -5.64 -100.05 2.57
N LEU D 447 -4.84 -99.06 2.19
CA LEU D 447 -4.75 -98.61 0.80
C LEU D 447 -3.44 -97.86 0.56
N ASP D 448 -2.48 -98.52 -0.10
CA ASP D 448 -1.16 -97.95 -0.38
C ASP D 448 -0.45 -97.43 0.88
N GLY D 449 -0.61 -98.16 1.97
CA GLY D 449 -0.06 -97.74 3.26
C GLY D 449 -0.83 -96.60 3.90
N VAL D 450 -2.14 -96.56 3.67
CA VAL D 450 -3.02 -95.55 4.24
C VAL D 450 -4.29 -96.24 4.77
N ASP D 451 -4.65 -95.93 6.02
CA ASP D 451 -5.79 -96.57 6.67
C ASP D 451 -7.10 -95.95 6.21
N VAL D 452 -7.93 -96.74 5.52
CA VAL D 452 -9.23 -96.30 5.03
C VAL D 452 -10.34 -96.84 5.92
N PRO D 453 -10.97 -95.98 6.73
CA PRO D 453 -12.02 -96.43 7.63
C PRO D 453 -13.39 -96.47 6.94
N LEU D 454 -13.60 -97.48 6.10
CA LEU D 454 -14.84 -97.60 5.32
C LEU D 454 -15.88 -98.55 5.94
N GLY D 455 -15.77 -98.78 7.24
CA GLY D 455 -16.76 -99.59 7.97
C GLY D 455 -18.02 -98.78 8.22
N THR D 456 -19.13 -99.48 8.47
CA THR D 456 -20.41 -98.83 8.78
C THR D 456 -20.43 -98.33 10.22
N GLY D 457 -21.40 -97.47 10.52
CA GLY D 457 -21.45 -96.76 11.81
C GLY D 457 -21.81 -97.62 13.00
N ILE D 458 -20.99 -97.53 14.05
CA ILE D 458 -21.30 -98.12 15.36
C ILE D 458 -21.02 -97.09 16.46
N SER D 459 -21.43 -97.41 17.68
CA SER D 459 -21.27 -96.50 18.82
C SER D 459 -19.80 -96.32 19.20
N SER D 460 -19.45 -95.11 19.62
CA SER D 460 -18.07 -94.77 19.99
C SER D 460 -17.77 -95.19 21.43
N GLY D 461 -16.51 -95.02 21.84
CA GLY D 461 -16.08 -95.38 23.19
C GLY D 461 -16.63 -94.48 24.29
N VAL D 462 -16.82 -93.20 23.97
CA VAL D 462 -17.31 -92.22 24.94
C VAL D 462 -18.48 -91.43 24.34
N ASN D 463 -19.49 -91.17 25.18
CA ASN D 463 -20.73 -90.50 24.73
C ASN D 463 -21.01 -89.18 25.45
N ASP D 464 -19.97 -88.57 26.03
CA ASP D 464 -20.10 -87.28 26.70
C ASP D 464 -19.59 -86.15 25.79
N THR D 465 -19.95 -86.23 24.51
CA THR D 465 -19.48 -85.28 23.50
C THR D 465 -20.64 -84.49 22.90
N SER D 466 -20.31 -83.35 22.29
CA SER D 466 -21.29 -82.52 21.59
C SER D 466 -21.14 -82.63 20.07
N LEU D 467 -20.60 -83.77 19.62
CA LEU D 467 -20.46 -84.08 18.20
C LEU D 467 -21.15 -85.40 17.89
N LEU D 468 -21.84 -85.46 16.76
CA LEU D 468 -22.50 -86.69 16.31
C LEU D 468 -21.56 -87.56 15.47
N TYR D 469 -20.68 -86.92 14.72
CA TYR D 469 -19.72 -87.63 13.86
C TYR D 469 -18.33 -87.03 13.98
N ASN D 470 -17.32 -87.77 13.53
CA ASN D 470 -15.92 -87.40 13.73
C ASN D 470 -15.46 -86.24 12.85
N GLU D 471 -14.52 -85.45 13.38
CA GLU D 471 -13.85 -84.39 12.63
C GLU D 471 -12.34 -84.56 12.78
N TYR D 472 -11.61 -84.42 11.67
CA TYR D 472 -10.15 -84.54 11.69
C TYR D 472 -9.54 -83.22 11.21
N ILE D 473 -8.72 -82.61 12.07
CA ILE D 473 -8.23 -81.25 11.84
C ILE D 473 -6.70 -81.23 11.81
N VAL D 474 -6.15 -80.62 10.77
CA VAL D 474 -4.72 -80.40 10.65
C VAL D 474 -4.45 -78.90 10.55
N TYR D 475 -3.42 -78.43 11.25
CA TYR D 475 -3.09 -77.01 11.32
C TYR D 475 -1.79 -76.73 10.57
N ASP D 476 -1.67 -77.33 9.39
CA ASP D 476 -0.53 -77.17 8.53
C ASP D 476 -0.88 -77.74 7.15
N ILE D 477 -0.75 -76.90 6.12
CA ILE D 477 -1.12 -77.29 4.75
C ILE D 477 -0.24 -78.42 4.19
N ALA D 478 0.91 -78.66 4.82
CA ALA D 478 1.82 -79.71 4.38
C ALA D 478 1.36 -81.12 4.80
N GLN D 479 0.58 -81.22 5.87
CA GLN D 479 0.11 -82.52 6.37
C GLN D 479 -0.89 -83.22 5.46
N VAL D 480 -1.57 -82.44 4.60
CA VAL D 480 -2.52 -83.02 3.64
C VAL D 480 -1.84 -83.38 2.33
N ASN D 481 -2.32 -84.47 1.73
CA ASN D 481 -1.89 -84.89 0.39
C ASN D 481 -3.09 -85.48 -0.36
N LEU D 482 -3.65 -84.69 -1.28
CA LEU D 482 -4.86 -85.08 -1.99
C LEU D 482 -4.63 -86.27 -2.91
N LYS D 483 -5.46 -87.31 -2.75
CA LYS D 483 -5.32 -88.56 -3.50
C LYS D 483 -6.37 -88.68 -4.60
N TYR D 484 -7.64 -88.61 -4.21
CA TYR D 484 -8.75 -88.81 -5.15
C TYR D 484 -9.75 -87.65 -5.16
N LEU D 485 -10.23 -87.30 -6.35
CA LEU D 485 -11.31 -86.33 -6.52
C LEU D 485 -12.51 -87.09 -7.10
N LEU D 486 -13.66 -86.99 -6.43
CA LEU D 486 -14.87 -87.67 -6.87
C LEU D 486 -15.90 -86.69 -7.45
N LYS D 487 -16.79 -87.21 -8.29
CA LYS D 487 -17.90 -86.44 -8.84
C LYS D 487 -19.21 -87.17 -8.51
N LEU D 488 -20.07 -86.52 -7.73
CA LEU D 488 -21.22 -87.17 -7.12
C LEU D 488 -22.54 -86.53 -7.54
N LYS D 489 -23.49 -87.36 -7.97
CA LYS D 489 -24.86 -86.92 -8.21
C LYS D 489 -25.68 -87.13 -6.93
N PHE D 490 -26.48 -86.13 -6.57
CA PHE D 490 -27.33 -86.19 -5.39
C PHE D 490 -28.77 -86.46 -5.79
N ASN D 491 -29.40 -87.42 -5.11
CA ASN D 491 -30.80 -87.76 -5.35
C ASN D 491 -31.67 -87.43 -4.13
N PHE D 492 -32.47 -86.39 -4.26
CA PHE D 492 -33.33 -85.90 -3.17
C PHE D 492 -34.73 -86.49 -3.34
N LYS D 493 -35.64 -86.10 -2.44
CA LYS D 493 -37.05 -86.47 -2.56
C LYS D 493 -37.94 -85.25 -2.37
N THR D 494 -38.37 -84.67 -3.49
CA THR D 494 -39.27 -83.51 -3.48
C THR D 494 -40.26 -83.59 -4.63
ZN ZN G . -9.03 43.47 -28.90
ZN ZN H . 29.18 36.39 -18.44
O 2UR I . 35.51 76.73 6.91
C8 2UR I . 35.74 75.59 6.51
N 2UR I . 34.99 74.55 6.86
C7 2UR I . 36.90 75.34 5.60
C6 2UR I . 37.89 76.33 5.41
C5 2UR I . 38.93 76.04 4.56
F 2UR I . 39.90 76.96 4.39
C4 2UR I . 39.07 74.84 3.90
C9 2UR I . 37.04 74.13 4.92
C3 2UR I . 38.10 73.86 4.08
C2 2UR I . 37.99 72.47 3.51
O1 2UR I . 36.15 73.08 5.00
C1 2UR I . 36.64 72.01 4.16
C 2UR I . 36.78 70.80 5.04
ZN ZN J . -51.89 -26.92 -5.52
ZN ZN K . -23.83 -37.94 21.20
#